data_5XMT
#
_entry.id   5XMT
#
_cell.length_a   101.578
_cell.length_b   58.613
_cell.length_c   236.371
_cell.angle_alpha   90.000
_cell.angle_beta   89.970
_cell.angle_gamma   90.000
#
_symmetry.space_group_name_H-M   'C 1 2 1'
#
loop_
_entity.id
_entity.type
_entity.pdbx_description
1 polymer 'Serine hydroxymethyltransferase'
2 non-polymer N-GLYCINE-[3-HYDROXY-2-METHYL-5-PHOSPHONOOXYMETHYL-PYRIDIN-4-YL-METHANE]
3 non-polymer (4~{S})-6-azanyl-4-[3-(2-cyanophenyl)-5-(trifluoromethyl)phenyl]-3-methyl-4-propan-2-yl-2~{H}-pyrano[2,3-c]pyrazole-5-carbonitrile
4 non-polymer 'CHLORIDE ION'
5 water water
#
_entity_poly.entity_id   1
_entity_poly.type   'polypeptide(L)'
_entity_poly.pdbx_seq_one_letter_code
;MFNNEPLEQIDKELHDILADEEKRQRETINLIASENLTNGAVRECLGNRVSNKYSEGYPKKRYYGGNDFIDKIEELCQKR
ALEAFNVSDEEWGVNVQPLSGSAANVQALYALVGVKGKIMGMHLCSGGHLTHGFFDEKKKVSITSDMFESKLYKCNSQGY
VDLDAVREMALSFKPKVIICGYTSYPRDIDYQQFRQICDEVNAYLFADISHISSFVACNILNNPFLHADVVTTTTHKILR
GPRSALIFFNKKRNPGIEQKINSAVFPSFQGGPHNNKIAAVACQLKEVHSPAFKEYTQQVLLNSKALAKALISKQIDLVT
NGTDNHLIVVDLRKFSITGSKLQETCNAINVSLNKNTIPSDVDCVSPSGVRIGTPAMTTRGAKEKDMEFIADVLARAIKI
TVDLQEQYGKKLVDFKKGLPGNAQLQQLKQEVVTWAGALPFP
;
_entity_poly.pdbx_strand_id   A,B,C
#
# COMPACT_ATOMS: atom_id res chain seq x y z
N MET A 1 -14.95 4.58 16.06
CA MET A 1 -15.86 3.50 16.56
C MET A 1 -15.11 2.45 17.41
N PHE A 2 -14.40 2.94 18.42
CA PHE A 2 -13.54 2.14 19.31
C PHE A 2 -13.79 2.51 20.78
N ASN A 3 -13.37 1.61 21.69
CA ASN A 3 -13.39 1.88 23.16
C ASN A 3 -12.06 2.42 23.72
N ASN A 4 -12.08 3.67 24.19
CA ASN A 4 -10.89 4.32 24.71
C ASN A 4 -10.69 4.19 26.24
N GLU A 5 -11.55 3.46 26.93
CA GLU A 5 -11.43 3.31 28.39
C GLU A 5 -10.08 2.62 28.77
N PRO A 6 -9.43 3.09 29.85
CA PRO A 6 -8.22 2.40 30.33
C PRO A 6 -8.46 0.94 30.70
N LEU A 7 -7.36 0.19 30.75
CA LEU A 7 -7.35 -1.25 31.04
C LEU A 7 -8.14 -1.65 32.30
N GLU A 8 -8.02 -0.86 33.37
CA GLU A 8 -8.73 -1.16 34.61
C GLU A 8 -10.25 -1.15 34.46
N GLN A 9 -10.77 -0.14 33.76
CA GLN A 9 -12.22 -0.07 33.52
C GLN A 9 -12.66 -1.12 32.50
N ILE A 10 -12.00 -1.11 31.34
CA ILE A 10 -12.32 -2.01 30.21
C ILE A 10 -12.13 -3.50 30.49
N ASP A 11 -11.11 -3.87 31.26
CA ASP A 11 -10.86 -5.28 31.57
C ASP A 11 -10.30 -5.39 32.98
N LYS A 12 -11.19 -5.29 33.96
CA LYS A 12 -10.83 -5.38 35.38
C LYS A 12 -10.29 -6.76 35.72
N GLU A 13 -10.84 -7.80 35.10
CA GLU A 13 -10.41 -9.17 35.35
C GLU A 13 -8.91 -9.35 35.05
N LEU A 14 -8.48 -8.83 33.90
CA LEU A 14 -7.09 -8.94 33.48
C LEU A 14 -6.18 -8.00 34.28
N HIS A 15 -6.65 -6.77 34.52
CA HIS A 15 -5.88 -5.75 35.24
C HIS A 15 -5.56 -6.15 36.66
N ASP A 16 -6.41 -6.98 37.24
CA ASP A 16 -6.15 -7.53 38.58
C ASP A 16 -5.04 -8.57 38.59
N ILE A 17 -5.05 -9.45 37.60
CA ILE A 17 -4.00 -10.50 37.50
C ILE A 17 -2.66 -9.86 37.19
N LEU A 18 -2.65 -8.89 36.29
CA LEU A 18 -1.43 -8.17 35.95
C LEU A 18 -0.85 -7.42 37.15
N ALA A 19 -1.71 -6.92 38.03
CA ALA A 19 -1.27 -6.22 39.25
C ALA A 19 -0.68 -7.20 40.26
N ASP A 20 -1.26 -8.40 40.34
CA ASP A 20 -0.67 -9.47 41.14
C ASP A 20 0.70 -9.90 40.61
N GLU A 21 0.82 -10.01 39.28
CA GLU A 21 2.08 -10.29 38.61
C GLU A 21 3.11 -9.26 38.97
N GLU A 22 2.73 -7.98 38.94
CA GLU A 22 3.62 -6.89 39.31
C GLU A 22 4.09 -7.02 40.78
N LYS A 23 3.17 -7.41 41.67
CA LYS A 23 3.48 -7.58 43.09
C LYS A 23 4.47 -8.76 43.30
N ARG A 24 4.20 -9.88 42.65
CA ARG A 24 5.08 -11.05 42.72
C ARG A 24 6.51 -10.74 42.28
N GLN A 25 6.66 -9.96 41.21
CA GLN A 25 7.98 -9.57 40.71
C GLN A 25 8.74 -8.72 41.70
N ARG A 26 8.03 -7.74 42.24
CA ARG A 26 8.57 -6.83 43.23
C ARG A 26 8.96 -7.57 44.53
N GLU A 27 8.25 -8.66 44.83
CA GLU A 27 8.44 -9.42 46.07
C GLU A 27 9.29 -10.69 45.92
N THR A 28 10.02 -10.81 44.81
CA THR A 28 10.74 -12.04 44.52
C THR A 28 12.22 -11.76 44.43
N ILE A 29 13.01 -12.67 45.01
CA ILE A 29 14.43 -12.79 44.69
C ILE A 29 14.55 -13.63 43.41
N ASN A 30 14.68 -12.93 42.29
CA ASN A 30 14.72 -13.54 40.98
C ASN A 30 16.14 -13.87 40.56
N LEU A 31 16.50 -15.15 40.69
CA LEU A 31 17.80 -15.65 40.23
C LEU A 31 17.71 -16.36 38.88
N ILE A 32 16.70 -16.07 38.07
CA ILE A 32 16.62 -16.69 36.75
C ILE A 32 17.67 -16.01 35.90
N ALA A 33 18.64 -16.77 35.42
CA ALA A 33 19.81 -16.21 34.74
C ALA A 33 19.45 -15.50 33.45
N SER A 34 18.35 -15.92 32.84
CA SER A 34 17.85 -15.33 31.62
C SER A 34 16.84 -14.18 31.77
N GLU A 35 16.49 -13.79 33.00
CA GLU A 35 15.48 -12.74 33.21
C GLU A 35 16.11 -11.43 33.61
N ASN A 36 15.35 -10.37 33.39
CA ASN A 36 15.74 -9.02 33.79
C ASN A 36 14.48 -8.17 33.92
N LEU A 37 14.66 -6.88 34.19
CA LEU A 37 13.54 -5.95 34.28
C LEU A 37 13.80 -4.72 33.43
N THR A 38 12.88 -4.49 32.50
CA THR A 38 12.96 -3.40 31.56
C THR A 38 12.62 -2.10 32.25
N ASN A 39 13.17 -1.00 31.74
CA ASN A 39 12.80 0.35 32.25
C ASN A 39 11.53 0.82 31.58
N GLY A 40 11.00 1.92 32.08
CA GLY A 40 9.73 2.45 31.62
C GLY A 40 9.78 2.87 30.17
N ALA A 41 10.90 3.46 29.76
CA ALA A 41 11.10 3.89 28.38
C ALA A 41 11.02 2.74 27.38
N VAL A 42 11.60 1.61 27.72
CA VAL A 42 11.54 0.42 26.85
C VAL A 42 10.09 -0.07 26.72
N ARG A 43 9.37 -0.04 27.81
CA ARG A 43 7.94 -0.36 27.80
C ARG A 43 7.03 0.72 27.12
N GLU A 44 7.42 1.99 27.13
CA GLU A 44 6.73 3.03 26.34
C GLU A 44 6.78 2.73 24.84
N CYS A 45 7.91 2.22 24.36
CA CYS A 45 8.06 1.84 22.95
C CYS A 45 7.22 0.63 22.62
N LEU A 46 7.30 -0.41 23.43
CA LEU A 46 6.49 -1.60 23.23
C LEU A 46 4.98 -1.31 23.18
N GLY A 47 4.48 -0.35 23.97
CA GLY A 47 3.08 0.07 23.86
C GLY A 47 2.82 1.20 22.87
N ASN A 48 3.79 1.50 22.00
CA ASN A 48 3.66 2.60 21.05
C ASN A 48 2.78 2.20 19.86
N ARG A 49 2.15 3.20 19.24
CA ARG A 49 1.34 2.98 18.01
C ARG A 49 2.16 2.63 16.78
N VAL A 50 3.47 2.66 16.88
CA VAL A 50 4.31 2.22 15.77
C VAL A 50 4.01 0.76 15.29
N SER A 51 3.54 -0.10 16.20
CA SER A 51 3.10 -1.48 15.86
C SER A 51 1.85 -1.58 14.96
N ASN A 52 1.06 -0.51 14.89
CA ASN A 52 -0.01 -0.40 13.88
C ASN A 52 0.42 -0.57 12.44
N LYS A 53 1.71 -0.43 12.16
CA LYS A 53 2.19 -0.32 10.81
C LYS A 53 2.74 -1.63 10.23
N TYR A 54 2.31 -1.93 9.00
CA TYR A 54 2.83 -3.04 8.21
C TYR A 54 4.00 -2.57 7.36
N SER A 55 5.17 -3.16 7.56
CA SER A 55 6.35 -2.75 6.81
C SER A 55 7.26 -3.90 6.46
N GLU A 56 6.65 -4.88 5.78
CA GLU A 56 7.37 -6.00 5.23
C GLU A 56 8.47 -5.52 4.30
N GLY A 57 9.62 -6.14 4.41
CA GLY A 57 10.79 -5.78 3.62
C GLY A 57 11.80 -5.13 4.52
N TYR A 58 12.67 -4.32 3.92
CA TYR A 58 13.74 -3.66 4.67
C TYR A 58 13.71 -2.16 4.38
N PRO A 59 14.49 -1.35 5.13
CA PRO A 59 14.48 0.10 4.89
C PRO A 59 14.80 0.46 3.43
N LYS A 60 13.99 1.36 2.86
CA LYS A 60 14.07 1.77 1.45
C LYS A 60 13.68 0.68 0.41
N LYS A 61 13.32 -0.51 0.87
CA LYS A 61 12.97 -1.63 -0.01
C LYS A 61 11.76 -2.30 0.60
N ARG A 62 10.73 -1.48 0.75
CA ARG A 62 9.53 -1.84 1.44
C ARG A 62 8.49 -2.11 0.37
N TYR A 63 7.63 -3.09 0.63
CA TYR A 63 6.47 -3.35 -0.22
C TYR A 63 5.47 -2.21 -0.16
N TYR A 64 5.26 -1.59 1.01
CA TYR A 64 4.30 -0.49 1.15
C TYR A 64 5.03 0.84 1.36
N GLY A 65 4.33 1.92 1.04
CA GLY A 65 4.78 3.27 1.38
C GLY A 65 4.27 3.68 2.74
N GLY A 66 4.41 4.96 3.05
CA GLY A 66 4.17 5.46 4.38
C GLY A 66 5.14 4.92 5.43
N ASN A 67 6.31 4.44 5.00
CA ASN A 67 7.30 3.79 5.87
C ASN A 67 8.58 4.65 6.12
N ASP A 68 8.42 5.96 6.13
CA ASP A 68 9.59 6.87 6.19
C ASP A 68 10.15 6.92 7.58
N PHE A 69 9.24 7.10 8.54
CA PHE A 69 9.58 7.12 9.95
C PHE A 69 9.93 5.74 10.49
N ILE A 70 9.26 4.71 9.98
CA ILE A 70 9.60 3.31 10.29
C ILE A 70 11.00 2.97 9.81
N ASP A 71 11.38 3.45 8.62
CA ASP A 71 12.73 3.21 8.08
C ASP A 71 13.80 3.88 8.93
N LYS A 72 13.51 5.09 9.38
CA LYS A 72 14.41 5.82 10.24
C LYS A 72 14.69 5.05 11.51
N ILE A 73 13.64 4.44 12.06
CA ILE A 73 13.76 3.67 13.28
C ILE A 73 14.51 2.35 13.05
N GLU A 74 14.25 1.65 11.94
CA GLU A 74 14.92 0.36 11.75
C GLU A 74 16.37 0.57 11.47
N GLU A 75 16.72 1.61 10.72
CA GLU A 75 18.13 2.01 10.44
C GLU A 75 18.85 2.49 11.70
N LEU A 76 18.17 3.26 12.53
CA LEU A 76 18.74 3.71 13.82
C LEU A 76 19.03 2.53 14.77
N CYS A 77 18.18 1.51 14.73
CA CYS A 77 18.34 0.35 15.59
C CYS A 77 19.55 -0.44 15.14
N GLN A 78 19.76 -0.56 13.83
CA GLN A 78 20.86 -1.35 13.28
C GLN A 78 22.19 -0.65 13.53
N LYS A 79 22.16 0.69 13.45
CA LYS A 79 23.32 1.54 13.68
C LYS A 79 23.76 1.41 15.14
N ARG A 80 22.79 1.59 16.03
CA ARG A 80 23.04 1.48 17.47
C ARG A 80 23.46 0.07 17.86
N ALA A 81 22.98 -0.93 17.15
CA ALA A 81 23.36 -2.31 17.40
C ALA A 81 24.80 -2.55 17.07
N LEU A 82 25.21 -2.05 15.92
CA LEU A 82 26.56 -2.23 15.45
C LEU A 82 27.58 -1.47 16.32
N GLU A 83 27.21 -0.27 16.78
CA GLU A 83 28.07 0.51 17.65
C GLU A 83 28.24 -0.17 19.01
N ALA A 84 27.11 -0.59 19.58
CA ALA A 84 27.08 -1.29 20.86
C ALA A 84 28.00 -2.51 20.91
N PHE A 85 28.03 -3.27 19.82
CA PHE A 85 28.89 -4.47 19.73
C PHE A 85 30.22 -4.22 19.02
N ASN A 86 30.64 -2.95 18.98
CA ASN A 86 31.99 -2.54 18.56
C ASN A 86 32.39 -3.16 17.22
N VAL A 87 31.53 -2.96 16.23
CA VAL A 87 31.77 -3.44 14.87
C VAL A 87 31.46 -2.28 13.94
N SER A 88 32.12 -2.29 12.79
CA SER A 88 31.97 -1.20 11.81
C SER A 88 30.94 -1.63 10.78
N ASP A 89 30.05 -0.70 10.42
CA ASP A 89 28.98 -0.97 9.42
C ASP A 89 29.50 -1.40 8.04
N GLU A 90 30.79 -1.20 7.81
CA GLU A 90 31.47 -1.66 6.60
C GLU A 90 31.81 -3.15 6.64
N GLU A 91 32.15 -3.68 7.81
CA GLU A 91 32.54 -5.10 7.96
C GLU A 91 31.40 -6.04 8.39
N TRP A 92 30.47 -5.51 9.17
CA TRP A 92 29.41 -6.31 9.76
C TRP A 92 28.08 -5.70 9.43
N GLY A 93 27.11 -6.55 9.11
CA GLY A 93 25.70 -6.15 9.14
C GLY A 93 24.92 -6.88 10.25
N VAL A 94 23.76 -6.32 10.56
CA VAL A 94 22.85 -6.87 11.53
C VAL A 94 21.42 -6.86 11.00
N ASN A 95 20.64 -7.89 11.37
CA ASN A 95 19.18 -7.92 11.15
C ASN A 95 18.45 -7.75 12.50
N VAL A 96 17.52 -6.81 12.56
CA VAL A 96 16.79 -6.46 13.77
C VAL A 96 15.34 -6.96 13.81
N GLN A 97 14.92 -7.69 12.78
CA GLN A 97 13.53 -8.12 12.67
C GLN A 97 13.13 -9.40 13.40
N PRO A 98 14.07 -10.34 13.70
CA PRO A 98 13.66 -11.58 14.39
C PRO A 98 12.84 -11.34 15.63
N LEU A 99 11.69 -12.00 15.73
CA LEU A 99 10.77 -11.76 16.83
C LEU A 99 11.28 -12.33 18.14
N SER A 100 12.15 -13.32 18.11
CA SER A 100 12.76 -13.83 19.35
C SER A 100 14.05 -14.61 19.07
N GLY A 101 14.68 -15.07 20.12
CA GLY A 101 15.95 -15.78 19.99
C GLY A 101 15.86 -17.01 19.12
N SER A 102 14.80 -17.78 19.32
CA SER A 102 14.63 -19.06 18.65
C SER A 102 14.33 -18.86 17.17
N ALA A 103 13.48 -17.91 16.86
CA ALA A 103 13.27 -17.56 15.45
C ALA A 103 14.56 -17.14 14.74
N ALA A 104 15.35 -16.29 15.41
CA ALA A 104 16.62 -15.78 14.91
C ALA A 104 17.65 -16.89 14.66
N ASN A 105 17.79 -17.83 15.61
CA ASN A 105 18.69 -18.98 15.36
C ASN A 105 18.23 -19.85 14.17
N VAL A 106 16.93 -20.15 14.08
CA VAL A 106 16.39 -20.94 12.96
C VAL A 106 16.61 -20.21 11.63
N GLN A 107 16.27 -18.93 11.60
CA GLN A 107 16.46 -18.12 10.40
C GLN A 107 17.92 -18.03 10.01
N ALA A 108 18.80 -17.75 10.98
CA ALA A 108 20.23 -17.66 10.71
C ALA A 108 20.82 -19.00 10.21
N LEU A 109 20.43 -20.10 10.87
CA LEU A 109 20.98 -21.41 10.53
C LEU A 109 20.54 -21.78 9.12
N TYR A 110 19.27 -21.56 8.84
CA TYR A 110 18.73 -21.83 7.51
C TYR A 110 19.44 -21.03 6.40
N ALA A 111 19.69 -19.74 6.65
CA ALA A 111 20.48 -18.90 5.74
C ALA A 111 21.85 -19.52 5.40
N LEU A 112 22.54 -20.04 6.41
CA LEU A 112 23.89 -20.59 6.23
C LEU A 112 23.88 -21.97 5.59
N VAL A 113 22.93 -22.83 5.95
CA VAL A 113 22.96 -24.24 5.50
C VAL A 113 21.80 -24.76 4.65
N GLY A 114 20.59 -24.24 4.85
CA GLY A 114 19.43 -24.70 4.11
C GLY A 114 18.87 -25.98 4.68
N VAL A 115 17.77 -26.45 4.12
CA VAL A 115 17.14 -27.69 4.59
C VAL A 115 18.09 -28.84 4.29
N LYS A 116 18.05 -29.86 5.17
CA LYS A 116 18.99 -31.00 5.19
C LYS A 116 20.47 -30.65 5.56
N GLY A 117 20.77 -29.37 5.79
CA GLY A 117 22.12 -28.94 6.13
C GLY A 117 22.60 -29.53 7.46
N LYS A 118 23.92 -29.62 7.58
CA LYS A 118 24.56 -30.28 8.72
C LYS A 118 25.01 -29.23 9.72
N ILE A 119 24.61 -29.40 10.98
CA ILE A 119 25.01 -28.47 12.07
C ILE A 119 25.44 -29.21 13.34
N MET A 120 26.34 -28.55 14.06
CA MET A 120 26.83 -29.04 15.32
C MET A 120 26.46 -28.04 16.38
N GLY A 121 26.05 -28.53 17.54
CA GLY A 121 25.88 -27.65 18.69
C GLY A 121 26.12 -28.40 19.98
N MET A 122 26.16 -27.66 21.09
CA MET A 122 26.18 -28.25 22.40
C MET A 122 24.79 -28.83 22.76
N HIS A 123 24.81 -30.01 23.37
CA HIS A 123 23.63 -30.72 23.82
C HIS A 123 22.91 -29.88 24.87
N LEU A 124 21.59 -30.02 24.92
CA LEU A 124 20.76 -29.29 25.90
C LEU A 124 21.14 -29.63 27.34
N CYS A 125 21.27 -30.93 27.62
CA CYS A 125 21.81 -31.45 28.90
C CYS A 125 23.18 -30.91 29.32
N SER A 126 24.02 -30.51 28.38
CA SER A 126 25.31 -29.90 28.66
C SER A 126 25.29 -28.39 28.64
N GLY A 127 24.14 -27.79 28.35
CA GLY A 127 23.97 -26.33 28.45
C GLY A 127 23.69 -25.61 27.14
N GLY A 128 23.52 -26.35 26.05
CA GLY A 128 23.16 -25.75 24.79
C GLY A 128 21.69 -25.39 24.76
N HIS A 129 21.31 -24.54 23.81
CA HIS A 129 19.92 -24.25 23.59
C HIS A 129 19.25 -25.30 22.72
N LEU A 130 17.92 -25.35 22.84
CA LEU A 130 17.06 -26.18 21.99
C LEU A 130 17.30 -25.93 20.50
N THR A 131 17.47 -24.66 20.13
CA THR A 131 17.74 -24.25 18.73
C THR A 131 19.19 -24.54 18.23
N HIS A 132 20.01 -25.21 19.03
CA HIS A 132 21.34 -25.66 18.61
C HIS A 132 21.34 -27.09 18.12
N GLY A 133 20.18 -27.57 17.69
CA GLY A 133 20.04 -28.89 17.08
C GLY A 133 19.59 -29.96 18.04
N PHE A 134 18.88 -29.59 19.09
CA PHE A 134 18.50 -30.55 20.11
C PHE A 134 17.57 -31.63 19.60
N PHE A 135 17.92 -32.89 19.87
CA PHE A 135 17.01 -34.02 19.72
C PHE A 135 17.21 -35.08 20.79
N ASP A 136 16.26 -36.02 20.80
CA ASP A 136 16.25 -37.16 21.70
C ASP A 136 16.09 -38.41 20.86
N GLU A 137 16.50 -39.53 21.41
CA GLU A 137 16.30 -40.84 20.75
C GLU A 137 14.81 -41.06 20.41
N LYS A 138 13.92 -40.60 21.29
CA LYS A 138 12.47 -40.71 21.08
C LYS A 138 11.95 -39.86 19.90
N LYS A 139 12.43 -38.62 19.76
CA LYS A 139 11.90 -37.68 18.76
C LYS A 139 12.82 -36.47 18.45
N LYS A 140 12.71 -35.96 17.23
CA LYS A 140 13.40 -34.72 16.81
C LYS A 140 12.71 -33.48 17.42
N VAL A 141 13.20 -33.09 18.59
CA VAL A 141 12.46 -32.21 19.52
C VAL A 141 12.43 -30.76 19.03
N SER A 142 13.55 -30.28 18.53
CA SER A 142 13.64 -28.95 17.98
C SER A 142 13.62 -29.06 16.47
N ILE A 143 13.02 -28.04 15.82
CA ILE A 143 13.06 -27.95 14.37
C ILE A 143 14.49 -27.97 13.86
N THR A 144 15.43 -27.43 14.64
CA THR A 144 16.86 -27.41 14.28
C THR A 144 17.50 -28.80 14.20
N SER A 145 16.87 -29.81 14.76
CA SER A 145 17.32 -31.18 14.55
C SER A 145 16.60 -31.86 13.40
N ASP A 146 15.38 -31.40 13.10
CA ASP A 146 14.49 -32.01 12.10
C ASP A 146 14.61 -31.42 10.69
N MET A 147 14.75 -30.11 10.56
CA MET A 147 14.92 -29.49 9.25
C MET A 147 16.39 -29.44 8.83
N PHE A 148 17.30 -29.61 9.80
CA PHE A 148 18.71 -29.75 9.58
C PHE A 148 19.09 -31.15 10.06
N GLU A 149 20.32 -31.56 9.81
CA GLU A 149 20.83 -32.80 10.40
C GLU A 149 21.81 -32.31 11.44
N SER A 150 21.67 -32.79 12.68
CA SER A 150 22.51 -32.28 13.76
C SER A 150 23.25 -33.32 14.58
N LYS A 151 24.48 -32.97 14.96
CA LYS A 151 25.25 -33.74 15.91
C LYS A 151 25.47 -32.83 17.12
N LEU A 152 25.44 -33.43 18.31
CA LEU A 152 25.54 -32.68 19.57
C LEU A 152 26.76 -33.11 20.38
N TYR A 153 27.63 -32.13 20.67
CA TYR A 153 28.78 -32.34 21.56
C TYR A 153 28.43 -32.10 23.04
N LYS A 154 29.29 -32.60 23.91
CA LYS A 154 29.08 -32.61 25.36
C LYS A 154 30.23 -31.89 26.01
N CYS A 155 29.99 -31.37 27.21
CA CYS A 155 31.04 -30.78 28.05
C CYS A 155 31.72 -31.94 28.78
N ASN A 156 32.91 -31.70 29.30
CA ASN A 156 33.70 -32.73 30.00
C ASN A 156 33.16 -32.98 31.42
N SER A 157 33.81 -33.86 32.16
CA SER A 157 33.37 -34.25 33.52
C SER A 157 33.39 -33.08 34.53
N GLN A 158 34.23 -32.09 34.28
CA GLN A 158 34.28 -30.88 35.09
C GLN A 158 33.35 -29.76 34.63
N GLY A 159 32.55 -29.99 33.58
CA GLY A 159 31.60 -28.97 33.05
C GLY A 159 32.15 -27.93 32.09
N TYR A 160 33.29 -28.24 31.48
CA TYR A 160 33.95 -27.35 30.55
C TYR A 160 33.70 -27.89 29.15
N VAL A 161 33.67 -26.99 28.17
CA VAL A 161 33.61 -27.38 26.76
C VAL A 161 34.87 -28.17 26.41
N ASP A 162 34.67 -29.37 25.89
CA ASP A 162 35.77 -30.27 25.55
C ASP A 162 36.10 -30.10 24.07
N LEU A 163 37.02 -29.19 23.76
CA LEU A 163 37.36 -28.88 22.37
C LEU A 163 37.88 -30.09 21.60
N ASP A 164 38.67 -30.95 22.23
CA ASP A 164 39.18 -32.15 21.56
C ASP A 164 38.06 -33.08 21.07
N ALA A 165 37.00 -33.19 21.87
CA ALA A 165 35.80 -33.94 21.45
C ALA A 165 35.03 -33.24 20.33
N VAL A 166 35.03 -31.91 20.34
CA VAL A 166 34.37 -31.09 19.30
C VAL A 166 35.03 -31.29 17.94
N ARG A 167 36.37 -31.28 17.95
CA ARG A 167 37.17 -31.54 16.76
C ARG A 167 36.93 -32.94 16.22
N GLU A 168 37.01 -33.93 17.09
CA GLU A 168 36.80 -35.32 16.70
C GLU A 168 35.49 -35.44 15.92
N MET A 169 34.45 -34.82 16.48
CA MET A 169 33.13 -34.73 15.83
C MET A 169 33.16 -33.90 14.55
N ALA A 170 33.69 -32.68 14.59
CA ALA A 170 33.76 -31.83 13.41
C ALA A 170 34.39 -32.53 12.17
N LEU A 171 35.52 -33.22 12.37
CA LEU A 171 36.22 -33.96 11.30
C LEU A 171 35.44 -35.18 10.82
N SER A 172 34.83 -35.92 11.73
CA SER A 172 34.02 -37.08 11.38
C SER A 172 32.66 -36.71 10.75
N PHE A 173 32.01 -35.70 11.31
CA PHE A 173 30.66 -35.27 10.90
C PHE A 173 30.67 -34.31 9.72
N LYS A 174 31.67 -33.43 9.64
CA LYS A 174 31.84 -32.51 8.51
C LYS A 174 30.64 -31.57 8.38
N PRO A 175 30.31 -30.82 9.45
CA PRO A 175 29.15 -29.94 9.31
C PRO A 175 29.47 -28.64 8.59
N LYS A 176 28.44 -27.97 8.11
CA LYS A 176 28.58 -26.62 7.52
C LYS A 176 28.57 -25.53 8.57
N VAL A 177 27.89 -25.75 9.71
CA VAL A 177 27.91 -24.80 10.84
C VAL A 177 28.24 -25.48 12.17
N ILE A 178 29.06 -24.80 12.97
CA ILE A 178 29.33 -25.24 14.33
C ILE A 178 28.89 -24.10 15.23
N ILE A 179 27.98 -24.39 16.15
CA ILE A 179 27.43 -23.36 17.06
C ILE A 179 28.11 -23.37 18.44
N CYS A 180 28.45 -22.19 18.92
CA CYS A 180 28.95 -22.01 20.28
C CYS A 180 28.21 -20.85 20.90
N GLY A 181 28.38 -20.67 22.21
CA GLY A 181 27.53 -19.76 22.99
C GLY A 181 26.30 -20.49 23.49
N TYR A 182 25.97 -20.32 24.78
CA TYR A 182 25.12 -21.29 25.46
C TYR A 182 24.05 -20.71 26.39
N THR A 183 23.17 -21.58 26.88
CA THR A 183 22.08 -21.16 27.73
C THR A 183 22.44 -21.28 29.20
N SER A 184 23.21 -22.28 29.58
CA SER A 184 23.70 -22.38 30.96
C SER A 184 25.12 -22.86 31.03
N TYR A 185 26.04 -22.03 30.55
CA TYR A 185 27.45 -22.29 30.64
C TYR A 185 28.04 -21.19 31.52
N PRO A 186 28.69 -21.59 32.64
CA PRO A 186 29.17 -20.59 33.61
C PRO A 186 30.53 -19.96 33.30
N ARG A 187 31.16 -20.37 32.20
CA ARG A 187 32.49 -19.85 31.86
C ARG A 187 32.51 -19.18 30.48
N ASP A 188 33.58 -18.43 30.22
CA ASP A 188 33.80 -17.81 28.91
C ASP A 188 34.10 -18.89 27.84
N ILE A 189 34.00 -18.47 26.58
CA ILE A 189 34.25 -19.35 25.44
C ILE A 189 35.54 -18.96 24.73
N ASP A 190 36.26 -19.98 24.27
CA ASP A 190 37.43 -19.79 23.41
C ASP A 190 36.99 -19.81 21.93
N TYR A 191 36.63 -18.64 21.41
CA TYR A 191 36.14 -18.53 20.04
C TYR A 191 37.27 -18.80 19.06
N GLN A 192 38.48 -18.35 19.39
CA GLN A 192 39.68 -18.61 18.59
C GLN A 192 39.82 -20.10 18.25
N GLN A 193 39.74 -20.97 19.23
CA GLN A 193 39.83 -22.40 18.95
C GLN A 193 38.61 -22.96 18.22
N PHE A 194 37.43 -22.40 18.45
CA PHE A 194 36.25 -22.83 17.68
C PHE A 194 36.44 -22.50 16.21
N ARG A 195 36.89 -21.26 15.95
CA ARG A 195 37.32 -20.82 14.63
C ARG A 195 38.34 -21.77 13.96
N GLN A 196 39.36 -22.17 14.72
CA GLN A 196 40.37 -23.11 14.24
C GLN A 196 39.77 -24.44 13.77
N ILE A 197 38.82 -24.96 14.53
CA ILE A 197 38.11 -26.19 14.14
C ILE A 197 37.24 -25.98 12.90
N CYS A 198 36.64 -24.80 12.80
CA CYS A 198 35.73 -24.49 11.71
C CYS A 198 36.49 -24.36 10.39
N ASP A 199 37.53 -23.52 10.38
CA ASP A 199 38.51 -23.42 9.26
C ASP A 199 39.01 -24.77 8.75
N GLU A 200 39.23 -25.69 9.68
CA GLU A 200 39.78 -27.01 9.35
C GLU A 200 38.82 -27.89 8.55
N VAL A 201 37.52 -27.65 8.75
CA VAL A 201 36.46 -28.41 8.09
C VAL A 201 35.61 -27.54 7.14
N ASN A 202 36.01 -26.27 6.94
CA ASN A 202 35.28 -25.32 6.09
C ASN A 202 33.84 -25.06 6.59
N ALA A 203 33.68 -25.08 7.92
CA ALA A 203 32.37 -24.85 8.53
C ALA A 203 32.27 -23.40 8.95
N TYR A 204 31.04 -22.89 9.02
CA TYR A 204 30.74 -21.57 9.59
C TYR A 204 30.83 -21.64 11.13
N LEU A 205 31.32 -20.55 11.74
CA LEU A 205 31.34 -20.37 13.20
C LEU A 205 30.16 -19.51 13.65
N PHE A 206 29.24 -20.12 14.41
CA PHE A 206 28.01 -19.48 14.86
C PHE A 206 28.14 -19.27 16.37
N ALA A 207 28.03 -18.01 16.80
CA ALA A 207 28.12 -17.65 18.21
C ALA A 207 26.81 -17.10 18.79
N ASP A 208 26.13 -17.89 19.63
CA ASP A 208 24.93 -17.43 20.33
C ASP A 208 25.29 -16.84 21.70
N ILE A 209 25.27 -15.52 21.80
CA ILE A 209 25.74 -14.82 23.00
C ILE A 209 24.64 -14.14 23.84
N SER A 210 23.39 -14.60 23.68
CA SER A 210 22.19 -14.08 24.39
C SER A 210 22.31 -13.94 25.90
N HIS A 211 22.92 -14.95 26.52
CA HIS A 211 23.14 -14.93 27.96
C HIS A 211 24.24 -13.94 28.38
N ILE A 212 25.22 -13.74 27.52
CA ILE A 212 26.42 -12.95 27.83
C ILE A 212 26.60 -11.64 27.01
N SER A 213 25.55 -11.24 26.28
CA SER A 213 25.66 -10.19 25.26
C SER A 213 26.31 -8.92 25.79
N SER A 214 25.88 -8.49 26.98
CA SER A 214 26.41 -7.32 27.67
C SER A 214 27.89 -7.40 27.94
N PHE A 215 28.39 -8.60 28.22
CA PHE A 215 29.81 -8.80 28.46
C PHE A 215 30.60 -8.67 27.15
N VAL A 216 30.03 -9.13 26.05
CA VAL A 216 30.71 -9.03 24.77
C VAL A 216 30.78 -7.57 24.33
N ALA A 217 29.67 -6.88 24.50
CA ALA A 217 29.52 -5.48 24.14
C ALA A 217 30.41 -4.53 24.91
N CYS A 218 30.64 -4.83 26.18
CA CYS A 218 31.41 -3.97 27.07
C CYS A 218 32.88 -4.40 27.20
N ASN A 219 33.33 -5.35 26.37
CA ASN A 219 34.73 -5.81 26.34
C ASN A 219 35.22 -6.34 27.70
N ILE A 220 34.31 -7.00 28.43
CA ILE A 220 34.61 -7.66 29.69
C ILE A 220 34.99 -9.13 29.43
N LEU A 221 34.38 -9.75 28.43
CA LEU A 221 34.68 -11.14 28.11
C LEU A 221 35.20 -11.19 26.69
N ASN A 222 35.68 -12.37 26.29
CA ASN A 222 36.13 -12.60 24.93
C ASN A 222 35.15 -12.10 23.87
N ASN A 223 35.70 -11.61 22.76
CA ASN A 223 34.90 -11.04 21.70
C ASN A 223 34.71 -12.08 20.60
N PRO A 224 33.46 -12.53 20.36
CA PRO A 224 33.27 -13.49 19.28
C PRO A 224 33.31 -12.83 17.90
N PHE A 225 33.18 -11.51 17.84
CA PHE A 225 33.20 -10.79 16.57
C PHE A 225 34.54 -10.92 15.84
N LEU A 226 35.64 -11.12 16.57
CA LEU A 226 36.95 -11.28 15.95
C LEU A 226 37.07 -12.58 15.16
N HIS A 227 36.25 -13.59 15.50
CA HIS A 227 36.33 -14.90 14.85
C HIS A 227 35.04 -15.43 14.20
N ALA A 228 33.86 -15.00 14.64
CA ALA A 228 32.58 -15.62 14.17
C ALA A 228 32.00 -15.08 12.85
N ASP A 229 31.48 -15.98 12.02
CA ASP A 229 30.77 -15.58 10.81
C ASP A 229 29.40 -14.98 11.09
N VAL A 230 28.68 -15.63 12.02
CA VAL A 230 27.39 -15.19 12.48
C VAL A 230 27.39 -15.09 14.01
N VAL A 231 26.80 -14.02 14.54
CA VAL A 231 26.52 -13.89 15.97
C VAL A 231 25.06 -13.52 16.17
N THR A 232 24.35 -14.28 17.01
CA THR A 232 22.95 -13.98 17.35
C THR A 232 22.87 -13.65 18.81
N THR A 233 21.83 -12.91 19.17
CA THR A 233 21.60 -12.60 20.56
C THR A 233 20.17 -12.14 20.81
N THR A 234 19.62 -12.54 21.94
CA THR A 234 18.37 -12.00 22.37
C THR A 234 18.62 -10.63 22.94
N THR A 235 17.58 -9.82 22.99
CA THR A 235 17.68 -8.50 23.60
C THR A 235 17.12 -8.47 25.04
N HIS A 236 16.52 -9.57 25.52
CA HIS A 236 15.73 -9.53 26.78
C HIS A 236 16.44 -10.00 28.03
N LYS A 237 17.62 -10.60 27.91
CA LYS A 237 18.27 -11.12 29.08
C LYS A 237 19.18 -10.04 29.69
N ILE A 238 20.49 -10.30 29.76
CA ILE A 238 21.44 -9.39 30.39
C ILE A 238 21.51 -8.04 29.68
N LEU A 239 21.19 -8.02 28.37
CA LEU A 239 21.05 -6.76 27.62
C LEU A 239 19.92 -5.84 28.13
N ARG A 240 18.92 -6.43 28.80
CA ARG A 240 17.86 -5.66 29.48
C ARG A 240 16.88 -4.97 28.50
N GLY A 241 16.84 -5.45 27.26
CA GLY A 241 15.92 -4.92 26.27
C GLY A 241 14.57 -5.62 26.27
N PRO A 242 13.80 -5.41 25.20
CA PRO A 242 12.52 -6.10 25.03
C PRO A 242 12.77 -7.53 24.60
N ARG A 243 11.72 -8.31 24.46
CA ARG A 243 11.84 -9.66 23.91
C ARG A 243 11.96 -9.58 22.39
N SER A 244 13.18 -9.78 21.90
CA SER A 244 13.49 -9.73 20.49
C SER A 244 14.86 -10.36 20.34
N ALA A 245 15.35 -10.40 19.11
CA ALA A 245 16.67 -10.93 18.83
C ALA A 245 17.36 -10.19 17.69
N LEU A 246 18.68 -10.27 17.68
CA LEU A 246 19.53 -9.68 16.64
C LEU A 246 20.27 -10.79 15.97
N ILE A 247 20.49 -10.63 14.66
CA ILE A 247 21.38 -11.51 13.91
C ILE A 247 22.48 -10.65 13.31
N PHE A 248 23.72 -10.93 13.71
CA PHE A 248 24.89 -10.30 13.14
C PHE A 248 25.54 -11.27 12.16
N PHE A 249 25.97 -10.73 11.03
CA PHE A 249 26.67 -11.51 10.01
C PHE A 249 27.85 -10.67 9.54
N ASN A 250 28.95 -11.36 9.22
CA ASN A 250 30.18 -10.72 8.80
C ASN A 250 30.34 -10.73 7.28
N LYS A 251 30.17 -9.57 6.67
CA LYS A 251 30.21 -9.41 5.21
C LYS A 251 31.61 -9.63 4.64
N LYS A 252 32.61 -9.06 5.31
CA LYS A 252 34.00 -9.14 4.87
C LYS A 252 34.54 -10.57 4.77
N ARG A 253 34.14 -11.44 5.69
CA ARG A 253 34.56 -12.84 5.66
C ARG A 253 33.72 -13.68 4.69
N ASN A 254 32.45 -13.31 4.51
CA ASN A 254 31.53 -14.02 3.61
C ASN A 254 30.78 -13.01 2.76
N PRO A 255 31.13 -12.91 1.46
CA PRO A 255 30.32 -12.06 0.60
C PRO A 255 29.04 -12.80 0.26
N GLY A 256 27.97 -12.05 -0.01
CA GLY A 256 26.65 -12.67 -0.30
C GLY A 256 25.82 -13.13 0.90
N ILE A 257 26.39 -13.02 2.12
CA ILE A 257 25.71 -13.45 3.33
C ILE A 257 24.63 -12.48 3.78
N GLU A 258 24.79 -11.18 3.52
CA GLU A 258 23.76 -10.19 3.89
C GLU A 258 22.42 -10.48 3.26
N GLN A 259 22.44 -10.83 1.98
CA GLN A 259 21.24 -11.25 1.25
C GLN A 259 20.68 -12.56 1.83
N LYS A 260 21.53 -13.56 2.02
CA LYS A 260 21.13 -14.86 2.57
C LYS A 260 20.42 -14.76 3.92
N ILE A 261 20.99 -13.97 4.83
CA ILE A 261 20.41 -13.73 6.15
C ILE A 261 19.13 -12.92 6.04
N ASN A 262 19.16 -11.82 5.31
CA ASN A 262 17.98 -10.97 5.21
C ASN A 262 16.80 -11.66 4.57
N SER A 263 17.06 -12.48 3.56
CA SER A 263 16.01 -13.27 2.90
C SER A 263 15.44 -14.37 3.84
N ALA A 264 16.28 -14.97 4.67
CA ALA A 264 15.84 -15.97 5.65
C ALA A 264 14.85 -15.41 6.65
N VAL A 265 15.06 -14.18 7.11
CA VAL A 265 14.17 -13.57 8.07
C VAL A 265 12.87 -13.19 7.36
N PHE A 266 12.97 -12.48 6.25
CA PHE A 266 11.81 -12.17 5.40
C PHE A 266 12.21 -12.25 3.93
N PRO A 267 11.47 -12.95 3.08
CA PRO A 267 10.16 -13.56 3.39
C PRO A 267 10.18 -15.04 3.70
N SER A 268 11.33 -15.61 4.00
CA SER A 268 11.36 -17.05 4.23
C SER A 268 10.52 -17.43 5.46
N PHE A 269 10.76 -16.76 6.58
CA PHE A 269 10.23 -17.17 7.88
C PHE A 269 9.20 -16.21 8.41
N GLN A 270 9.52 -14.93 8.46
CA GLN A 270 8.62 -13.95 9.04
C GLN A 270 7.83 -13.19 8.00
N GLY A 271 6.76 -12.55 8.45
CA GLY A 271 6.01 -11.55 7.67
C GLY A 271 6.44 -10.16 8.14
N GLY A 272 5.47 -9.39 8.62
CA GLY A 272 5.73 -8.01 9.00
C GLY A 272 6.57 -7.91 10.28
N PRO A 273 7.53 -6.99 10.32
CA PRO A 273 8.24 -6.77 11.57
C PRO A 273 7.34 -6.15 12.63
N HIS A 274 7.68 -6.39 13.89
CA HIS A 274 6.95 -5.77 14.98
C HIS A 274 7.70 -4.52 15.33
N ASN A 275 7.19 -3.41 14.82
CA ASN A 275 7.89 -2.13 14.90
C ASN A 275 8.01 -1.60 16.32
N ASN A 276 7.10 -1.98 17.21
CA ASN A 276 7.25 -1.63 18.64
C ASN A 276 8.48 -2.31 19.26
N LYS A 277 8.75 -3.54 18.83
CA LYS A 277 9.92 -4.29 19.31
C LYS A 277 11.19 -3.61 18.85
N ILE A 278 11.22 -3.26 17.58
CA ILE A 278 12.35 -2.58 16.98
C ILE A 278 12.62 -1.22 17.67
N ALA A 279 11.58 -0.43 17.91
CA ALA A 279 11.71 0.80 18.67
C ALA A 279 12.27 0.56 20.08
N ALA A 280 11.79 -0.49 20.76
CA ALA A 280 12.24 -0.77 22.12
C ALA A 280 13.70 -1.16 22.15
N VAL A 281 14.11 -1.91 21.15
CA VAL A 281 15.48 -2.36 21.04
C VAL A 281 16.39 -1.18 20.79
N ALA A 282 15.97 -0.31 19.88
CA ALA A 282 16.67 0.96 19.62
C ALA A 282 16.92 1.67 20.91
N CYS A 283 15.86 1.84 21.68
CA CYS A 283 15.91 2.58 22.94
C CYS A 283 16.93 2.01 23.94
N GLN A 284 17.01 0.70 24.01
CA GLN A 284 17.93 0.02 24.90
C GLN A 284 19.36 0.04 24.39
N LEU A 285 19.52 -0.21 23.10
CA LEU A 285 20.86 -0.18 22.50
C LEU A 285 21.60 1.16 22.74
N LYS A 286 20.87 2.26 22.82
CA LYS A 286 21.48 3.53 23.19
C LYS A 286 22.12 3.39 24.55
N GLU A 287 21.31 3.00 25.52
CA GLU A 287 21.75 2.77 26.89
C GLU A 287 22.90 1.74 26.99
N VAL A 288 22.82 0.65 26.23
CA VAL A 288 23.90 -0.33 26.28
C VAL A 288 25.23 0.37 26.06
N HIS A 289 25.28 1.30 25.11
CA HIS A 289 26.55 1.95 24.76
C HIS A 289 27.12 2.97 25.78
N SER A 290 26.29 3.51 26.66
CA SER A 290 26.76 4.39 27.74
C SER A 290 27.74 3.72 28.73
N PRO A 291 28.58 4.52 29.42
CA PRO A 291 29.47 3.95 30.44
C PRO A 291 28.75 3.61 31.77
N ALA A 292 27.55 4.16 32.00
CA ALA A 292 26.67 3.74 33.11
C ALA A 292 26.26 2.27 33.02
N PHE A 293 26.00 1.80 31.79
CA PHE A 293 25.59 0.42 31.56
C PHE A 293 26.77 -0.54 31.68
N LYS A 294 27.96 -0.06 31.35
CA LYS A 294 29.20 -0.84 31.56
C LYS A 294 29.40 -1.07 33.05
N GLU A 295 29.11 -0.04 33.84
CA GLU A 295 29.16 -0.17 35.30
C GLU A 295 28.15 -1.23 35.78
N TYR A 296 26.93 -1.20 35.25
CA TYR A 296 25.92 -2.18 35.59
C TYR A 296 26.37 -3.60 35.25
N THR A 297 26.89 -3.78 34.02
CA THR A 297 27.44 -5.08 33.58
C THR A 297 28.63 -5.53 34.43
N GLN A 298 29.50 -4.59 34.82
CA GLN A 298 30.62 -4.88 35.77
C GLN A 298 30.04 -5.40 37.07
N GLN A 299 29.10 -4.65 37.61
CA GLN A 299 28.40 -5.04 38.83
C GLN A 299 27.77 -6.43 38.79
N VAL A 300 27.21 -6.82 37.63
CA VAL A 300 26.63 -8.15 37.42
C VAL A 300 27.70 -9.23 37.69
N LEU A 301 28.91 -9.00 37.18
CA LEU A 301 29.99 -9.96 37.35
C LEU A 301 30.52 -9.95 38.78
N LEU A 302 30.68 -8.76 39.35
CA LEU A 302 31.10 -8.61 40.75
C LEU A 302 30.18 -9.42 41.63
N ASN A 303 28.87 -9.22 41.45
CA ASN A 303 27.83 -9.94 42.20
C ASN A 303 27.83 -11.44 41.99
N SER A 304 28.05 -11.87 40.76
CA SER A 304 28.21 -13.30 40.44
C SER A 304 29.41 -13.96 41.13
N LYS A 305 30.55 -13.29 41.10
CA LYS A 305 31.77 -13.77 41.75
C LYS A 305 31.57 -13.83 43.26
N ALA A 306 30.88 -12.81 43.80
CA ALA A 306 30.63 -12.73 45.24
C ALA A 306 29.66 -13.81 45.70
N LEU A 307 28.62 -14.05 44.87
CA LEU A 307 27.64 -15.10 45.19
C LEU A 307 28.28 -16.48 45.19
N ALA A 308 29.10 -16.74 44.17
CA ALA A 308 29.86 -17.99 44.07
C ALA A 308 30.76 -18.24 45.27
N LYS A 309 31.51 -17.22 45.61
CA LYS A 309 32.47 -17.27 46.68
C LYS A 309 31.75 -17.62 47.98
N ALA A 310 30.57 -17.02 48.19
CA ALA A 310 29.83 -17.21 49.45
C ALA A 310 29.17 -18.59 49.50
N LEU A 311 28.70 -19.06 48.36
CA LEU A 311 28.14 -20.40 48.29
C LEU A 311 29.22 -21.42 48.59
N ILE A 312 30.42 -21.23 48.05
CA ILE A 312 31.55 -22.11 48.36
C ILE A 312 31.90 -22.06 49.85
N SER A 313 31.97 -20.86 50.43
CA SER A 313 32.22 -20.70 51.87
C SER A 313 31.20 -21.44 52.78
N LYS A 314 29.98 -21.63 52.27
CA LYS A 314 28.93 -22.44 52.89
C LYS A 314 28.95 -23.89 52.43
N GLN A 315 30.06 -24.37 51.89
CA GLN A 315 30.23 -25.78 51.52
C GLN A 315 29.26 -26.23 50.44
N ILE A 316 28.97 -25.35 49.49
CA ILE A 316 28.14 -25.69 48.35
C ILE A 316 29.03 -25.74 47.12
N ASP A 317 28.89 -26.82 46.35
CA ASP A 317 29.66 -27.03 45.12
C ASP A 317 29.05 -26.32 43.89
N LEU A 318 29.95 -25.86 43.01
CA LEU A 318 29.59 -25.17 41.77
C LEU A 318 30.23 -25.90 40.57
N VAL A 319 29.46 -26.09 39.50
CA VAL A 319 29.99 -26.71 38.27
C VAL A 319 31.07 -25.79 37.71
N THR A 320 32.24 -26.37 37.40
CA THR A 320 33.50 -25.65 37.10
C THR A 320 34.09 -24.91 38.29
N ASN A 321 33.57 -25.15 39.50
CA ASN A 321 34.00 -24.47 40.74
C ASN A 321 34.00 -22.95 40.73
N GLY A 322 33.08 -22.35 39.99
CA GLY A 322 33.05 -20.89 39.83
C GLY A 322 32.39 -20.42 38.54
N THR A 323 32.53 -19.12 38.30
CA THR A 323 31.93 -18.49 37.16
C THR A 323 32.84 -17.39 36.62
N ASP A 324 32.92 -17.31 35.29
CA ASP A 324 33.56 -16.18 34.62
C ASP A 324 32.54 -15.14 34.24
N ASN A 325 31.25 -15.45 34.40
CA ASN A 325 30.18 -14.58 33.95
C ASN A 325 29.09 -14.37 35.03
N HIS A 326 27.88 -14.08 34.57
CA HIS A 326 26.68 -13.82 35.36
C HIS A 326 25.90 -14.99 35.95
N LEU A 327 26.35 -16.22 35.71
CA LEU A 327 25.57 -17.37 36.07
C LEU A 327 26.36 -18.46 36.76
N ILE A 328 25.67 -19.13 37.67
CA ILE A 328 26.27 -20.17 38.48
C ILE A 328 25.39 -21.37 38.36
N VAL A 329 25.99 -22.55 38.28
CA VAL A 329 25.23 -23.78 38.39
C VAL A 329 25.68 -24.50 39.65
N VAL A 330 24.75 -24.71 40.57
CA VAL A 330 25.01 -25.43 41.79
C VAL A 330 24.90 -26.92 41.54
N ASP A 331 25.95 -27.65 41.93
CA ASP A 331 25.94 -29.13 41.92
C ASP A 331 25.45 -29.59 43.29
N LEU A 332 24.25 -30.18 43.32
CA LEU A 332 23.58 -30.56 44.58
C LEU A 332 23.83 -31.98 45.10
N ARG A 333 24.62 -32.79 44.38
CA ARG A 333 24.80 -34.23 44.72
C ARG A 333 25.10 -34.52 46.18
N LYS A 334 25.97 -33.75 46.82
CA LYS A 334 26.32 -33.99 48.23
C LYS A 334 25.17 -33.85 49.23
N PHE A 335 24.12 -33.13 48.87
CA PHE A 335 22.95 -32.97 49.71
C PHE A 335 21.87 -34.01 49.38
N SER A 336 22.12 -34.82 48.36
CA SER A 336 21.23 -35.93 48.02
C SER A 336 19.81 -35.45 47.70
N ILE A 337 19.72 -34.28 47.06
CA ILE A 337 18.43 -33.75 46.63
C ILE A 337 18.53 -33.39 45.16
N THR A 338 17.40 -33.36 44.48
CA THR A 338 17.38 -33.01 43.06
C THR A 338 17.19 -31.50 42.92
N GLY A 339 17.56 -31.00 41.74
CA GLY A 339 17.23 -29.65 41.35
C GLY A 339 15.74 -29.38 41.39
N SER A 340 14.93 -30.39 41.03
CA SER A 340 13.47 -30.25 40.97
C SER A 340 12.94 -29.93 42.35
N LYS A 341 13.40 -30.67 43.36
CA LYS A 341 13.00 -30.42 44.74
C LYS A 341 13.38 -29.01 45.22
N LEU A 342 14.60 -28.59 44.92
CA LEU A 342 15.06 -27.26 45.35
C LEU A 342 14.25 -26.15 44.68
N GLN A 343 13.93 -26.35 43.41
CA GLN A 343 13.06 -25.43 42.69
C GLN A 343 11.72 -25.32 43.40
N GLU A 344 11.13 -26.47 43.72
CA GLU A 344 9.86 -26.48 44.46
C GLU A 344 9.96 -25.74 45.80
N THR A 345 11.05 -25.98 46.54
CA THR A 345 11.30 -25.30 47.81
C THR A 345 11.51 -23.79 47.67
N CYS A 346 12.19 -23.39 46.60
CA CYS A 346 12.50 -21.98 46.35
C CYS A 346 11.26 -21.22 45.89
N ASN A 347 10.43 -21.88 45.06
CA ASN A 347 9.09 -21.38 44.72
C ASN A 347 8.26 -21.00 45.95
N ALA A 348 8.32 -21.87 46.98
CA ALA A 348 7.59 -21.65 48.21
C ALA A 348 8.13 -20.48 49.04
N ILE A 349 9.37 -20.04 48.81
CA ILE A 349 9.97 -18.91 49.55
C ILE A 349 10.18 -17.66 48.69
N ASN A 350 9.48 -17.61 47.54
CA ASN A 350 9.59 -16.48 46.61
C ASN A 350 11.04 -16.23 46.10
N VAL A 351 11.75 -17.32 45.82
CA VAL A 351 13.06 -17.29 45.18
C VAL A 351 12.89 -18.00 43.84
N SER A 352 13.23 -17.31 42.76
CA SER A 352 13.13 -17.90 41.43
C SER A 352 14.48 -18.40 40.94
N LEU A 353 14.53 -19.70 40.69
CA LEU A 353 15.66 -20.35 40.06
C LEU A 353 15.13 -21.55 39.27
N ASN A 354 15.99 -22.20 38.50
CA ASN A 354 15.55 -23.34 37.73
C ASN A 354 16.49 -24.48 37.89
N LYS A 355 15.95 -25.68 37.78
CA LYS A 355 16.76 -26.89 37.71
C LYS A 355 17.59 -26.90 36.44
N ASN A 356 18.69 -27.60 36.52
CA ASN A 356 19.68 -27.63 35.48
C ASN A 356 20.45 -28.92 35.68
N THR A 357 20.78 -29.58 34.58
CA THR A 357 21.62 -30.75 34.62
C THR A 357 23.07 -30.42 35.01
N ILE A 358 23.81 -31.43 35.43
CA ILE A 358 25.25 -31.30 35.67
C ILE A 358 25.93 -32.36 34.82
N PRO A 359 27.27 -32.27 34.64
CA PRO A 359 27.95 -33.21 33.75
C PRO A 359 27.67 -34.69 34.04
N SER A 360 27.57 -35.03 35.33
CA SER A 360 27.29 -36.41 35.75
C SER A 360 25.89 -36.87 35.31
N ASP A 361 24.95 -35.95 35.07
CA ASP A 361 23.59 -36.31 34.64
C ASP A 361 23.63 -36.75 33.18
N VAL A 362 23.32 -38.02 32.98
CA VAL A 362 23.28 -38.62 31.65
C VAL A 362 22.04 -38.11 30.90
N ASP A 363 20.90 -38.05 31.61
CA ASP A 363 19.62 -37.64 31.05
C ASP A 363 19.17 -36.30 31.63
N CYS A 364 18.19 -35.68 30.97
CA CYS A 364 17.42 -34.55 31.55
C CYS A 364 16.25 -35.02 32.48
N VAL A 365 16.24 -36.29 32.89
CA VAL A 365 15.13 -36.90 33.64
C VAL A 365 15.15 -36.41 35.10
N SER A 366 16.31 -36.52 35.75
CA SER A 366 16.49 -36.04 37.12
C SER A 366 17.72 -35.14 37.21
N PRO A 367 17.58 -33.85 36.79
CA PRO A 367 18.73 -32.94 36.88
C PRO A 367 19.14 -32.69 38.34
N SER A 368 20.45 -32.70 38.58
CA SER A 368 20.99 -32.66 39.92
C SER A 368 21.55 -31.31 40.32
N GLY A 369 21.21 -30.26 39.56
CA GLY A 369 21.63 -28.92 39.89
C GLY A 369 20.55 -27.89 39.72
N VAL A 370 20.89 -26.65 40.03
CA VAL A 370 20.02 -25.52 39.80
C VAL A 370 20.88 -24.47 39.16
N ARG A 371 20.26 -23.55 38.42
CA ARG A 371 20.97 -22.48 37.79
C ARG A 371 20.49 -21.16 38.36
N ILE A 372 21.45 -20.29 38.68
CA ILE A 372 21.18 -18.98 39.20
C ILE A 372 22.00 -17.94 38.39
N GLY A 373 21.49 -16.72 38.35
CA GLY A 373 22.14 -15.67 37.64
C GLY A 373 21.94 -14.38 38.37
N THR A 374 22.82 -13.41 38.12
CA THR A 374 22.72 -12.13 38.81
C THR A 374 22.10 -10.91 38.12
N PRO A 375 21.75 -10.98 36.81
CA PRO A 375 21.34 -9.73 36.16
C PRO A 375 20.11 -9.03 36.75
N ALA A 376 19.08 -9.80 37.05
CA ALA A 376 17.86 -9.24 37.58
C ALA A 376 18.06 -8.53 38.96
N MET A 377 18.75 -9.18 39.89
CA MET A 377 19.02 -8.59 41.23
C MET A 377 20.03 -7.44 41.20
N THR A 378 20.98 -7.50 40.28
CA THR A 378 21.86 -6.37 40.03
C THR A 378 21.06 -5.19 39.52
N THR A 379 20.05 -5.44 38.70
CA THR A 379 19.18 -4.36 38.21
C THR A 379 18.42 -3.67 39.36
N ARG A 380 18.05 -4.45 40.36
CA ARG A 380 17.36 -3.94 41.54
C ARG A 380 18.29 -3.39 42.63
N GLY A 381 19.55 -3.12 42.31
CA GLY A 381 20.47 -2.44 43.20
C GLY A 381 21.23 -3.28 44.21
N ALA A 382 21.15 -4.61 44.12
CA ALA A 382 21.95 -5.49 44.99
C ALA A 382 23.43 -5.32 44.68
N LYS A 383 24.25 -5.28 45.72
CA LYS A 383 25.69 -5.14 45.57
C LYS A 383 26.37 -6.41 46.10
N GLU A 384 27.71 -6.44 46.13
CA GLU A 384 28.39 -7.65 46.58
C GLU A 384 27.96 -8.08 47.97
N LYS A 385 27.86 -7.10 48.86
CA LYS A 385 27.49 -7.28 50.30
C LYS A 385 26.14 -8.00 50.45
N ASP A 386 25.25 -7.75 49.48
CA ASP A 386 23.92 -8.34 49.43
C ASP A 386 23.88 -9.82 48.98
N MET A 387 24.98 -10.31 48.39
CA MET A 387 25.02 -11.70 47.90
C MET A 387 25.13 -12.71 49.03
N GLU A 388 25.65 -12.31 50.19
CA GLU A 388 25.75 -13.22 51.34
C GLU A 388 24.38 -13.65 51.81
N PHE A 389 23.46 -12.69 51.86
CA PHE A 389 22.11 -12.95 52.31
C PHE A 389 21.44 -13.90 51.34
N ILE A 390 21.67 -13.69 50.05
CA ILE A 390 21.14 -14.59 49.02
C ILE A 390 21.74 -15.97 49.17
N ALA A 391 23.04 -16.06 49.39
CA ALA A 391 23.68 -17.37 49.51
C ALA A 391 23.18 -18.08 50.74
N ASP A 392 23.06 -17.31 51.82
CA ASP A 392 22.45 -17.77 53.06
C ASP A 392 21.01 -18.30 52.87
N VAL A 393 20.17 -17.55 52.14
CA VAL A 393 18.79 -17.96 51.85
C VAL A 393 18.73 -19.27 51.05
N LEU A 394 19.63 -19.39 50.06
CA LEU A 394 19.74 -20.63 49.31
C LEU A 394 20.27 -21.82 50.13
N ALA A 395 21.21 -21.58 51.04
CA ALA A 395 21.68 -22.65 51.96
C ALA A 395 20.56 -23.19 52.85
N ARG A 396 19.76 -22.27 53.41
CA ARG A 396 18.59 -22.61 54.23
C ARG A 396 17.54 -23.38 53.40
N ALA A 397 17.31 -22.98 52.16
CA ALA A 397 16.43 -23.72 51.25
C ALA A 397 16.91 -25.14 51.06
N ILE A 398 18.20 -25.30 50.84
CA ILE A 398 18.79 -26.63 50.69
C ILE A 398 18.58 -27.45 51.95
N LYS A 399 18.94 -26.90 53.10
CA LYS A 399 18.74 -27.63 54.36
C LYS A 399 17.27 -28.05 54.56
N ILE A 400 16.34 -27.13 54.33
CA ILE A 400 14.89 -27.45 54.47
C ILE A 400 14.48 -28.53 53.48
N THR A 401 14.97 -28.41 52.27
CA THR A 401 14.70 -29.39 51.24
C THR A 401 15.18 -30.78 51.69
N VAL A 402 16.31 -30.82 52.39
CA VAL A 402 16.87 -32.07 52.88
C VAL A 402 15.99 -32.62 54.01
N ASP A 403 15.62 -31.75 54.95
CA ASP A 403 14.73 -32.12 56.06
C ASP A 403 13.36 -32.59 55.59
N LEU A 404 12.81 -31.89 54.60
CA LEU A 404 11.53 -32.28 54.00
C LEU A 404 11.59 -33.63 53.30
N GLN A 405 12.68 -33.89 52.58
CA GLN A 405 12.84 -35.16 51.90
C GLN A 405 12.98 -36.32 52.90
N GLU A 406 13.68 -36.07 54.01
CA GLU A 406 13.79 -37.04 55.11
C GLU A 406 12.41 -37.41 55.65
N GLN A 407 11.57 -36.39 55.89
CA GLN A 407 10.27 -36.56 56.52
C GLN A 407 9.20 -37.15 55.57
N TYR A 408 9.19 -36.73 54.31
CA TYR A 408 8.13 -37.17 53.37
C TYR A 408 8.56 -38.15 52.29
N GLY A 409 9.88 -38.29 52.03
CA GLY A 409 10.39 -39.24 51.04
C GLY A 409 10.89 -38.64 49.72
N LYS A 410 11.62 -39.47 48.97
CA LYS A 410 12.28 -39.10 47.70
C LYS A 410 11.33 -38.81 46.51
N LYS A 411 10.15 -39.45 46.49
CA LYS A 411 9.17 -39.26 45.42
C LYS A 411 8.64 -37.82 45.41
N LEU A 412 8.57 -37.20 44.22
CA LEU A 412 8.26 -35.77 44.13
C LEU A 412 6.86 -35.43 44.66
N VAL A 413 5.88 -36.27 44.34
CA VAL A 413 4.47 -36.11 44.80
C VAL A 413 4.37 -36.06 46.33
N ASP A 414 5.14 -36.92 47.01
CA ASP A 414 5.20 -36.96 48.46
C ASP A 414 5.91 -35.70 49.02
N PHE A 415 7.10 -35.40 48.49
CA PHE A 415 7.89 -34.24 48.90
C PHE A 415 7.07 -32.95 48.90
N LYS A 416 6.28 -32.72 47.85
CA LYS A 416 5.48 -31.48 47.77
C LYS A 416 4.45 -31.39 48.90
N LYS A 417 3.85 -32.53 49.23
CA LYS A 417 2.91 -32.63 50.35
C LYS A 417 3.43 -31.91 51.59
N GLY A 418 4.75 -32.00 51.80
CA GLY A 418 5.40 -31.30 52.90
C GLY A 418 5.53 -29.78 52.85
N LEU A 419 5.34 -29.16 51.69
CA LEU A 419 5.64 -27.72 51.48
C LEU A 419 4.64 -26.68 51.99
N PRO A 420 3.33 -26.92 51.83
CA PRO A 420 2.41 -25.88 52.30
C PRO A 420 2.23 -25.89 53.81
N GLY A 421 2.08 -24.69 54.38
CA GLY A 421 1.93 -24.54 55.82
C GLY A 421 3.19 -24.72 56.65
N ASN A 422 4.32 -25.04 56.02
CA ASN A 422 5.57 -25.34 56.74
C ASN A 422 6.02 -24.06 57.42
N ALA A 423 6.22 -24.14 58.74
CA ALA A 423 6.55 -22.97 59.56
C ALA A 423 7.83 -22.28 59.09
N GLN A 424 8.85 -23.07 58.76
CA GLN A 424 10.15 -22.51 58.33
C GLN A 424 10.07 -21.74 57.02
N LEU A 425 9.34 -22.30 56.05
CA LEU A 425 9.19 -21.69 54.76
C LEU A 425 8.45 -20.38 54.84
N GLN A 426 7.37 -20.33 55.62
CA GLN A 426 6.62 -19.07 55.79
C GLN A 426 7.51 -17.99 56.39
N GLN A 427 8.32 -18.38 57.37
CA GLN A 427 9.32 -17.49 57.97
C GLN A 427 10.35 -17.01 56.93
N LEU A 428 10.88 -17.96 56.15
CA LEU A 428 11.90 -17.66 55.15
C LEU A 428 11.30 -16.82 54.02
N LYS A 429 10.09 -17.16 53.59
CA LYS A 429 9.32 -16.33 52.66
C LYS A 429 9.19 -14.86 53.13
N GLN A 430 8.81 -14.64 54.38
CA GLN A 430 8.56 -13.26 54.86
C GLN A 430 9.81 -12.40 54.82
N GLU A 431 10.98 -12.98 55.12
CA GLU A 431 12.25 -12.24 55.05
C GLU A 431 12.54 -11.92 53.59
N VAL A 432 12.39 -12.93 52.72
CA VAL A 432 12.56 -12.75 51.29
C VAL A 432 11.69 -11.59 50.83
N VAL A 433 10.40 -11.66 51.16
CA VAL A 433 9.45 -10.61 50.79
C VAL A 433 9.85 -9.25 51.35
N THR A 434 10.22 -9.19 52.63
CA THR A 434 10.59 -7.91 53.24
C THR A 434 11.81 -7.33 52.55
N TRP A 435 12.84 -8.14 52.31
CA TRP A 435 14.06 -7.64 51.66
C TRP A 435 13.87 -7.33 50.17
N ALA A 436 13.20 -8.24 49.44
CA ALA A 436 12.91 -8.07 47.99
C ALA A 436 12.00 -6.88 47.67
N GLY A 437 10.88 -6.79 48.40
CA GLY A 437 9.88 -5.74 48.20
C GLY A 437 10.37 -4.31 48.36
N ALA A 438 11.46 -4.13 49.10
CA ALA A 438 12.10 -2.82 49.38
C ALA A 438 13.04 -2.32 48.28
N LEU A 439 13.60 -3.26 47.52
CA LEU A 439 14.62 -2.94 46.51
C LEU A 439 14.05 -2.06 45.40
N PRO A 440 14.89 -1.18 44.80
CA PRO A 440 14.42 -0.40 43.65
C PRO A 440 13.85 -1.29 42.55
N PHE A 441 12.80 -0.80 41.89
CA PHE A 441 12.02 -1.61 40.95
C PHE A 441 11.60 -0.76 39.76
N PRO A 442 12.26 -0.92 38.60
CA PRO A 442 11.78 -0.14 37.47
C PRO A 442 10.38 -0.60 37.09
N MET B 1 19.75 -0.09 39.98
CA MET B 1 20.88 0.37 39.12
C MET B 1 20.45 0.55 37.64
N PHE B 2 19.37 1.30 37.46
CA PHE B 2 18.72 1.52 36.16
C PHE B 2 18.33 2.99 35.98
N ASN B 3 17.99 3.36 34.75
CA ASN B 3 17.50 4.71 34.40
C ASN B 3 15.97 4.81 34.30
N ASN B 4 15.35 5.49 35.25
CA ASN B 4 13.89 5.58 35.30
C ASN B 4 13.30 6.74 34.49
N GLU B 5 14.15 7.48 33.78
CA GLU B 5 13.73 8.66 33.01
C GLU B 5 12.76 8.27 31.87
N PRO B 6 11.70 9.08 31.63
CA PRO B 6 10.83 8.80 30.48
C PRO B 6 11.51 8.88 29.13
N LEU B 7 10.86 8.29 28.13
CA LEU B 7 11.37 8.16 26.77
C LEU B 7 11.81 9.49 26.13
N GLU B 8 11.02 10.54 26.36
CA GLU B 8 11.36 11.87 25.86
C GLU B 8 12.72 12.35 26.36
N GLN B 9 12.97 12.14 27.66
CA GLN B 9 14.25 12.49 28.27
C GLN B 9 15.36 11.56 27.82
N ILE B 10 15.16 10.25 28.02
CA ILE B 10 16.20 9.23 27.79
C ILE B 10 16.61 9.06 26.33
N ASP B 11 15.67 9.16 25.41
CA ASP B 11 15.96 9.00 23.98
C ASP B 11 15.12 9.98 23.19
N LYS B 12 15.56 11.24 23.18
CA LYS B 12 14.86 12.34 22.51
C LYS B 12 14.85 12.08 21.01
N GLU B 13 15.94 11.51 20.49
CA GLU B 13 16.05 11.21 19.05
C GLU B 13 14.92 10.29 18.55
N LEU B 14 14.71 9.19 19.27
CA LEU B 14 13.69 8.19 18.92
C LEU B 14 12.27 8.71 19.13
N HIS B 15 12.07 9.40 20.26
CA HIS B 15 10.77 9.92 20.68
C HIS B 15 10.20 10.94 19.70
N ASP B 16 11.07 11.63 18.97
CA ASP B 16 10.59 12.59 17.95
C ASP B 16 10.08 11.87 16.70
N ILE B 17 10.79 10.83 16.29
CA ILE B 17 10.40 10.03 15.14
C ILE B 17 9.09 9.33 15.41
N LEU B 18 8.97 8.73 16.58
CA LEU B 18 7.72 8.08 16.98
C LEU B 18 6.57 9.09 17.02
N ALA B 19 6.85 10.30 17.49
CA ALA B 19 5.86 11.40 17.48
C ALA B 19 5.45 11.82 16.06
N ASP B 20 6.43 11.76 15.15
CA ASP B 20 6.16 11.96 13.72
C ASP B 20 5.30 10.86 13.14
N GLU B 21 5.67 9.61 13.46
CA GLU B 21 4.87 8.44 13.07
C GLU B 21 3.45 8.61 13.49
N GLU B 22 3.24 9.00 14.75
CA GLU B 22 1.91 9.24 15.28
C GLU B 22 1.15 10.24 14.39
N LYS B 23 1.83 11.31 13.99
CA LYS B 23 1.24 12.38 13.18
C LYS B 23 0.84 11.88 11.78
N ARG B 24 1.71 11.10 11.15
CA ARG B 24 1.40 10.52 9.85
C ARG B 24 0.17 9.59 9.91
N GLN B 25 0.06 8.77 10.97
CA GLN B 25 -1.10 7.89 11.15
C GLN B 25 -2.42 8.67 11.32
N ARG B 26 -2.37 9.66 12.17
CA ARG B 26 -3.50 10.52 12.44
C ARG B 26 -3.93 11.30 11.18
N GLU B 27 -2.99 11.61 10.28
CA GLU B 27 -3.26 12.43 9.10
C GLU B 27 -3.32 11.64 7.78
N THR B 28 -3.58 10.33 7.85
CA THR B 28 -3.57 9.47 6.65
C THR B 28 -4.94 8.82 6.50
N ILE B 29 -5.39 8.70 5.25
CA ILE B 29 -6.48 7.81 4.89
C ILE B 29 -5.86 6.44 4.65
N ASN B 30 -5.97 5.58 5.66
CA ASN B 30 -5.32 4.29 5.66
C ASN B 30 -6.25 3.23 5.08
N LEU B 31 -6.03 2.91 3.81
CA LEU B 31 -6.79 1.85 3.16
C LEU B 31 -6.06 0.51 3.13
N ILE B 32 -5.04 0.31 3.98
CA ILE B 32 -4.34 -0.99 4.00
C ILE B 32 -5.30 -1.99 4.62
N ALA B 33 -5.59 -3.06 3.89
CA ALA B 33 -6.68 -3.97 4.28
C ALA B 33 -6.33 -4.77 5.53
N SER B 34 -5.04 -4.99 5.75
CA SER B 34 -4.49 -5.70 6.89
C SER B 34 -4.10 -4.85 8.08
N GLU B 35 -4.34 -3.53 8.02
CA GLU B 35 -4.01 -2.63 9.15
C GLU B 35 -5.24 -2.20 9.92
N ASN B 36 -5.00 -1.82 11.16
CA ASN B 36 -6.03 -1.30 12.07
C ASN B 36 -5.35 -0.41 13.10
N LEU B 37 -6.11 0.08 14.07
CA LEU B 37 -5.56 0.88 15.14
C LEU B 37 -6.01 0.35 16.48
N THR B 38 -5.03 -0.05 17.28
CA THR B 38 -5.26 -0.57 18.63
C THR B 38 -5.72 0.53 19.54
N ASN B 39 -6.51 0.16 20.54
CA ASN B 39 -6.91 1.08 21.62
C ASN B 39 -5.82 1.15 22.68
N GLY B 40 -5.99 2.05 23.64
CA GLY B 40 -4.98 2.27 24.67
C GLY B 40 -4.83 1.06 25.58
N ALA B 41 -5.92 0.35 25.86
CA ALA B 41 -5.89 -0.82 26.75
C ALA B 41 -5.07 -1.97 26.22
N VAL B 42 -5.10 -2.17 24.91
CA VAL B 42 -4.29 -3.19 24.28
C VAL B 42 -2.82 -2.80 24.34
N ARG B 43 -2.54 -1.54 24.10
CA ARG B 43 -1.19 -1.02 24.27
C ARG B 43 -0.65 -0.93 25.73
N GLU B 44 -1.52 -0.83 26.73
CA GLU B 44 -1.15 -0.99 28.14
C GLU B 44 -0.67 -2.40 28.47
N CYS B 45 -1.36 -3.40 27.92
CA CYS B 45 -0.95 -4.78 28.05
C CYS B 45 0.39 -5.05 27.39
N LEU B 46 0.59 -4.50 26.18
CA LEU B 46 1.85 -4.67 25.45
C LEU B 46 3.06 -4.04 26.15
N GLY B 47 2.87 -2.93 26.86
CA GLY B 47 3.94 -2.34 27.66
C GLY B 47 3.94 -2.80 29.10
N ASN B 48 3.15 -3.83 29.43
CA ASN B 48 3.10 -4.35 30.80
C ASN B 48 4.40 -5.09 31.15
N ARG B 49 4.76 -5.07 32.42
CA ARG B 49 5.92 -5.83 32.93
C ARG B 49 5.75 -7.34 32.88
N VAL B 50 4.59 -7.83 32.51
CA VAL B 50 4.39 -9.28 32.31
C VAL B 50 5.40 -9.95 31.34
N SER B 51 5.93 -9.19 30.38
CA SER B 51 7.03 -9.62 29.46
C SER B 51 8.40 -9.91 30.11
N ASN B 52 8.61 -9.43 31.32
CA ASN B 52 9.77 -9.81 32.11
C ASN B 52 9.85 -11.29 32.43
N LYS B 53 8.72 -12.02 32.37
CA LYS B 53 8.66 -13.41 32.82
C LYS B 53 8.92 -14.45 31.71
N TYR B 54 9.78 -15.42 32.03
CA TYR B 54 10.04 -16.59 31.17
C TYR B 54 9.07 -17.72 31.49
N SER B 55 8.24 -18.13 30.52
CA SER B 55 7.16 -19.13 30.72
C SER B 55 7.16 -20.21 29.68
N GLU B 56 8.33 -20.70 29.33
CA GLU B 56 8.43 -21.82 28.42
C GLU B 56 7.56 -22.95 28.91
N GLY B 57 6.79 -23.50 28.00
CA GLY B 57 5.90 -24.61 28.32
C GLY B 57 4.47 -24.13 28.23
N TYR B 58 3.57 -24.85 28.90
CA TYR B 58 2.13 -24.52 28.89
C TYR B 58 1.57 -24.34 30.28
N PRO B 59 0.33 -23.79 30.40
CA PRO B 59 -0.27 -23.60 31.73
C PRO B 59 -0.26 -24.88 32.56
N LYS B 60 0.20 -24.80 33.81
CA LYS B 60 0.35 -25.97 34.72
C LYS B 60 1.39 -27.00 34.29
N LYS B 61 2.16 -26.71 33.24
CA LYS B 61 3.18 -27.61 32.70
C LYS B 61 4.33 -26.73 32.22
N ARG B 62 4.89 -26.03 33.19
CA ARG B 62 5.88 -25.00 32.96
C ARG B 62 7.21 -25.57 33.42
N TYR B 63 8.26 -25.19 32.71
CA TYR B 63 9.63 -25.53 33.11
C TYR B 63 10.06 -24.77 34.36
N TYR B 64 9.62 -23.50 34.51
CA TYR B 64 9.93 -22.71 35.72
C TYR B 64 8.69 -22.49 36.58
N GLY B 65 8.90 -22.25 37.86
CA GLY B 65 7.82 -21.81 38.75
C GLY B 65 7.61 -20.30 38.71
N GLY B 66 6.88 -19.81 39.69
CA GLY B 66 6.44 -18.41 39.70
C GLY B 66 5.59 -18.00 38.50
N ASN B 67 4.88 -18.96 37.90
CA ASN B 67 4.09 -18.74 36.69
C ASN B 67 2.57 -18.86 36.93
N ASP B 68 2.12 -18.45 38.12
CA ASP B 68 0.74 -18.72 38.53
C ASP B 68 -0.17 -17.71 37.89
N PHE B 69 0.25 -16.45 37.91
CA PHE B 69 -0.48 -15.37 37.29
C PHE B 69 -0.37 -15.41 35.76
N ILE B 70 0.79 -15.85 35.26
CA ILE B 70 0.99 -16.04 33.84
C ILE B 70 0.06 -17.13 33.31
N ASP B 71 -0.09 -18.20 34.08
CA ASP B 71 -0.98 -19.29 33.72
C ASP B 71 -2.43 -18.82 33.66
N LYS B 72 -2.83 -18.02 34.63
CA LYS B 72 -4.16 -17.42 34.64
C LYS B 72 -4.44 -16.62 33.38
N ILE B 73 -3.45 -15.84 32.93
CA ILE B 73 -3.57 -15.04 31.72
C ILE B 73 -3.60 -15.92 30.45
N GLU B 74 -2.72 -16.92 30.35
CA GLU B 74 -2.67 -17.76 29.13
C GLU B 74 -3.95 -18.55 29.04
N GLU B 75 -4.46 -19.03 30.18
CA GLU B 75 -5.74 -19.81 30.24
C GLU B 75 -6.93 -18.91 29.90
N LEU B 76 -6.94 -17.71 30.46
CA LEU B 76 -7.98 -16.72 30.14
C LEU B 76 -8.03 -16.36 28.65
N CYS B 77 -6.85 -16.27 28.03
CA CYS B 77 -6.76 -15.92 26.64
C CYS B 77 -7.31 -17.05 25.78
N GLN B 78 -7.03 -18.30 26.15
CA GLN B 78 -7.54 -19.44 25.37
C GLN B 78 -9.07 -19.55 25.47
N LYS B 79 -9.59 -19.32 26.68
CA LYS B 79 -11.03 -19.39 26.94
C LYS B 79 -11.75 -18.32 26.10
N ARG B 80 -11.31 -17.08 26.22
CA ARG B 80 -11.87 -15.98 25.41
C ARG B 80 -11.75 -16.23 23.91
N ALA B 81 -10.66 -16.84 23.47
CA ALA B 81 -10.47 -17.16 22.06
C ALA B 81 -11.51 -18.13 21.55
N LEU B 82 -11.80 -19.12 22.37
CA LEU B 82 -12.67 -20.21 21.96
C LEU B 82 -14.11 -19.72 21.97
N GLU B 83 -14.46 -18.91 22.96
CA GLU B 83 -15.78 -18.29 23.04
C GLU B 83 -16.05 -17.36 21.87
N ALA B 84 -15.07 -16.50 21.57
CA ALA B 84 -15.20 -15.49 20.52
C ALA B 84 -15.43 -16.13 19.15
N PHE B 85 -14.73 -17.22 18.86
CA PHE B 85 -14.95 -17.94 17.62
C PHE B 85 -15.98 -19.08 17.76
N ASN B 86 -16.87 -18.96 18.75
CA ASN B 86 -18.06 -19.83 18.94
C ASN B 86 -17.74 -21.32 18.81
N VAL B 87 -16.80 -21.77 19.63
CA VAL B 87 -16.41 -23.16 19.64
C VAL B 87 -16.32 -23.62 21.07
N SER B 88 -16.70 -24.89 21.27
CA SER B 88 -16.75 -25.51 22.58
C SER B 88 -15.35 -25.99 22.93
N ASP B 89 -14.86 -25.62 24.11
CA ASP B 89 -13.52 -26.05 24.60
C ASP B 89 -13.34 -27.58 24.68
N GLU B 90 -14.45 -28.31 24.62
CA GLU B 90 -14.44 -29.78 24.49
C GLU B 90 -14.13 -30.21 23.05
N GLU B 91 -14.72 -29.54 22.07
CA GLU B 91 -14.47 -29.88 20.66
C GLU B 91 -13.21 -29.24 20.03
N TRP B 92 -12.87 -28.04 20.46
CA TRP B 92 -11.76 -27.27 19.84
C TRP B 92 -10.77 -26.81 20.89
N GLY B 93 -9.49 -27.00 20.60
CA GLY B 93 -8.42 -26.30 21.31
C GLY B 93 -7.83 -25.12 20.53
N VAL B 94 -7.14 -24.26 21.27
CA VAL B 94 -6.40 -23.14 20.69
C VAL B 94 -5.03 -22.95 21.31
N ASN B 95 -4.04 -22.63 20.47
CA ASN B 95 -2.70 -22.20 20.92
C ASN B 95 -2.56 -20.66 20.71
N VAL B 96 -2.22 -19.96 21.78
CA VAL B 96 -2.13 -18.51 21.83
C VAL B 96 -0.68 -18.02 21.86
N GLN B 97 0.28 -18.95 21.77
CA GLN B 97 1.71 -18.56 21.84
C GLN B 97 2.37 -18.05 20.58
N PRO B 98 1.86 -18.37 19.35
CA PRO B 98 2.57 -17.90 18.14
C PRO B 98 2.81 -16.38 18.08
N LEU B 99 4.04 -16.02 17.76
CA LEU B 99 4.46 -14.63 17.80
C LEU B 99 3.87 -13.80 16.69
N SER B 100 3.60 -14.41 15.54
CA SER B 100 2.91 -13.72 14.46
C SER B 100 2.27 -14.71 13.46
N GLY B 101 1.60 -14.15 12.46
CA GLY B 101 0.84 -14.97 11.52
C GLY B 101 1.67 -16.03 10.81
N SER B 102 2.82 -15.59 10.33
CA SER B 102 3.71 -16.43 9.55
C SER B 102 4.25 -17.57 10.40
N ALA B 103 4.71 -17.27 11.59
CA ALA B 103 5.16 -18.28 12.52
C ALA B 103 4.11 -19.38 12.78
N ALA B 104 2.86 -18.95 13.00
CA ALA B 104 1.75 -19.82 13.34
C ALA B 104 1.43 -20.75 12.19
N ASN B 105 1.30 -20.20 10.99
CA ASN B 105 1.14 -21.04 9.79
C ASN B 105 2.26 -22.07 9.64
N VAL B 106 3.52 -21.69 9.81
CA VAL B 106 4.65 -22.62 9.65
C VAL B 106 4.59 -23.72 10.71
N GLN B 107 4.36 -23.31 11.95
CA GLN B 107 4.24 -24.20 13.07
C GLN B 107 3.05 -25.15 12.87
N ALA B 108 1.90 -24.59 12.48
CA ALA B 108 0.69 -25.40 12.27
C ALA B 108 0.87 -26.41 11.13
N LEU B 109 1.44 -25.97 10.00
CA LEU B 109 1.64 -26.86 8.85
C LEU B 109 2.55 -28.00 9.31
N TYR B 110 3.65 -27.64 9.98
CA TYR B 110 4.63 -28.64 10.43
C TYR B 110 3.99 -29.72 11.34
N ALA B 111 3.14 -29.28 12.26
CA ALA B 111 2.38 -30.18 13.13
C ALA B 111 1.59 -31.22 12.33
N LEU B 112 0.92 -30.78 11.27
CA LEU B 112 0.09 -31.66 10.44
C LEU B 112 0.87 -32.59 9.52
N VAL B 113 1.94 -32.10 8.88
CA VAL B 113 2.63 -32.87 7.86
C VAL B 113 4.11 -33.16 8.06
N GLY B 114 4.83 -32.31 8.81
CA GLY B 114 6.24 -32.55 9.07
C GLY B 114 7.11 -32.16 7.89
N VAL B 115 8.41 -32.36 8.01
CA VAL B 115 9.36 -31.95 6.95
C VAL B 115 9.17 -32.84 5.72
N LYS B 116 9.37 -32.24 4.54
CA LYS B 116 9.11 -32.86 3.23
C LYS B 116 7.62 -33.10 2.91
N GLY B 117 6.71 -32.79 3.85
CA GLY B 117 5.29 -33.03 3.66
C GLY B 117 4.66 -32.18 2.56
N LYS B 118 3.59 -32.70 1.98
CA LYS B 118 2.92 -32.12 0.81
C LYS B 118 1.77 -31.17 1.19
N ILE B 119 1.84 -29.93 0.67
CA ILE B 119 0.77 -28.94 0.92
C ILE B 119 0.28 -28.21 -0.33
N MET B 120 -0.97 -27.78 -0.28
CA MET B 120 -1.55 -27.01 -1.37
C MET B 120 -2.00 -25.68 -0.82
N GLY B 121 -1.66 -24.62 -1.52
CA GLY B 121 -2.21 -23.30 -1.22
C GLY B 121 -2.46 -22.47 -2.45
N MET B 122 -3.08 -21.30 -2.24
CA MET B 122 -3.27 -20.34 -3.32
C MET B 122 -1.98 -19.58 -3.58
N HIS B 123 -1.65 -19.43 -4.86
CA HIS B 123 -0.48 -18.68 -5.33
C HIS B 123 -0.52 -17.27 -4.74
N LEU B 124 0.65 -16.73 -4.43
CA LEU B 124 0.79 -15.37 -3.89
C LEU B 124 0.14 -14.35 -4.84
N CYS B 125 0.46 -14.49 -6.12
CA CYS B 125 -0.09 -13.63 -7.18
C CYS B 125 -1.63 -13.72 -7.36
N SER B 126 -2.23 -14.85 -7.00
CA SER B 126 -3.67 -15.01 -7.02
C SER B 126 -4.31 -14.57 -5.71
N GLY B 127 -3.52 -14.31 -4.68
CA GLY B 127 -4.04 -13.76 -3.43
C GLY B 127 -3.82 -14.58 -2.18
N GLY B 128 -3.03 -15.66 -2.26
CA GLY B 128 -2.65 -16.40 -1.09
C GLY B 128 -1.47 -15.75 -0.39
N HIS B 129 -1.18 -16.23 0.82
CA HIS B 129 -0.06 -15.75 1.58
C HIS B 129 1.23 -16.44 1.21
N LEU B 130 2.32 -15.76 1.56
CA LEU B 130 3.67 -16.30 1.45
C LEU B 130 3.81 -17.64 2.15
N THR B 131 3.26 -17.74 3.36
CA THR B 131 3.29 -18.98 4.17
C THR B 131 2.34 -20.09 3.68
N HIS B 132 1.67 -19.89 2.54
CA HIS B 132 0.85 -20.93 1.93
C HIS B 132 1.60 -21.70 0.85
N GLY B 133 2.92 -21.73 0.93
CA GLY B 133 3.73 -22.52 0.02
C GLY B 133 4.29 -21.75 -1.16
N PHE B 134 4.38 -20.43 -1.05
CA PHE B 134 4.79 -19.63 -2.18
C PHE B 134 6.22 -19.94 -2.61
N PHE B 135 6.40 -20.17 -3.91
CA PHE B 135 7.73 -20.22 -4.51
C PHE B 135 7.76 -19.63 -5.91
N ASP B 136 8.97 -19.55 -6.44
CA ASP B 136 9.28 -19.00 -7.75
C ASP B 136 10.13 -20.02 -8.49
N GLU B 137 10.13 -19.97 -9.82
CA GLU B 137 11.07 -20.81 -10.60
C GLU B 137 12.50 -20.54 -10.12
N LYS B 138 12.77 -19.24 -9.90
CA LYS B 138 14.08 -18.76 -9.43
C LYS B 138 14.49 -19.30 -8.04
N LYS B 139 13.53 -19.41 -7.12
CA LYS B 139 13.84 -19.73 -5.71
C LYS B 139 12.63 -20.21 -4.87
N LYS B 140 12.90 -21.09 -3.91
CA LYS B 140 11.93 -21.41 -2.85
C LYS B 140 11.86 -20.23 -1.89
N VAL B 141 10.89 -19.36 -2.11
CA VAL B 141 10.88 -18.01 -1.50
C VAL B 141 10.46 -18.09 -0.03
N SER B 142 9.40 -18.85 0.24
CA SER B 142 8.93 -19.05 1.59
C SER B 142 9.47 -20.39 2.10
N ILE B 143 9.72 -20.45 3.42
CA ILE B 143 10.08 -21.72 4.05
C ILE B 143 9.00 -22.76 3.82
N THR B 144 7.75 -22.33 3.66
CA THR B 144 6.65 -23.24 3.38
C THR B 144 6.69 -23.93 2.04
N SER B 145 7.55 -23.49 1.13
CA SER B 145 7.81 -24.23 -0.11
C SER B 145 9.08 -25.04 -0.07
N ASP B 146 9.89 -24.85 0.97
CA ASP B 146 11.21 -25.47 1.09
C ASP B 146 11.24 -26.58 2.16
N MET B 147 10.66 -26.33 3.33
CA MET B 147 10.60 -27.36 4.34
C MET B 147 9.45 -28.33 4.02
N PHE B 148 8.48 -27.88 3.21
CA PHE B 148 7.41 -28.69 2.67
C PHE B 148 7.52 -28.71 1.14
N GLU B 149 6.77 -29.60 0.50
CA GLU B 149 6.65 -29.62 -0.96
C GLU B 149 5.26 -29.06 -1.25
N SER B 150 5.20 -27.96 -2.00
CA SER B 150 3.93 -27.26 -2.21
C SER B 150 3.47 -27.18 -3.66
N LYS B 151 2.17 -27.26 -3.86
CA LYS B 151 1.56 -26.97 -5.16
C LYS B 151 0.65 -25.77 -4.94
N LEU B 152 0.58 -24.90 -5.94
CA LEU B 152 -0.17 -23.67 -5.83
C LEU B 152 -1.31 -23.62 -6.84
N TYR B 153 -2.53 -23.45 -6.34
CA TYR B 153 -3.70 -23.28 -7.19
C TYR B 153 -4.00 -21.80 -7.44
N LYS B 154 -4.81 -21.56 -8.46
CA LYS B 154 -5.06 -20.22 -8.95
C LYS B 154 -6.54 -19.93 -8.98
N CYS B 155 -6.84 -18.65 -9.05
CA CYS B 155 -8.19 -18.18 -9.23
C CYS B 155 -8.43 -18.17 -10.73
N ASN B 156 -9.70 -18.16 -11.12
CA ASN B 156 -10.10 -18.07 -12.54
C ASN B 156 -9.97 -16.64 -13.06
N SER B 157 -10.34 -16.45 -14.32
CA SER B 157 -10.23 -15.16 -15.02
C SER B 157 -11.04 -14.00 -14.38
N GLN B 158 -12.13 -14.34 -13.69
CA GLN B 158 -12.94 -13.37 -13.01
C GLN B 158 -12.55 -13.13 -11.55
N GLY B 159 -11.42 -13.69 -11.11
CA GLY B 159 -10.94 -13.53 -9.70
C GLY B 159 -11.53 -14.42 -8.59
N TYR B 160 -12.22 -15.48 -8.97
CA TYR B 160 -12.80 -16.39 -8.00
C TYR B 160 -11.92 -17.62 -7.88
N VAL B 161 -11.93 -18.22 -6.68
CA VAL B 161 -11.31 -19.52 -6.46
C VAL B 161 -11.96 -20.56 -7.38
N ASP B 162 -11.14 -21.25 -8.16
CA ASP B 162 -11.64 -22.23 -9.13
C ASP B 162 -11.57 -23.60 -8.51
N LEU B 163 -12.66 -24.02 -7.88
CA LEU B 163 -12.69 -25.31 -7.16
C LEU B 163 -12.47 -26.53 -8.02
N ASP B 164 -12.91 -26.52 -9.26
CA ASP B 164 -12.66 -27.64 -10.18
C ASP B 164 -11.16 -27.84 -10.39
N ALA B 165 -10.43 -26.75 -10.60
CA ALA B 165 -8.96 -26.79 -10.72
C ALA B 165 -8.28 -27.25 -9.42
N VAL B 166 -8.83 -26.85 -8.27
CA VAL B 166 -8.34 -27.30 -6.95
C VAL B 166 -8.48 -28.82 -6.77
N ARG B 167 -9.64 -29.38 -7.13
CA ARG B 167 -9.87 -30.84 -7.06
C ARG B 167 -8.93 -31.58 -7.99
N GLU B 168 -8.85 -31.11 -9.24
CA GLU B 168 -7.95 -31.71 -10.24
C GLU B 168 -6.55 -31.81 -9.69
N MET B 169 -6.07 -30.71 -9.15
CA MET B 169 -4.71 -30.60 -8.65
C MET B 169 -4.53 -31.47 -7.39
N ALA B 170 -5.49 -31.40 -6.46
CA ALA B 170 -5.48 -32.24 -5.27
C ALA B 170 -5.44 -33.77 -5.58
N LEU B 171 -6.13 -34.20 -6.64
CA LEU B 171 -6.21 -35.62 -7.02
C LEU B 171 -4.93 -36.15 -7.67
N SER B 172 -4.25 -35.35 -8.48
CA SER B 172 -2.89 -35.72 -8.98
C SER B 172 -1.79 -35.55 -7.93
N PHE B 173 -1.88 -34.48 -7.14
CA PHE B 173 -0.84 -34.12 -6.17
C PHE B 173 -0.90 -34.89 -4.85
N LYS B 174 -2.11 -35.19 -4.36
CA LYS B 174 -2.29 -36.00 -3.16
C LYS B 174 -1.66 -35.32 -1.93
N PRO B 175 -2.05 -34.07 -1.64
CA PRO B 175 -1.45 -33.39 -0.50
C PRO B 175 -2.06 -33.78 0.83
N LYS B 176 -1.29 -33.63 1.90
CA LYS B 176 -1.80 -33.87 3.26
C LYS B 176 -2.52 -32.68 3.85
N VAL B 177 -2.16 -31.45 3.44
CA VAL B 177 -2.91 -30.25 3.83
C VAL B 177 -3.29 -29.41 2.60
N ILE B 178 -4.51 -28.90 2.63
CA ILE B 178 -4.98 -27.93 1.66
C ILE B 178 -5.36 -26.69 2.42
N ILE B 179 -4.76 -25.56 2.06
CA ILE B 179 -4.99 -24.30 2.72
C ILE B 179 -5.98 -23.42 1.94
N CYS B 180 -6.86 -22.74 2.67
CA CYS B 180 -7.73 -21.74 2.10
C CYS B 180 -7.86 -20.63 3.13
N GLY B 181 -8.52 -19.54 2.73
CA GLY B 181 -8.49 -18.28 3.49
C GLY B 181 -7.25 -17.49 3.05
N TYR B 182 -7.42 -16.23 2.70
CA TYR B 182 -6.42 -15.57 1.87
C TYR B 182 -5.95 -14.19 2.34
N THR B 183 -4.98 -13.64 1.60
CA THR B 183 -4.43 -12.33 1.98
C THR B 183 -5.09 -11.20 1.20
N SER B 184 -5.43 -11.41 -0.08
CA SER B 184 -6.20 -10.42 -0.88
C SER B 184 -7.31 -11.07 -1.67
N TYR B 185 -8.32 -11.53 -0.98
CA TYR B 185 -9.44 -12.17 -1.65
C TYR B 185 -10.70 -11.42 -1.23
N PRO B 186 -11.38 -10.81 -2.22
CA PRO B 186 -12.52 -9.95 -1.93
C PRO B 186 -13.86 -10.65 -1.67
N ARG B 187 -13.90 -11.98 -1.75
CA ARG B 187 -15.17 -12.72 -1.55
C ARG B 187 -15.05 -13.78 -0.45
N ASP B 188 -16.21 -14.28 -0.02
CA ASP B 188 -16.25 -15.37 0.95
C ASP B 188 -15.77 -16.70 0.32
N ILE B 189 -15.47 -17.64 1.20
CA ILE B 189 -14.94 -18.93 0.83
C ILE B 189 -16.00 -19.99 1.08
N ASP B 190 -16.09 -20.94 0.16
CA ASP B 190 -16.94 -22.12 0.35
C ASP B 190 -16.13 -23.23 1.03
N TYR B 191 -16.20 -23.27 2.36
CA TYR B 191 -15.38 -24.20 3.14
C TYR B 191 -15.91 -25.61 2.98
N GLN B 192 -17.24 -25.74 2.94
CA GLN B 192 -17.90 -27.03 2.69
C GLN B 192 -17.34 -27.77 1.47
N GLN B 193 -17.15 -27.06 0.37
CA GLN B 193 -16.57 -27.68 -0.81
C GLN B 193 -15.09 -28.01 -0.67
N PHE B 194 -14.37 -27.20 0.10
CA PHE B 194 -12.98 -27.51 0.38
C PHE B 194 -12.86 -28.79 1.19
N ARG B 195 -13.67 -28.90 2.23
CA ARG B 195 -13.82 -30.10 3.06
C ARG B 195 -14.12 -31.37 2.24
N GLN B 196 -15.04 -31.26 1.29
CA GLN B 196 -15.39 -32.35 0.37
C GLN B 196 -14.17 -32.84 -0.42
N ILE B 197 -13.41 -31.89 -0.99
CA ILE B 197 -12.17 -32.24 -1.71
C ILE B 197 -11.11 -32.86 -0.79
N CYS B 198 -11.00 -32.33 0.43
CA CYS B 198 -10.01 -32.81 1.36
C CYS B 198 -10.31 -34.25 1.75
N ASP B 199 -11.54 -34.52 2.20
CA ASP B 199 -12.07 -35.88 2.46
C ASP B 199 -11.81 -36.87 1.30
N GLU B 200 -11.96 -36.39 0.07
CA GLU B 200 -11.81 -37.21 -1.13
C GLU B 200 -10.36 -37.63 -1.39
N VAL B 201 -9.42 -36.87 -0.86
CA VAL B 201 -7.99 -37.20 -0.98
C VAL B 201 -7.30 -37.43 0.40
N ASN B 202 -8.10 -37.47 1.47
CA ASN B 202 -7.63 -37.68 2.84
C ASN B 202 -6.58 -36.62 3.29
N ALA B 203 -6.95 -35.35 3.08
CA ALA B 203 -6.11 -34.21 3.43
C ALA B 203 -6.73 -33.42 4.56
N TYR B 204 -5.88 -32.72 5.30
CA TYR B 204 -6.35 -31.76 6.26
C TYR B 204 -6.88 -30.50 5.56
N LEU B 205 -7.92 -29.91 6.13
CA LEU B 205 -8.44 -28.61 5.70
C LEU B 205 -7.95 -27.54 6.66
N PHE B 206 -7.17 -26.60 6.13
CA PHE B 206 -6.52 -25.53 6.90
C PHE B 206 -7.15 -24.22 6.44
N ALA B 207 -7.78 -23.49 7.35
CA ALA B 207 -8.37 -22.20 7.02
C ALA B 207 -7.62 -21.04 7.68
N ASP B 208 -6.97 -20.20 6.86
CA ASP B 208 -6.28 -19.00 7.35
C ASP B 208 -7.23 -17.84 7.23
N ILE B 209 -7.79 -17.38 8.35
CA ILE B 209 -8.85 -16.37 8.33
C ILE B 209 -8.42 -15.00 8.91
N SER B 210 -7.10 -14.74 8.87
CA SER B 210 -6.51 -13.51 9.41
C SER B 210 -7.14 -12.21 8.94
N HIS B 211 -7.48 -12.17 7.66
CA HIS B 211 -8.11 -11.01 7.05
C HIS B 211 -9.60 -10.84 7.39
N ILE B 212 -10.28 -11.96 7.64
CA ILE B 212 -11.73 -11.95 7.83
C ILE B 212 -12.17 -12.39 9.23
N SER B 213 -11.21 -12.52 10.16
CA SER B 213 -11.46 -13.19 11.44
C SER B 213 -12.71 -12.67 12.15
N SER B 214 -12.88 -11.36 12.18
CA SER B 214 -14.01 -10.71 12.81
C SER B 214 -15.32 -11.12 12.19
N PHE B 215 -15.30 -11.42 10.90
CA PHE B 215 -16.49 -11.84 10.19
C PHE B 215 -16.88 -13.27 10.57
N VAL B 216 -15.88 -14.12 10.77
CA VAL B 216 -16.11 -15.49 11.14
C VAL B 216 -16.66 -15.53 12.56
N ALA B 217 -16.08 -14.72 13.41
CA ALA B 217 -16.42 -14.67 14.81
C ALA B 217 -17.80 -14.10 15.09
N CYS B 218 -18.24 -13.16 14.27
CA CYS B 218 -19.51 -12.48 14.50
C CYS B 218 -20.67 -13.08 13.69
N ASN B 219 -20.43 -14.23 13.02
CA ASN B 219 -21.46 -14.94 12.24
C ASN B 219 -22.04 -14.11 11.08
N ILE B 220 -21.16 -13.34 10.44
CA ILE B 220 -21.51 -12.52 9.29
C ILE B 220 -21.13 -13.25 8.00
N LEU B 221 -20.04 -14.00 8.00
CA LEU B 221 -19.61 -14.77 6.83
C LEU B 221 -19.59 -16.26 7.17
N ASN B 222 -19.37 -17.10 6.15
CA ASN B 222 -19.24 -18.56 6.38
C ASN B 222 -18.28 -18.91 7.52
N ASN B 223 -18.62 -20.00 8.21
CA ASN B 223 -17.92 -20.41 9.39
C ASN B 223 -17.04 -21.59 9.03
N PRO B 224 -15.72 -21.42 9.09
CA PRO B 224 -14.88 -22.54 8.69
C PRO B 224 -14.73 -23.56 9.83
N PHE B 225 -15.10 -23.18 11.06
CA PHE B 225 -15.04 -24.10 12.19
C PHE B 225 -15.96 -25.30 11.99
N LEU B 226 -17.04 -25.13 11.21
CA LEU B 226 -17.92 -26.25 10.87
C LEU B 226 -17.24 -27.29 9.99
N HIS B 227 -16.19 -26.93 9.26
CA HIS B 227 -15.53 -27.85 8.33
C HIS B 227 -14.01 -28.04 8.47
N ALA B 228 -13.31 -27.15 9.17
CA ALA B 228 -11.83 -27.16 9.20
C ALA B 228 -11.14 -27.97 10.34
N ASP B 229 -10.08 -28.68 9.97
CA ASP B 229 -9.22 -29.32 10.97
C ASP B 229 -8.36 -28.33 11.74
N VAL B 230 -7.85 -27.31 11.05
CA VAL B 230 -7.09 -26.25 11.68
C VAL B 230 -7.55 -24.89 11.20
N VAL B 231 -7.71 -23.94 12.11
CA VAL B 231 -7.94 -22.55 11.73
C VAL B 231 -6.88 -21.65 12.37
N THR B 232 -6.16 -20.88 11.56
CA THR B 232 -5.19 -19.88 12.06
C THR B 232 -5.71 -18.48 11.80
N THR B 233 -5.33 -17.56 12.68
CA THR B 233 -5.62 -16.17 12.47
C THR B 233 -4.61 -15.27 13.18
N THR B 234 -4.24 -14.17 12.52
CA THR B 234 -3.55 -13.10 13.18
C THR B 234 -4.54 -12.38 14.06
N THR B 235 -4.05 -11.65 15.05
CA THR B 235 -4.91 -10.84 15.92
C THR B 235 -4.80 -9.35 15.62
N HIS B 236 -3.99 -8.95 14.62
CA HIS B 236 -3.70 -7.51 14.39
C HIS B 236 -4.46 -6.84 13.25
N LYS B 237 -5.21 -7.60 12.45
CA LYS B 237 -5.90 -6.99 11.34
C LYS B 237 -7.30 -6.53 11.76
N ILE B 238 -8.33 -7.11 11.13
CA ILE B 238 -9.73 -6.72 11.38
C ILE B 238 -10.14 -7.04 12.81
N LEU B 239 -9.43 -7.99 13.44
CA LEU B 239 -9.62 -8.31 14.85
C LEU B 239 -9.25 -7.17 15.79
N ARG B 240 -8.30 -6.34 15.35
CA ARG B 240 -7.95 -5.10 16.04
C ARG B 240 -7.11 -5.38 17.30
N GLY B 241 -6.48 -6.54 17.36
CA GLY B 241 -5.60 -6.85 18.49
C GLY B 241 -4.17 -6.39 18.32
N PRO B 242 -3.27 -6.94 19.16
CA PRO B 242 -1.84 -6.73 18.98
C PRO B 242 -1.33 -7.59 17.84
N ARG B 243 -0.06 -7.49 17.53
CA ARG B 243 0.56 -8.36 16.54
C ARG B 243 0.89 -9.73 17.16
N SER B 244 -0.01 -10.68 16.91
CA SER B 244 0.15 -12.03 17.40
C SER B 244 -0.68 -12.92 16.52
N ALA B 245 -0.67 -14.21 16.81
CA ALA B 245 -1.54 -15.15 16.13
C ALA B 245 -2.13 -16.21 17.06
N LEU B 246 -3.23 -16.79 16.59
CA LEU B 246 -3.90 -17.93 17.22
C LEU B 246 -3.83 -19.13 16.27
N ILE B 247 -3.72 -20.33 16.85
CA ILE B 247 -3.88 -21.58 16.11
C ILE B 247 -5.00 -22.42 16.75
N PHE B 248 -6.04 -22.69 15.96
CA PHE B 248 -7.14 -23.55 16.35
C PHE B 248 -6.98 -24.94 15.69
N PHE B 249 -7.26 -25.97 16.47
CA PHE B 249 -7.22 -27.35 15.98
C PHE B 249 -8.49 -28.03 16.48
N ASN B 250 -9.14 -28.82 15.62
CA ASN B 250 -10.32 -29.60 16.01
C ASN B 250 -9.94 -30.98 16.57
N LYS B 251 -10.07 -31.11 17.89
CA LYS B 251 -9.68 -32.34 18.60
C LYS B 251 -10.60 -33.48 18.24
N LYS B 252 -11.90 -33.19 18.25
CA LYS B 252 -12.95 -34.16 17.93
C LYS B 252 -12.78 -34.79 16.55
N ARG B 253 -12.37 -34.02 15.56
CA ARG B 253 -12.12 -34.57 14.23
C ARG B 253 -10.78 -35.33 14.17
N ASN B 254 -9.78 -34.85 14.89
CA ASN B 254 -8.44 -35.46 14.89
C ASN B 254 -7.97 -35.72 16.32
N PRO B 255 -7.89 -37.00 16.74
CA PRO B 255 -7.29 -37.23 18.06
C PRO B 255 -5.77 -37.09 17.96
N GLY B 256 -5.16 -36.62 19.03
CA GLY B 256 -3.71 -36.37 19.06
C GLY B 256 -3.19 -35.10 18.37
N ILE B 257 -4.10 -34.27 17.83
CA ILE B 257 -3.70 -33.03 17.18
C ILE B 257 -3.23 -31.99 18.19
N GLU B 258 -3.84 -31.95 19.37
CA GLU B 258 -3.47 -30.99 20.42
C GLU B 258 -1.99 -31.03 20.78
N GLN B 259 -1.50 -32.21 21.11
CA GLN B 259 -0.08 -32.43 21.39
C GLN B 259 0.81 -31.98 20.20
N LYS B 260 0.44 -32.40 19.00
CA LYS B 260 1.16 -32.10 17.76
C LYS B 260 1.35 -30.62 17.50
N ILE B 261 0.24 -29.88 17.63
CA ILE B 261 0.22 -28.44 17.47
C ILE B 261 0.94 -27.77 18.62
N ASN B 262 0.68 -28.20 19.84
CA ASN B 262 1.28 -27.58 21.00
C ASN B 262 2.77 -27.75 21.03
N SER B 263 3.29 -28.91 20.62
CA SER B 263 4.75 -29.15 20.61
C SER B 263 5.45 -28.47 19.43
N ALA B 264 4.77 -28.36 18.29
CA ALA B 264 5.24 -27.60 17.15
C ALA B 264 5.57 -26.14 17.48
N VAL B 265 4.69 -25.46 18.21
CA VAL B 265 4.93 -24.10 18.67
C VAL B 265 6.08 -24.10 19.68
N PHE B 266 5.95 -24.93 20.73
CA PHE B 266 7.05 -25.13 21.68
C PHE B 266 7.20 -26.60 22.06
N PRO B 267 8.39 -27.19 21.95
CA PRO B 267 9.67 -26.51 21.70
C PRO B 267 10.19 -26.62 20.28
N SER B 268 9.37 -27.02 19.33
CA SER B 268 9.89 -27.23 17.99
C SER B 268 10.40 -25.90 17.38
N PHE B 269 9.61 -24.84 17.51
CA PHE B 269 9.86 -23.57 16.80
C PHE B 269 10.18 -22.40 17.73
N GLN B 270 9.36 -22.17 18.73
CA GLN B 270 9.60 -21.06 19.64
C GLN B 270 10.24 -21.47 20.95
N GLY B 271 10.75 -20.47 21.66
CA GLY B 271 11.20 -20.60 23.04
C GLY B 271 10.14 -19.95 23.93
N GLY B 272 10.55 -18.96 24.71
CA GLY B 272 9.63 -18.33 25.65
C GLY B 272 8.46 -17.62 24.96
N PRO B 273 7.24 -17.74 25.53
CA PRO B 273 6.17 -16.91 25.06
C PRO B 273 6.34 -15.44 25.48
N HIS B 274 5.69 -14.58 24.70
CA HIS B 274 5.73 -13.16 24.98
C HIS B 274 4.45 -12.84 25.67
N ASN B 275 4.55 -12.72 26.99
CA ASN B 275 3.37 -12.62 27.84
C ASN B 275 2.59 -11.33 27.68
N ASN B 276 3.28 -10.25 27.33
CA ASN B 276 2.59 -8.98 27.03
C ASN B 276 1.66 -9.13 25.82
N LYS B 277 2.12 -9.88 24.83
CA LYS B 277 1.30 -10.17 23.67
C LYS B 277 0.03 -10.89 24.07
N ILE B 278 0.21 -11.93 24.86
CA ILE B 278 -0.87 -12.79 25.30
C ILE B 278 -1.89 -11.98 26.15
N ALA B 279 -1.40 -11.15 27.07
CA ALA B 279 -2.27 -10.26 27.81
C ALA B 279 -3.09 -9.36 26.87
N ALA B 280 -2.44 -8.79 25.84
CA ALA B 280 -3.11 -7.86 24.91
C ALA B 280 -4.14 -8.57 24.07
N VAL B 281 -3.80 -9.77 23.63
CA VAL B 281 -4.73 -10.60 22.88
C VAL B 281 -5.93 -10.93 23.75
N ALA B 282 -5.70 -11.28 25.02
CA ALA B 282 -6.80 -11.52 25.96
C ALA B 282 -7.66 -10.27 26.06
N CYS B 283 -7.02 -9.12 26.21
CA CYS B 283 -7.73 -7.87 26.26
C CYS B 283 -8.68 -7.61 25.07
N GLN B 284 -8.21 -7.93 23.87
CA GLN B 284 -9.00 -7.73 22.67
C GLN B 284 -10.08 -8.79 22.48
N LEU B 285 -9.83 -10.01 22.92
CA LEU B 285 -10.83 -11.06 22.78
C LEU B 285 -12.07 -10.79 23.66
N LYS B 286 -11.92 -10.09 24.77
CA LYS B 286 -13.09 -9.71 25.56
C LYS B 286 -13.94 -8.79 24.72
N GLU B 287 -13.32 -7.75 24.17
CA GLU B 287 -14.01 -6.82 23.27
C GLU B 287 -14.62 -7.49 22.02
N VAL B 288 -13.92 -8.45 21.42
CA VAL B 288 -14.46 -9.12 20.23
C VAL B 288 -15.82 -9.74 20.54
N HIS B 289 -15.97 -10.37 21.71
CA HIS B 289 -17.23 -11.03 22.05
C HIS B 289 -18.41 -10.12 22.45
N SER B 290 -18.15 -8.82 22.64
CA SER B 290 -19.21 -7.84 22.91
C SER B 290 -20.14 -7.60 21.69
N PRO B 291 -21.36 -7.09 21.96
CA PRO B 291 -22.28 -6.73 20.87
C PRO B 291 -21.86 -5.43 20.12
N ALA B 292 -21.13 -4.56 20.81
CA ALA B 292 -20.56 -3.36 20.19
C ALA B 292 -19.55 -3.68 19.08
N PHE B 293 -18.77 -4.76 19.26
CA PHE B 293 -17.78 -5.12 18.25
C PHE B 293 -18.40 -5.74 17.00
N LYS B 294 -19.52 -6.43 17.18
CA LYS B 294 -20.31 -6.95 16.05
C LYS B 294 -20.86 -5.80 15.24
N GLU B 295 -21.24 -4.71 15.93
CA GLU B 295 -21.69 -3.49 15.26
C GLU B 295 -20.55 -2.90 14.42
N TYR B 296 -19.36 -2.80 15.02
CA TYR B 296 -18.19 -2.31 14.32
C TYR B 296 -17.87 -3.16 13.08
N THR B 297 -17.89 -4.50 13.25
CA THR B 297 -17.63 -5.43 12.15
C THR B 297 -18.69 -5.30 11.05
N GLN B 298 -19.96 -5.14 11.43
CA GLN B 298 -21.06 -4.88 10.45
C GLN B 298 -20.72 -3.62 9.67
N GLN B 299 -20.36 -2.58 10.41
CA GLN B 299 -20.04 -1.28 9.81
C GLN B 299 -18.89 -1.38 8.83
N VAL B 300 -17.88 -2.21 9.15
CA VAL B 300 -16.72 -2.42 8.25
C VAL B 300 -17.25 -2.94 6.91
N LEU B 301 -18.22 -3.85 6.96
CA LEU B 301 -18.78 -4.40 5.73
C LEU B 301 -19.65 -3.39 4.99
N LEU B 302 -20.42 -2.59 5.73
CA LEU B 302 -21.30 -1.60 5.12
C LEU B 302 -20.45 -0.64 4.33
N ASN B 303 -19.37 -0.18 4.97
CA ASN B 303 -18.39 0.72 4.36
C ASN B 303 -17.71 0.16 3.12
N SER B 304 -17.42 -1.13 3.13
CA SER B 304 -16.83 -1.79 1.97
C SER B 304 -17.80 -1.91 0.78
N LYS B 305 -19.06 -2.12 1.07
CA LYS B 305 -20.07 -2.19 0.01
C LYS B 305 -20.29 -0.79 -0.55
N ALA B 306 -20.39 0.17 0.37
CA ALA B 306 -20.57 1.54 -0.04
C ALA B 306 -19.39 2.01 -0.91
N LEU B 307 -18.17 1.60 -0.54
CA LEU B 307 -16.98 2.02 -1.27
C LEU B 307 -16.91 1.43 -2.66
N ALA B 308 -17.11 0.12 -2.75
CA ALA B 308 -17.18 -0.57 -4.05
C ALA B 308 -18.23 0.03 -4.99
N LYS B 309 -19.40 0.25 -4.44
CA LYS B 309 -20.53 0.80 -5.18
C LYS B 309 -20.20 2.19 -5.70
N ALA B 310 -19.57 3.04 -4.87
CA ALA B 310 -19.19 4.40 -5.28
C ALA B 310 -18.07 4.36 -6.33
N LEU B 311 -17.15 3.40 -6.20
CA LEU B 311 -16.07 3.25 -7.17
C LEU B 311 -16.63 2.81 -8.51
N ILE B 312 -17.56 1.86 -8.48
CA ILE B 312 -18.24 1.43 -9.70
C ILE B 312 -18.97 2.60 -10.35
N SER B 313 -19.67 3.42 -9.55
CA SER B 313 -20.41 4.56 -10.09
C SER B 313 -19.53 5.62 -10.80
N LYS B 314 -18.25 5.70 -10.39
CA LYS B 314 -17.19 6.47 -11.06
C LYS B 314 -16.49 5.69 -12.17
N GLN B 315 -17.07 4.57 -12.60
CA GLN B 315 -16.57 3.74 -13.70
C GLN B 315 -15.21 3.14 -13.42
N ILE B 316 -15.00 2.73 -12.17
CA ILE B 316 -13.78 2.01 -11.80
C ILE B 316 -14.15 0.51 -11.69
N ASP B 317 -13.35 -0.34 -12.33
CA ASP B 317 -13.56 -1.79 -12.31
C ASP B 317 -12.98 -2.47 -11.05
N LEU B 318 -13.78 -3.37 -10.47
CA LEU B 318 -13.39 -4.16 -9.31
C LEU B 318 -13.24 -5.64 -9.69
N VAL B 319 -12.19 -6.30 -9.18
CA VAL B 319 -11.99 -7.73 -9.43
C VAL B 319 -13.12 -8.45 -8.71
N THR B 320 -13.79 -9.36 -9.44
CA THR B 320 -15.05 -10.00 -9.04
C THR B 320 -16.25 -9.06 -9.01
N ASN B 321 -16.10 -7.85 -9.54
CA ASN B 321 -17.15 -6.81 -9.56
C ASN B 321 -17.81 -6.40 -8.23
N GLY B 322 -17.09 -6.56 -7.12
CA GLY B 322 -17.65 -6.31 -5.80
C GLY B 322 -16.89 -6.98 -4.68
N THR B 323 -17.50 -7.01 -3.52
CA THR B 323 -16.87 -7.55 -2.34
C THR B 323 -17.92 -8.18 -1.43
N ASP B 324 -17.53 -9.24 -0.72
CA ASP B 324 -18.33 -9.78 0.38
C ASP B 324 -17.74 -9.46 1.71
N ASN B 325 -16.57 -8.82 1.70
CA ASN B 325 -15.88 -8.56 2.95
C ASN B 325 -15.38 -7.10 3.08
N HIS B 326 -14.34 -6.94 3.88
CA HIS B 326 -13.66 -5.70 4.17
C HIS B 326 -12.69 -5.20 3.09
N LEU B 327 -12.49 -5.96 2.00
CA LEU B 327 -11.48 -5.60 1.00
C LEU B 327 -11.94 -5.58 -0.46
N ILE B 328 -11.33 -4.68 -1.21
CA ILE B 328 -11.65 -4.50 -2.61
C ILE B 328 -10.35 -4.54 -3.33
N VAL B 329 -10.36 -5.04 -4.55
CA VAL B 329 -9.19 -4.95 -5.41
C VAL B 329 -9.60 -4.21 -6.66
N VAL B 330 -8.90 -3.13 -6.97
CA VAL B 330 -9.20 -2.36 -8.15
C VAL B 330 -8.38 -2.85 -9.33
N ASP B 331 -9.08 -3.13 -10.43
CA ASP B 331 -8.49 -3.44 -11.73
C ASP B 331 -8.24 -2.13 -12.48
N LEU B 332 -6.97 -1.76 -12.61
CA LEU B 332 -6.63 -0.45 -13.22
C LEU B 332 -6.40 -0.48 -14.74
N ARG B 333 -6.63 -1.63 -15.40
CA ARG B 333 -6.28 -1.82 -16.81
C ARG B 333 -6.90 -0.83 -17.80
N LYS B 334 -8.14 -0.41 -17.57
CA LYS B 334 -8.79 0.60 -18.47
C LYS B 334 -8.15 2.00 -18.42
N PHE B 335 -7.43 2.31 -17.33
CA PHE B 335 -6.70 3.56 -17.20
C PHE B 335 -5.24 3.48 -17.68
N SER B 336 -4.77 2.29 -18.06
CA SER B 336 -3.42 2.09 -18.60
C SER B 336 -2.29 2.55 -17.64
N ILE B 337 -2.51 2.30 -16.35
CA ILE B 337 -1.54 2.61 -15.31
C ILE B 337 -1.32 1.35 -14.48
N THR B 338 -0.14 1.24 -13.88
CA THR B 338 0.17 0.08 -13.04
C THR B 338 -0.23 0.40 -11.61
N GLY B 339 -0.40 -0.64 -10.82
CA GLY B 339 -0.64 -0.51 -9.39
C GLY B 339 0.44 0.26 -8.66
N SER B 340 1.71 0.09 -9.06
CA SER B 340 2.85 0.79 -8.42
C SER B 340 2.77 2.30 -8.58
N LYS B 341 2.44 2.75 -9.80
CA LYS B 341 2.27 4.19 -10.07
C LYS B 341 1.21 4.81 -9.15
N LEU B 342 0.07 4.13 -8.99
CA LEU B 342 -0.99 4.62 -8.12
C LEU B 342 -0.60 4.62 -6.63
N GLN B 343 0.20 3.64 -6.22
CA GLN B 343 0.73 3.60 -4.84
C GLN B 343 1.57 4.85 -4.58
N GLU B 344 2.46 5.16 -5.50
CA GLU B 344 3.32 6.34 -5.41
C GLU B 344 2.53 7.64 -5.34
N THR B 345 1.52 7.74 -6.19
CA THR B 345 0.61 8.89 -6.19
C THR B 345 -0.19 9.00 -4.89
N CYS B 346 -0.67 7.86 -4.39
CA CYS B 346 -1.48 7.83 -3.16
C CYS B 346 -0.60 8.10 -1.94
N ASN B 347 0.64 7.59 -1.96
CA ASN B 347 1.66 7.96 -0.97
C ASN B 347 1.83 9.47 -0.92
N ALA B 348 1.92 10.09 -2.09
CA ALA B 348 2.14 11.55 -2.18
C ALA B 348 0.94 12.39 -1.66
N ILE B 349 -0.25 11.78 -1.52
CA ILE B 349 -1.44 12.49 -1.02
C ILE B 349 -1.92 11.98 0.33
N ASN B 350 -1.02 11.29 1.04
CA ASN B 350 -1.31 10.68 2.35
C ASN B 350 -2.49 9.67 2.35
N VAL B 351 -2.53 8.82 1.32
CA VAL B 351 -3.48 7.73 1.20
C VAL B 351 -2.67 6.42 1.15
N SER B 352 -2.91 5.52 2.09
CA SER B 352 -2.16 4.25 2.12
C SER B 352 -2.96 3.18 1.46
N LEU B 353 -2.40 2.66 0.38
CA LEU B 353 -2.92 1.47 -0.25
C LEU B 353 -1.73 0.72 -0.82
N ASN B 354 -1.95 -0.46 -1.37
CA ASN B 354 -0.85 -1.21 -1.93
C ASN B 354 -1.21 -1.78 -3.26
N LYS B 355 -0.18 -2.06 -4.04
CA LYS B 355 -0.33 -2.75 -5.32
C LYS B 355 -0.69 -4.20 -5.07
N ASN B 356 -1.40 -4.74 -6.03
CA ASN B 356 -1.96 -6.06 -5.94
C ASN B 356 -2.14 -6.58 -7.34
N THR B 357 -1.83 -7.86 -7.51
CA THR B 357 -2.01 -8.53 -8.80
C THR B 357 -3.47 -8.66 -9.16
N ILE B 358 -3.74 -8.88 -10.43
CA ILE B 358 -5.09 -9.20 -10.92
C ILE B 358 -4.96 -10.44 -11.80
N PRO B 359 -6.08 -11.16 -12.02
CA PRO B 359 -6.00 -12.49 -12.67
C PRO B 359 -5.22 -12.53 -13.98
N SER B 360 -5.41 -11.48 -14.79
CA SER B 360 -4.71 -11.30 -16.06
C SER B 360 -3.18 -11.19 -15.91
N ASP B 361 -2.68 -10.71 -14.76
CA ASP B 361 -1.23 -10.58 -14.55
C ASP B 361 -0.61 -11.96 -14.45
N VAL B 362 0.28 -12.25 -15.39
CA VAL B 362 0.97 -13.53 -15.43
C VAL B 362 1.76 -13.70 -14.12
N ASP B 363 2.51 -12.66 -13.76
CA ASP B 363 3.39 -12.68 -12.60
C ASP B 363 3.15 -11.52 -11.66
N CYS B 364 3.76 -11.62 -10.48
CA CYS B 364 3.83 -10.53 -9.50
C CYS B 364 4.83 -9.39 -9.92
N VAL B 365 5.23 -9.35 -11.20
CA VAL B 365 6.27 -8.43 -11.71
C VAL B 365 5.74 -6.99 -11.88
N SER B 366 4.63 -6.88 -12.62
CA SER B 366 3.97 -5.59 -12.85
C SER B 366 2.46 -5.69 -12.50
N PRO B 367 2.11 -5.63 -11.19
CA PRO B 367 0.72 -5.81 -10.80
C PRO B 367 -0.15 -4.66 -11.27
N SER B 368 -1.32 -4.98 -11.85
CA SER B 368 -2.18 -4.01 -12.52
C SER B 368 -3.36 -3.57 -11.68
N GLY B 369 -3.24 -3.68 -10.37
CA GLY B 369 -4.33 -3.32 -9.47
C GLY B 369 -3.84 -2.81 -8.14
N VAL B 370 -4.77 -2.31 -7.34
CA VAL B 370 -4.46 -1.90 -5.99
C VAL B 370 -5.45 -2.56 -5.07
N ARG B 371 -5.05 -2.80 -3.82
CA ARG B 371 -5.92 -3.36 -2.83
C ARG B 371 -6.18 -2.35 -1.74
N ILE B 372 -7.44 -2.22 -1.39
CA ILE B 372 -7.91 -1.34 -0.35
C ILE B 372 -8.84 -2.11 0.60
N GLY B 373 -8.91 -1.65 1.84
CA GLY B 373 -9.80 -2.22 2.83
C GLY B 373 -10.34 -1.17 3.74
N THR B 374 -11.43 -1.49 4.43
CA THR B 374 -12.10 -0.56 5.32
C THR B 374 -11.95 -0.67 6.83
N PRO B 375 -11.20 -1.66 7.38
CA PRO B 375 -11.25 -1.74 8.85
C PRO B 375 -10.64 -0.56 9.59
N ALA B 376 -9.53 -0.06 9.07
CA ALA B 376 -8.83 1.02 9.76
C ALA B 376 -9.65 2.33 9.77
N MET B 377 -10.24 2.70 8.63
CA MET B 377 -11.11 3.90 8.54
C MET B 377 -12.45 3.75 9.25
N THR B 378 -13.00 2.53 9.24
CA THR B 378 -14.15 2.23 10.10
C THR B 378 -13.83 2.41 11.60
N THR B 379 -12.59 2.08 11.99
CA THR B 379 -12.17 2.29 13.35
C THR B 379 -12.12 3.76 13.68
N ARG B 380 -11.67 4.55 12.71
CA ARG B 380 -11.58 5.99 12.85
C ARG B 380 -12.93 6.73 12.68
N GLY B 381 -14.02 6.03 12.47
CA GLY B 381 -15.34 6.62 12.56
C GLY B 381 -16.09 6.89 11.27
N ALA B 382 -15.47 6.69 10.11
CA ALA B 382 -16.14 6.89 8.83
C ALA B 382 -17.33 5.95 8.67
N LYS B 383 -18.41 6.46 8.08
CA LYS B 383 -19.61 5.68 7.85
C LYS B 383 -19.81 5.58 6.34
N GLU B 384 -20.93 5.02 5.90
CA GLU B 384 -21.14 4.84 4.45
C GLU B 384 -21.07 6.14 3.65
N LYS B 385 -21.58 7.23 4.22
CA LYS B 385 -21.61 8.57 3.57
C LYS B 385 -20.20 9.05 3.28
N ASP B 386 -19.28 8.71 4.18
CA ASP B 386 -17.86 9.08 4.07
C ASP B 386 -17.08 8.31 3.00
N MET B 387 -17.65 7.22 2.47
CA MET B 387 -16.98 6.41 1.46
C MET B 387 -16.96 7.07 0.09
N GLU B 388 -17.93 7.92 -0.20
CA GLU B 388 -17.94 8.66 -1.46
C GLU B 388 -16.72 9.58 -1.59
N PHE B 389 -16.38 10.25 -0.50
CA PHE B 389 -15.23 11.15 -0.50
C PHE B 389 -13.96 10.37 -0.79
N ILE B 390 -13.83 9.18 -0.21
CA ILE B 390 -12.67 8.31 -0.44
C ILE B 390 -12.62 7.82 -1.87
N ALA B 391 -13.77 7.42 -2.41
CA ALA B 391 -13.83 6.98 -3.79
C ALA B 391 -13.47 8.15 -4.69
N ASP B 392 -14.05 9.31 -4.38
CA ASP B 392 -13.70 10.55 -5.05
C ASP B 392 -12.20 10.88 -5.01
N VAL B 393 -11.59 10.75 -3.84
CA VAL B 393 -10.14 10.94 -3.70
C VAL B 393 -9.32 9.93 -4.54
N LEU B 394 -9.72 8.66 -4.52
CA LEU B 394 -9.04 7.64 -5.33
C LEU B 394 -9.20 7.90 -6.84
N ALA B 395 -10.38 8.33 -7.28
CA ALA B 395 -10.59 8.66 -8.71
C ALA B 395 -9.72 9.84 -9.19
N ARG B 396 -9.61 10.87 -8.35
CA ARG B 396 -8.70 11.99 -8.59
C ARG B 396 -7.24 11.54 -8.61
N ALA B 397 -6.85 10.61 -7.74
CA ALA B 397 -5.50 10.08 -7.77
C ALA B 397 -5.23 9.34 -9.06
N ILE B 398 -6.17 8.50 -9.46
CA ILE B 398 -6.07 7.77 -10.73
C ILE B 398 -5.94 8.72 -11.91
N LYS B 399 -6.75 9.78 -11.93
CA LYS B 399 -6.67 10.75 -13.02
C LYS B 399 -5.31 11.49 -13.08
N ILE B 400 -4.84 11.97 -11.93
CA ILE B 400 -3.51 12.60 -11.83
C ILE B 400 -2.42 11.61 -12.26
N THR B 401 -2.55 10.37 -11.81
CA THR B 401 -1.61 9.32 -12.17
C THR B 401 -1.55 9.15 -13.69
N VAL B 402 -2.70 9.29 -14.37
CA VAL B 402 -2.76 9.15 -15.84
C VAL B 402 -2.08 10.35 -16.50
N ASP B 403 -2.43 11.55 -16.02
CA ASP B 403 -1.83 12.83 -16.49
C ASP B 403 -0.32 12.89 -16.30
N LEU B 404 0.16 12.40 -15.15
CA LEU B 404 1.58 12.34 -14.87
C LEU B 404 2.30 11.34 -15.76
N GLN B 405 1.69 10.18 -16.00
CA GLN B 405 2.25 9.22 -16.92
C GLN B 405 2.29 9.76 -18.37
N GLU B 406 1.26 10.54 -18.74
CA GLU B 406 1.24 11.22 -20.04
C GLU B 406 2.42 12.20 -20.20
N GLN B 407 2.72 12.94 -19.15
CA GLN B 407 3.75 13.98 -19.18
C GLN B 407 5.19 13.47 -19.02
N TYR B 408 5.40 12.45 -18.20
CA TYR B 408 6.76 11.98 -17.91
C TYR B 408 7.11 10.60 -18.47
N GLY B 409 6.12 9.82 -18.91
CA GLY B 409 6.35 8.50 -19.50
C GLY B 409 6.04 7.33 -18.57
N LYS B 410 6.00 6.14 -19.16
CA LYS B 410 5.61 4.90 -18.46
C LYS B 410 6.65 4.32 -17.49
N LYS B 411 7.93 4.60 -17.75
CA LYS B 411 9.01 4.10 -16.90
C LYS B 411 8.79 4.64 -15.47
N LEU B 412 8.88 3.77 -14.45
CA LEU B 412 8.59 4.19 -13.05
C LEU B 412 9.53 5.30 -12.53
N VAL B 413 10.80 5.19 -12.88
CA VAL B 413 11.86 6.15 -12.50
C VAL B 413 11.55 7.57 -13.00
N ASP B 414 11.14 7.64 -14.26
CA ASP B 414 10.68 8.87 -14.89
C ASP B 414 9.42 9.41 -14.20
N PHE B 415 8.40 8.53 -14.07
CA PHE B 415 7.10 8.91 -13.49
C PHE B 415 7.21 9.57 -12.14
N LYS B 416 8.05 9.04 -11.26
CA LYS B 416 8.21 9.63 -9.92
C LYS B 416 8.67 11.09 -9.96
N LYS B 417 9.54 11.46 -10.90
CA LYS B 417 10.01 12.85 -11.00
C LYS B 417 8.88 13.85 -11.12
N GLY B 418 7.78 13.42 -11.77
CA GLY B 418 6.58 14.23 -11.84
C GLY B 418 5.89 14.50 -10.51
N LEU B 419 6.14 13.67 -9.50
CA LEU B 419 5.42 13.75 -8.21
C LEU B 419 5.79 14.90 -7.28
N PRO B 420 7.10 15.13 -7.05
CA PRO B 420 7.43 16.18 -6.09
C PRO B 420 7.02 17.57 -6.58
N GLY B 421 6.42 18.35 -5.69
CA GLY B 421 5.98 19.70 -6.00
C GLY B 421 4.66 19.86 -6.75
N ASN B 422 4.23 18.83 -7.50
CA ASN B 422 2.98 18.88 -8.28
C ASN B 422 1.87 19.58 -7.49
N ALA B 423 1.25 20.59 -8.14
CA ALA B 423 0.26 21.44 -7.47
C ALA B 423 -0.98 20.68 -7.04
N GLN B 424 -1.48 19.80 -7.90
CA GLN B 424 -2.71 19.03 -7.60
C GLN B 424 -2.57 18.10 -6.37
N LEU B 425 -1.42 17.45 -6.29
CA LEU B 425 -1.13 16.57 -5.19
C LEU B 425 -1.09 17.34 -3.90
N GLN B 426 -0.41 18.48 -3.90
CA GLN B 426 -0.32 19.32 -2.69
C GLN B 426 -1.71 19.69 -2.20
N GLN B 427 -2.54 20.14 -3.14
CA GLN B 427 -3.97 20.45 -2.90
C GLN B 427 -4.74 19.24 -2.34
N LEU B 428 -4.55 18.09 -2.98
CA LEU B 428 -5.26 16.88 -2.63
C LEU B 428 -4.76 16.33 -1.29
N LYS B 429 -3.45 16.38 -1.07
CA LYS B 429 -2.85 16.04 0.21
C LYS B 429 -3.46 16.83 1.39
N GLN B 430 -3.62 18.14 1.22
CA GLN B 430 -4.21 18.97 2.29
C GLN B 430 -5.66 18.63 2.61
N GLU B 431 -6.44 18.31 1.57
CA GLU B 431 -7.82 17.84 1.76
C GLU B 431 -7.83 16.53 2.58
N VAL B 432 -6.95 15.64 2.20
CA VAL B 432 -6.77 14.39 2.90
C VAL B 432 -6.42 14.64 4.36
N VAL B 433 -5.36 15.44 4.60
CA VAL B 433 -4.87 15.73 5.94
C VAL B 433 -5.93 16.44 6.79
N THR B 434 -6.69 17.35 6.20
CA THR B 434 -7.73 18.08 6.96
C THR B 434 -8.85 17.14 7.32
N TRP B 435 -9.29 16.31 6.37
CA TRP B 435 -10.40 15.38 6.64
C TRP B 435 -9.96 14.25 7.59
N ALA B 436 -8.81 13.64 7.28
CA ALA B 436 -8.21 12.55 8.08
C ALA B 436 -7.82 12.94 9.52
N GLY B 437 -7.09 14.06 9.64
CA GLY B 437 -6.63 14.55 10.96
C GLY B 437 -7.74 14.86 11.95
N ALA B 438 -8.94 15.13 11.44
CA ALA B 438 -10.13 15.46 12.24
C ALA B 438 -10.74 14.25 12.92
N LEU B 439 -10.62 13.09 12.28
CA LEU B 439 -11.32 11.87 12.71
C LEU B 439 -10.88 11.34 14.09
N PRO B 440 -11.79 10.64 14.81
CA PRO B 440 -11.40 10.03 16.08
C PRO B 440 -10.21 9.06 15.94
N PHE B 441 -9.32 9.08 16.93
CA PHE B 441 -8.03 8.38 16.86
C PHE B 441 -7.74 7.73 18.22
N PRO B 442 -7.86 6.39 18.31
CA PRO B 442 -7.43 5.79 19.56
C PRO B 442 -5.93 6.01 19.76
N MET C 1 -21.95 45.76 -70.96
CA MET C 1 -22.14 47.06 -70.19
C MET C 1 -21.72 46.95 -68.71
N PHE C 2 -20.49 46.52 -68.50
CA PHE C 2 -19.88 46.31 -67.17
C PHE C 2 -18.40 46.73 -67.17
N ASN C 3 -17.85 46.92 -65.96
CA ASN C 3 -16.41 47.20 -65.77
C ASN C 3 -15.60 45.91 -65.57
N ASN C 4 -14.67 45.66 -66.46
CA ASN C 4 -13.86 44.45 -66.45
C ASN C 4 -12.44 44.65 -65.90
N GLU C 5 -12.15 45.85 -65.38
CA GLU C 5 -10.83 46.16 -64.84
C GLU C 5 -10.59 45.32 -63.58
N PRO C 6 -9.39 44.71 -63.41
CA PRO C 6 -9.09 43.99 -62.17
C PRO C 6 -9.24 44.81 -60.90
N LEU C 7 -9.32 44.10 -59.79
CA LEU C 7 -9.55 44.70 -58.47
C LEU C 7 -8.58 45.83 -58.13
N GLU C 8 -7.30 45.65 -58.48
CA GLU C 8 -6.28 46.68 -58.27
C GLU C 8 -6.65 48.00 -58.94
N GLN C 9 -7.02 47.94 -60.21
CA GLN C 9 -7.34 49.12 -60.97
C GLN C 9 -8.71 49.67 -60.53
N ILE C 10 -9.71 48.78 -60.43
CA ILE C 10 -11.09 49.18 -60.15
C ILE C 10 -11.32 49.71 -58.74
N ASP C 11 -10.72 49.13 -57.72
CA ASP C 11 -10.94 49.56 -56.30
C ASP C 11 -9.62 49.48 -55.55
N LYS C 12 -8.73 50.44 -55.86
CA LYS C 12 -7.37 50.50 -55.32
C LYS C 12 -7.40 50.64 -53.81
N GLU C 13 -8.40 51.36 -53.29
CA GLU C 13 -8.56 51.56 -51.85
C GLU C 13 -8.75 50.25 -51.08
N LEU C 14 -9.67 49.40 -51.60
CA LEU C 14 -9.99 48.13 -50.97
C LEU C 14 -8.86 47.13 -51.14
N HIS C 15 -8.30 47.07 -52.35
CA HIS C 15 -7.23 46.16 -52.71
C HIS C 15 -6.00 46.36 -51.85
N ASP C 16 -5.78 47.59 -51.39
CA ASP C 16 -4.63 47.86 -50.51
C ASP C 16 -4.83 47.22 -49.14
N ILE C 17 -6.02 47.42 -48.57
CA ILE C 17 -6.37 46.85 -47.26
C ILE C 17 -6.31 45.34 -47.31
N LEU C 18 -6.83 44.77 -48.39
CA LEU C 18 -6.77 43.32 -48.55
C LEU C 18 -5.34 42.84 -48.66
N ALA C 19 -4.47 43.64 -49.28
CA ALA C 19 -3.04 43.31 -49.33
C ALA C 19 -2.37 43.40 -47.95
N ASP C 20 -2.78 44.39 -47.17
CA ASP C 20 -2.36 44.47 -45.77
C ASP C 20 -2.80 43.25 -44.96
N GLU C 21 -4.05 42.85 -45.19
CA GLU C 21 -4.65 41.67 -44.56
C GLU C 21 -3.82 40.45 -44.81
N GLU C 22 -3.50 40.20 -46.09
CA GLU C 22 -2.68 39.08 -46.51
C GLU C 22 -1.33 39.09 -45.76
N LYS C 23 -0.72 40.26 -45.66
CA LYS C 23 0.56 40.44 -44.98
C LYS C 23 0.45 40.11 -43.47
N ARG C 24 -0.60 40.59 -42.81
CA ARG C 24 -0.79 40.27 -41.40
C ARG C 24 -0.98 38.75 -41.22
N GLN C 25 -1.77 38.11 -42.07
CA GLN C 25 -1.98 36.67 -41.97
C GLN C 25 -0.66 35.89 -42.09
N ARG C 26 0.15 36.32 -43.06
CA ARG C 26 1.45 35.73 -43.35
C ARG C 26 2.44 35.92 -42.20
N GLU C 27 2.32 37.03 -41.46
CA GLU C 27 3.30 37.40 -40.42
C GLU C 27 2.75 37.15 -39.01
N THR C 28 1.78 36.25 -38.86
CA THR C 28 1.12 36.04 -37.56
C THR C 28 1.25 34.59 -37.19
N ILE C 29 1.51 34.33 -35.91
CA ILE C 29 1.34 32.99 -35.34
C ILE C 29 -0.12 32.81 -34.93
N ASN C 30 -0.87 32.08 -35.77
CA ASN C 30 -2.30 31.94 -35.61
C ASN C 30 -2.66 30.73 -34.76
N LEU C 31 -2.98 30.98 -33.50
CA LEU C 31 -3.45 29.96 -32.58
C LEU C 31 -4.97 29.97 -32.40
N ILE C 32 -5.73 30.63 -33.29
CA ILE C 32 -7.20 30.57 -33.17
C ILE C 32 -7.66 29.14 -33.53
N ALA C 33 -8.30 28.48 -32.58
CA ALA C 33 -8.58 27.04 -32.72
C ALA C 33 -9.56 26.75 -33.84
N SER C 34 -10.37 27.75 -34.19
CA SER C 34 -11.37 27.64 -35.24
C SER C 34 -10.97 28.14 -36.61
N GLU C 35 -9.72 28.60 -36.77
CA GLU C 35 -9.24 29.13 -38.04
C GLU C 35 -8.30 28.20 -38.81
N ASN C 36 -8.24 28.43 -40.11
CA ASN C 36 -7.34 27.71 -41.01
C ASN C 36 -7.03 28.59 -42.22
N LEU C 37 -6.29 28.03 -43.16
CA LEU C 37 -5.96 28.71 -44.42
C LEU C 37 -6.27 27.78 -45.60
N THR C 38 -7.20 28.25 -46.42
CA THR C 38 -7.67 27.55 -47.58
C THR C 38 -6.64 27.58 -48.69
N ASN C 39 -6.63 26.54 -49.50
CA ASN C 39 -5.73 26.47 -50.67
C ASN C 39 -6.29 27.26 -51.83
N GLY C 40 -5.52 27.35 -52.91
CA GLY C 40 -5.89 28.19 -54.03
C GLY C 40 -7.12 27.65 -54.71
N ALA C 41 -7.21 26.32 -54.78
CA ALA C 41 -8.31 25.65 -55.44
C ALA C 41 -9.66 25.89 -54.78
N VAL C 42 -9.68 25.97 -53.46
CA VAL C 42 -10.91 26.26 -52.74
C VAL C 42 -11.36 27.70 -53.01
N ARG C 43 -10.41 28.61 -53.06
CA ARG C 43 -10.70 29.99 -53.41
C ARG C 43 -11.03 30.21 -54.92
N GLU C 44 -10.59 29.33 -55.81
CA GLU C 44 -11.00 29.35 -57.22
C GLU C 44 -12.50 29.09 -57.36
N CYS C 45 -12.99 28.12 -56.59
CA CYS C 45 -14.40 27.77 -56.57
C CYS C 45 -15.24 28.88 -55.96
N LEU C 46 -14.78 29.44 -54.84
CA LEU C 46 -15.47 30.55 -54.19
C LEU C 46 -15.59 31.79 -55.12
N GLY C 47 -14.60 32.04 -55.96
CA GLY C 47 -14.69 33.09 -56.98
C GLY C 47 -15.22 32.65 -58.34
N ASN C 48 -15.89 31.49 -58.39
CA ASN C 48 -16.39 30.95 -59.65
C ASN C 48 -17.70 31.63 -60.05
N ARG C 49 -18.02 31.62 -61.34
CA ARG C 49 -19.31 32.15 -61.85
C ARG C 49 -20.51 31.30 -61.53
N VAL C 50 -20.31 30.12 -60.97
CA VAL C 50 -21.41 29.31 -60.48
C VAL C 50 -22.35 30.04 -59.46
N SER C 51 -21.83 31.02 -58.73
CA SER C 51 -22.66 31.89 -57.86
C SER C 51 -23.71 32.78 -58.58
N ASN C 52 -23.54 32.98 -59.88
CA ASN C 52 -24.57 33.65 -60.67
C ASN C 52 -25.89 32.90 -60.74
N LYS C 53 -25.87 31.60 -60.50
CA LYS C 53 -27.07 30.80 -60.71
C LYS C 53 -27.96 30.70 -59.46
N TYR C 54 -29.25 30.97 -59.67
CA TYR C 54 -30.32 30.68 -58.71
C TYR C 54 -30.77 29.23 -58.82
N SER C 55 -30.71 28.47 -57.73
CA SER C 55 -31.16 27.07 -57.69
C SER C 55 -31.90 26.70 -56.42
N GLU C 56 -32.89 27.50 -56.06
CA GLU C 56 -33.78 27.15 -54.96
C GLU C 56 -34.33 25.76 -55.17
N GLY C 57 -34.34 24.96 -54.12
CA GLY C 57 -34.82 23.59 -54.20
C GLY C 57 -33.70 22.61 -53.95
N TYR C 58 -33.86 21.41 -54.48
CA TYR C 58 -32.81 20.38 -54.37
C TYR C 58 -32.55 19.76 -55.74
N PRO C 59 -31.43 19.02 -55.92
CA PRO C 59 -31.12 18.46 -57.25
C PRO C 59 -32.28 17.69 -57.87
N LYS C 60 -32.69 18.04 -59.10
CA LYS C 60 -33.83 17.43 -59.82
C LYS C 60 -35.20 17.77 -59.24
N LYS C 61 -35.23 18.64 -58.23
CA LYS C 61 -36.45 19.09 -57.56
C LYS C 61 -36.30 20.61 -57.43
N ARG C 62 -35.92 21.22 -58.54
CA ARG C 62 -35.60 22.64 -58.64
C ARG C 62 -36.83 23.41 -59.08
N TYR C 63 -36.95 24.65 -58.61
CA TYR C 63 -37.98 25.56 -59.10
C TYR C 63 -37.65 26.06 -60.52
N TYR C 64 -36.39 26.39 -60.78
CA TYR C 64 -35.98 26.79 -62.14
C TYR C 64 -35.21 25.71 -62.87
N GLY C 65 -35.19 25.83 -64.19
CA GLY C 65 -34.38 25.00 -65.06
C GLY C 65 -33.00 25.60 -65.24
N GLY C 66 -32.30 25.08 -66.24
CA GLY C 66 -30.91 25.45 -66.45
C GLY C 66 -29.98 25.04 -65.32
N ASN C 67 -30.38 24.07 -64.51
CA ASN C 67 -29.67 23.67 -63.28
C ASN C 67 -29.00 22.27 -63.36
N ASP C 68 -28.50 21.92 -64.54
CA ASP C 68 -28.05 20.54 -64.78
C ASP C 68 -26.65 20.36 -64.27
N PHE C 69 -25.80 21.35 -64.55
CA PHE C 69 -24.44 21.37 -64.06
C PHE C 69 -24.38 21.76 -62.57
N ILE C 70 -25.37 22.51 -62.09
CA ILE C 70 -25.49 22.84 -60.67
C ILE C 70 -25.88 21.60 -59.89
N ASP C 71 -26.82 20.83 -60.42
CA ASP C 71 -27.21 19.57 -59.76
C ASP C 71 -26.06 18.58 -59.63
N LYS C 72 -25.23 18.48 -60.67
CA LYS C 72 -24.09 17.56 -60.61
C LYS C 72 -23.16 17.94 -59.47
N ILE C 73 -22.96 19.24 -59.29
CA ILE C 73 -22.10 19.77 -58.22
C ILE C 73 -22.70 19.52 -56.84
N GLU C 74 -24.01 19.76 -56.66
CA GLU C 74 -24.60 19.55 -55.34
C GLU C 74 -24.62 18.09 -54.97
N GLU C 75 -24.85 17.24 -55.97
CA GLU C 75 -24.86 15.76 -55.78
C GLU C 75 -23.44 15.26 -55.54
N LEU C 76 -22.49 15.77 -56.31
CA LEU C 76 -21.08 15.38 -56.13
C LEU C 76 -20.55 15.77 -54.73
N CYS C 77 -20.94 16.95 -54.28
CA CYS C 77 -20.62 17.41 -52.94
C CYS C 77 -21.23 16.53 -51.86
N GLN C 78 -22.50 16.15 -52.02
CA GLN C 78 -23.16 15.29 -51.01
C GLN C 78 -22.54 13.90 -50.94
N LYS C 79 -22.24 13.34 -52.11
CA LYS C 79 -21.63 12.03 -52.23
C LYS C 79 -20.26 12.04 -51.54
N ARG C 80 -19.44 13.05 -51.87
CA ARG C 80 -18.13 13.22 -51.26
C ARG C 80 -18.21 13.45 -49.75
N ALA C 81 -19.23 14.15 -49.30
CA ALA C 81 -19.43 14.38 -47.86
C ALA C 81 -19.65 13.09 -47.11
N LEU C 82 -20.50 12.24 -47.68
CA LEU C 82 -20.88 11.01 -47.02
C LEU C 82 -19.74 10.01 -47.05
N GLU C 83 -18.99 9.99 -48.13
CA GLU C 83 -17.78 9.18 -48.19
C GLU C 83 -16.79 9.61 -47.10
N ALA C 84 -16.54 10.93 -47.02
CA ALA C 84 -15.55 11.47 -46.11
C ALA C 84 -15.85 11.17 -44.65
N PHE C 85 -17.12 11.19 -44.28
CA PHE C 85 -17.49 10.86 -42.91
C PHE C 85 -17.90 9.40 -42.72
N ASN C 86 -17.48 8.52 -43.64
CA ASN C 86 -17.55 7.06 -43.48
C ASN C 86 -18.96 6.59 -43.17
N VAL C 87 -19.86 6.96 -44.06
CA VAL C 87 -21.27 6.63 -43.92
C VAL C 87 -21.83 6.28 -45.28
N SER C 88 -22.88 5.47 -45.24
CA SER C 88 -23.53 4.91 -46.44
C SER C 88 -24.69 5.80 -46.81
N ASP C 89 -24.85 6.08 -48.10
CA ASP C 89 -25.95 6.93 -48.59
C ASP C 89 -27.37 6.34 -48.35
N GLU C 90 -27.43 5.04 -48.08
CA GLU C 90 -28.70 4.38 -47.69
C GLU C 90 -29.04 4.67 -46.23
N GLU C 91 -28.04 4.74 -45.36
CA GLU C 91 -28.27 4.98 -43.93
C GLU C 91 -28.28 6.46 -43.50
N TRP C 92 -27.42 7.25 -44.14
CA TRP C 92 -27.28 8.68 -43.80
C TRP C 92 -27.50 9.53 -45.03
N GLY C 93 -28.19 10.64 -44.83
CA GLY C 93 -28.21 11.74 -45.79
C GLY C 93 -27.53 13.00 -45.24
N VAL C 94 -27.22 13.90 -46.16
CA VAL C 94 -26.55 15.11 -45.85
C VAL C 94 -27.18 16.27 -46.62
N ASN C 95 -27.35 17.41 -45.94
CA ASN C 95 -27.74 18.67 -46.59
C ASN C 95 -26.50 19.61 -46.65
N VAL C 96 -26.16 20.06 -47.85
CA VAL C 96 -24.97 20.90 -48.13
C VAL C 96 -25.28 22.40 -48.35
N GLN C 97 -26.53 22.80 -48.22
CA GLN C 97 -26.92 24.19 -48.47
C GLN C 97 -26.70 25.21 -47.35
N PRO C 98 -26.66 24.80 -46.05
CA PRO C 98 -26.51 25.82 -45.01
C PRO C 98 -25.29 26.73 -45.22
N LEU C 99 -25.53 28.03 -45.12
CA LEU C 99 -24.51 29.05 -45.41
C LEU C 99 -23.42 29.14 -44.35
N SER C 100 -23.73 28.78 -43.11
CA SER C 100 -22.72 28.75 -42.06
C SER C 100 -23.13 27.83 -40.92
N GLY C 101 -22.23 27.64 -39.96
CA GLY C 101 -22.47 26.76 -38.83
C GLY C 101 -23.70 27.10 -38.04
N SER C 102 -23.87 28.38 -37.77
CA SER C 102 -24.99 28.84 -36.95
C SER C 102 -26.32 28.63 -37.68
N ALA C 103 -26.38 28.93 -38.96
CA ALA C 103 -27.60 28.69 -39.72
C ALA C 103 -27.99 27.20 -39.71
N ALA C 104 -27.00 26.32 -39.90
CA ALA C 104 -27.18 24.89 -39.90
C ALA C 104 -27.69 24.34 -38.56
N ASN C 105 -27.17 24.83 -37.44
CA ASN C 105 -27.68 24.39 -36.12
C ASN C 105 -29.14 24.81 -35.90
N VAL C 106 -29.48 26.06 -36.20
CA VAL C 106 -30.86 26.56 -36.07
C VAL C 106 -31.84 25.76 -36.95
N GLN C 107 -31.44 25.55 -38.19
CA GLN C 107 -32.26 24.84 -39.14
C GLN C 107 -32.44 23.41 -38.67
N ALA C 108 -31.35 22.73 -38.37
CA ALA C 108 -31.43 21.32 -37.90
C ALA C 108 -32.25 21.17 -36.61
N LEU C 109 -32.06 22.09 -35.66
CA LEU C 109 -32.79 22.03 -34.40
C LEU C 109 -34.28 22.21 -34.65
N TYR C 110 -34.62 23.20 -35.48
CA TYR C 110 -36.01 23.45 -35.85
C TYR C 110 -36.67 22.25 -36.55
N ALA C 111 -35.91 21.62 -37.44
CA ALA C 111 -36.35 20.41 -38.09
C ALA C 111 -36.73 19.33 -37.07
N LEU C 112 -35.94 19.17 -36.01
CA LEU C 112 -36.21 18.15 -34.99
C LEU C 112 -37.36 18.51 -34.05
N VAL C 113 -37.42 19.76 -33.57
CA VAL C 113 -38.37 20.11 -32.50
C VAL C 113 -39.37 21.21 -32.79
N GLY C 114 -39.14 22.04 -33.80
CA GLY C 114 -40.03 23.14 -34.12
C GLY C 114 -39.99 24.26 -33.09
N VAL C 115 -40.81 25.29 -33.31
CA VAL C 115 -40.86 26.44 -32.40
C VAL C 115 -41.43 25.97 -31.07
N LYS C 116 -40.97 26.60 -29.99
CA LYS C 116 -41.29 26.22 -28.60
C LYS C 116 -40.73 24.83 -28.17
N GLY C 117 -40.03 24.12 -29.06
CA GLY C 117 -39.44 22.83 -28.73
C GLY C 117 -38.32 22.95 -27.71
N LYS C 118 -38.15 21.87 -26.94
CA LYS C 118 -37.22 21.83 -25.81
C LYS C 118 -35.88 21.22 -26.22
N ILE C 119 -34.80 21.95 -25.90
CA ILE C 119 -33.45 21.49 -26.19
C ILE C 119 -32.47 21.64 -25.00
N MET C 120 -31.47 20.77 -24.98
CA MET C 120 -30.39 20.85 -24.01
C MET C 120 -29.07 21.03 -24.73
N GLY C 121 -28.24 21.93 -24.23
CA GLY C 121 -26.86 22.03 -24.70
C GLY C 121 -25.91 22.47 -23.61
N MET C 122 -24.60 22.40 -23.89
CA MET C 122 -23.60 22.96 -22.99
C MET C 122 -23.60 24.48 -23.00
N HIS C 123 -23.48 25.06 -21.80
CA HIS C 123 -23.40 26.52 -21.57
C HIS C 123 -22.23 27.07 -22.35
N LEU C 124 -22.40 28.27 -22.90
CA LEU C 124 -21.34 28.99 -23.64
C LEU C 124 -20.07 29.10 -22.81
N CYS C 125 -20.23 29.54 -21.56
CA CYS C 125 -19.13 29.65 -20.58
C CYS C 125 -18.43 28.34 -20.17
N SER C 126 -19.06 27.19 -20.41
CA SER C 126 -18.44 25.87 -20.24
C SER C 126 -17.87 25.36 -21.55
N GLY C 127 -18.10 26.06 -22.64
CA GLY C 127 -17.50 25.70 -23.92
C GLY C 127 -18.48 25.32 -25.02
N GLY C 128 -19.78 25.46 -24.77
CA GLY C 128 -20.77 25.27 -25.81
C GLY C 128 -20.85 26.44 -26.78
N HIS C 129 -21.50 26.23 -27.92
CA HIS C 129 -21.75 27.31 -28.84
C HIS C 129 -22.99 28.08 -28.47
N LEU C 130 -23.03 29.31 -29.00
CA LEU C 130 -24.16 30.19 -28.91
C LEU C 130 -25.45 29.52 -29.40
N THR C 131 -25.34 28.78 -30.51
CA THR C 131 -26.48 28.06 -31.12
C THR C 131 -26.87 26.75 -30.40
N HIS C 132 -26.31 26.48 -29.22
CA HIS C 132 -26.72 25.36 -28.40
C HIS C 132 -27.63 25.79 -27.29
N GLY C 133 -28.37 26.86 -27.48
CA GLY C 133 -29.38 27.31 -26.54
C GLY C 133 -28.95 28.41 -25.59
N PHE C 134 -27.88 29.13 -25.92
CA PHE C 134 -27.32 30.11 -25.01
C PHE C 134 -28.25 31.27 -24.70
N PHE C 135 -28.41 31.52 -23.40
CA PHE C 135 -29.08 32.71 -22.89
C PHE C 135 -28.47 33.17 -21.56
N ASP C 136 -28.87 34.36 -21.15
CA ASP C 136 -28.39 35.02 -19.94
C ASP C 136 -29.61 35.45 -19.12
N GLU C 137 -29.41 35.65 -17.82
CA GLU C 137 -30.44 36.25 -16.95
C GLU C 137 -31.06 37.50 -17.60
N LYS C 138 -30.19 38.33 -18.17
CA LYS C 138 -30.59 39.59 -18.82
C LYS C 138 -31.52 39.35 -20.03
N LYS C 139 -31.14 38.44 -20.94
CA LYS C 139 -31.96 38.18 -22.13
C LYS C 139 -31.62 36.88 -22.87
N LYS C 140 -32.53 36.50 -23.76
CA LYS C 140 -32.33 35.36 -24.68
C LYS C 140 -31.36 35.74 -25.81
N VAL C 141 -30.09 35.47 -25.58
CA VAL C 141 -28.99 35.97 -26.42
C VAL C 141 -28.98 35.30 -27.78
N SER C 142 -29.21 34.00 -27.81
CA SER C 142 -29.25 33.27 -29.05
C SER C 142 -30.69 33.00 -29.42
N ILE C 143 -30.98 33.01 -30.71
CA ILE C 143 -32.30 32.58 -31.18
C ILE C 143 -32.60 31.16 -30.71
N THR C 144 -31.57 30.32 -30.55
CA THR C 144 -31.77 28.96 -30.06
C THR C 144 -32.33 28.89 -28.65
N SER C 145 -32.23 29.94 -27.86
CA SER C 145 -32.88 30.01 -26.57
C SER C 145 -34.27 30.65 -26.58
N ASP C 146 -34.57 31.43 -27.62
CA ASP C 146 -35.82 32.22 -27.72
C ASP C 146 -36.90 31.54 -28.56
N MET C 147 -36.50 30.94 -29.68
CA MET C 147 -37.45 30.22 -30.52
C MET C 147 -37.63 28.78 -30.01
N PHE C 148 -36.66 28.29 -29.24
CA PHE C 148 -36.73 27.02 -28.54
C PHE C 148 -36.71 27.32 -27.03
N GLU C 149 -37.07 26.32 -26.22
CA GLU C 149 -36.91 26.44 -24.77
C GLU C 149 -35.67 25.63 -24.44
N SER C 150 -34.66 26.29 -23.87
CA SER C 150 -33.37 25.63 -23.64
C SER C 150 -32.96 25.51 -22.17
N LYS C 151 -32.22 24.44 -21.88
CA LYS C 151 -31.65 24.19 -20.59
C LYS C 151 -30.16 23.99 -20.86
N LEU C 152 -29.32 24.57 -20.03
CA LEU C 152 -27.88 24.53 -20.24
C LEU C 152 -27.14 23.74 -19.16
N TYR C 153 -26.41 22.69 -19.59
CA TYR C 153 -25.58 21.88 -18.70
C TYR C 153 -24.14 22.38 -18.66
N LYS C 154 -23.47 22.11 -17.53
CA LYS C 154 -22.11 22.58 -17.27
C LYS C 154 -21.11 21.44 -17.22
N CYS C 155 -19.84 21.81 -17.36
CA CYS C 155 -18.71 20.90 -17.13
C CYS C 155 -18.43 20.88 -15.64
N ASN C 156 -17.72 19.86 -15.18
CA ASN C 156 -17.34 19.75 -13.75
C ASN C 156 -16.18 20.67 -13.40
N SER C 157 -15.80 20.66 -12.13
CA SER C 157 -14.71 21.51 -11.61
C SER C 157 -13.34 21.30 -12.32
N GLN C 158 -13.08 20.10 -12.84
CA GLN C 158 -11.89 19.80 -13.64
C GLN C 158 -12.00 20.05 -15.15
N GLY C 159 -13.11 20.63 -15.63
CA GLY C 159 -13.30 20.90 -17.10
C GLY C 159 -13.86 19.77 -17.99
N TYR C 160 -14.43 18.75 -17.39
CA TYR C 160 -14.97 17.63 -18.17
C TYR C 160 -16.48 17.70 -18.18
N VAL C 161 -17.07 17.21 -19.26
CA VAL C 161 -18.51 17.00 -19.33
C VAL C 161 -18.93 16.03 -18.23
N ASP C 162 -19.89 16.44 -17.42
CA ASP C 162 -20.34 15.67 -16.28
C ASP C 162 -21.64 15.00 -16.65
N LEU C 163 -21.55 13.78 -17.17
CA LEU C 163 -22.71 13.05 -17.67
C LEU C 163 -23.79 12.83 -16.61
N ASP C 164 -23.41 12.63 -15.35
CA ASP C 164 -24.40 12.52 -14.26
C ASP C 164 -25.29 13.74 -14.17
N ALA C 165 -24.69 14.92 -14.21
CA ALA C 165 -25.44 16.18 -14.23
C ALA C 165 -26.33 16.30 -15.45
N VAL C 166 -25.86 15.79 -16.59
CA VAL C 166 -26.60 15.81 -17.87
C VAL C 166 -27.87 14.94 -17.79
N ARG C 167 -27.72 13.72 -17.27
CA ARG C 167 -28.83 12.81 -16.98
C ARG C 167 -29.82 13.44 -15.99
N GLU C 168 -29.32 13.98 -14.88
CA GLU C 168 -30.17 14.64 -13.89
C GLU C 168 -31.07 15.64 -14.59
N MET C 169 -30.46 16.48 -15.41
CA MET C 169 -31.15 17.55 -16.11
C MET C 169 -32.07 16.98 -17.21
N ALA C 170 -31.56 16.07 -18.02
CA ALA C 170 -32.38 15.44 -19.05
C ALA C 170 -33.69 14.85 -18.49
N LEU C 171 -33.62 14.17 -17.33
CA LEU C 171 -34.79 13.52 -16.72
C LEU C 171 -35.79 14.50 -16.10
N SER C 172 -35.32 15.61 -15.56
CA SER C 172 -36.21 16.68 -15.05
C SER C 172 -36.77 17.56 -16.17
N PHE C 173 -35.94 17.84 -17.17
CA PHE C 173 -36.31 18.74 -18.28
C PHE C 173 -37.09 18.05 -19.41
N LYS C 174 -36.73 16.82 -19.74
CA LYS C 174 -37.42 16.02 -20.76
C LYS C 174 -37.31 16.69 -22.15
N PRO C 175 -36.07 17.03 -22.58
CA PRO C 175 -35.96 17.66 -23.89
C PRO C 175 -36.16 16.72 -25.06
N LYS C 176 -36.49 17.27 -26.21
CA LYS C 176 -36.56 16.51 -27.45
C LYS C 176 -35.19 16.33 -28.10
N VAL C 177 -34.29 17.30 -27.89
CA VAL C 177 -32.91 17.21 -28.41
C VAL C 177 -31.89 17.51 -27.33
N ILE C 178 -30.81 16.74 -27.34
CA ILE C 178 -29.64 17.02 -26.50
C ILE C 178 -28.46 17.19 -27.42
N ILE C 179 -27.77 18.32 -27.27
CA ILE C 179 -26.64 18.66 -28.12
C ILE C 179 -25.31 18.37 -27.41
N CYS C 180 -24.39 17.73 -28.13
CA CYS C 180 -23.03 17.51 -27.66
C CYS C 180 -22.15 17.88 -28.83
N GLY C 181 -20.83 17.95 -28.58
CA GLY C 181 -19.88 18.59 -29.54
C GLY C 181 -19.80 20.11 -29.32
N TYR C 182 -18.57 20.65 -29.23
CA TYR C 182 -18.38 21.95 -28.57
C TYR C 182 -17.47 22.93 -29.29
N THR C 183 -17.41 24.16 -28.76
CA THR C 183 -16.61 25.19 -29.41
C THR C 183 -15.24 25.27 -28.78
N SER C 184 -15.13 25.00 -27.49
CA SER C 184 -13.83 24.95 -26.86
C SER C 184 -13.79 23.89 -25.80
N TYR C 185 -13.67 22.67 -26.23
CA TYR C 185 -13.57 21.54 -25.35
C TYR C 185 -12.32 20.79 -25.76
N PRO C 186 -11.36 20.66 -24.85
CA PRO C 186 -10.07 20.04 -25.19
C PRO C 186 -10.02 18.49 -25.23
N ARG C 187 -11.14 17.83 -24.94
CA ARG C 187 -11.19 16.37 -24.89
C ARG C 187 -12.25 15.78 -25.82
N ASP C 188 -12.13 14.48 -26.06
CA ASP C 188 -13.09 13.71 -26.85
C ASP C 188 -14.44 13.51 -26.09
N ILE C 189 -15.44 13.06 -26.81
CA ILE C 189 -16.79 12.91 -26.27
C ILE C 189 -17.20 11.42 -26.19
N ASP C 190 -17.91 11.09 -25.11
CA ASP C 190 -18.54 9.78 -24.99
C ASP C 190 -19.93 9.85 -25.60
N TYR C 191 -20.01 9.57 -26.91
CA TYR C 191 -21.27 9.69 -27.62
C TYR C 191 -22.21 8.59 -27.19
N GLN C 192 -21.66 7.39 -26.99
CA GLN C 192 -22.43 6.22 -26.51
C GLN C 192 -23.22 6.53 -25.25
N GLN C 193 -22.58 7.18 -24.30
CA GLN C 193 -23.26 7.61 -23.09
C GLN C 193 -24.30 8.70 -23.34
N PHE C 194 -24.06 9.60 -24.29
CA PHE C 194 -25.07 10.60 -24.63
C PHE C 194 -26.30 9.93 -25.24
N ARG C 195 -26.05 9.00 -26.17
CA ARG C 195 -27.08 8.13 -26.74
C ARG C 195 -27.92 7.42 -25.68
N GLN C 196 -27.25 6.80 -24.71
CA GLN C 196 -27.90 6.12 -23.58
C GLN C 196 -28.85 7.04 -22.82
N ILE C 197 -28.40 8.26 -22.53
CA ILE C 197 -29.25 9.26 -21.86
C ILE C 197 -30.43 9.72 -22.73
N CYS C 198 -30.18 9.87 -24.02
CA CYS C 198 -31.18 10.38 -24.93
C CYS C 198 -32.31 9.34 -25.08
N ASP C 199 -31.94 8.09 -25.35
CA ASP C 199 -32.86 6.91 -25.32
C ASP C 199 -33.72 6.85 -24.04
N GLU C 200 -33.11 7.18 -22.91
CA GLU C 200 -33.79 7.13 -21.62
C GLU C 200 -34.90 8.18 -21.45
N VAL C 201 -34.79 9.27 -22.20
CA VAL C 201 -35.78 10.35 -22.16
C VAL C 201 -36.52 10.54 -23.51
N ASN C 202 -36.18 9.71 -24.50
CA ASN C 202 -36.74 9.79 -25.86
C ASN C 202 -36.38 11.11 -26.57
N ALA C 203 -35.12 11.54 -26.38
CA ALA C 203 -34.58 12.73 -27.04
C ALA C 203 -33.72 12.35 -28.24
N TYR C 204 -33.58 13.28 -29.18
CA TYR C 204 -32.61 13.16 -30.26
C TYR C 204 -31.20 13.49 -29.75
N LEU C 205 -30.21 12.85 -30.37
CA LEU C 205 -28.79 13.14 -30.11
C LEU C 205 -28.24 13.96 -31.25
N PHE C 206 -27.83 15.19 -30.93
CA PHE C 206 -27.28 16.14 -31.87
C PHE C 206 -25.79 16.30 -31.56
N ALA C 207 -24.94 15.96 -32.53
CA ALA C 207 -23.49 16.17 -32.40
C ALA C 207 -22.98 17.31 -33.28
N ASP C 208 -22.53 18.40 -32.65
CA ASP C 208 -21.87 19.48 -33.38
C ASP C 208 -20.37 19.23 -33.36
N ILE C 209 -19.82 18.75 -34.45
CA ILE C 209 -18.41 18.39 -34.52
C ILE C 209 -17.53 19.35 -35.35
N SER C 210 -17.97 20.60 -35.50
CA SER C 210 -17.26 21.62 -36.30
C SER C 210 -15.77 21.79 -35.98
N HIS C 211 -15.46 21.73 -34.68
CA HIS C 211 -14.09 21.86 -34.24
C HIS C 211 -13.24 20.61 -34.51
N ILE C 212 -13.86 19.45 -34.38
CA ILE C 212 -13.14 18.19 -34.48
C ILE C 212 -13.50 17.37 -35.73
N SER C 213 -14.06 18.01 -36.75
CA SER C 213 -14.64 17.26 -37.87
C SER C 213 -13.65 16.31 -38.53
N SER C 214 -12.47 16.82 -38.83
CA SER C 214 -11.38 16.06 -39.43
C SER C 214 -10.97 14.83 -38.64
N PHE C 215 -11.09 14.91 -37.32
CA PHE C 215 -10.74 13.79 -36.47
C PHE C 215 -11.80 12.69 -36.60
N VAL C 216 -13.05 13.08 -36.74
CA VAL C 216 -14.12 12.12 -36.88
C VAL C 216 -14.00 11.40 -38.22
N ALA C 217 -13.74 12.18 -39.25
CA ALA C 217 -13.60 11.72 -40.63
C ALA C 217 -12.42 10.79 -40.89
N CYS C 218 -11.32 11.04 -40.19
CA CYS C 218 -10.11 10.25 -40.37
C CYS C 218 -9.96 9.13 -39.34
N ASN C 219 -10.98 8.91 -38.50
CA ASN C 219 -11.00 7.80 -37.51
C ASN C 219 -9.88 7.86 -36.47
N ILE C 220 -9.52 9.10 -36.12
CA ILE C 220 -8.58 9.39 -35.05
C ILE C 220 -9.34 9.51 -33.73
N LEU C 221 -10.51 10.15 -33.73
CA LEU C 221 -11.31 10.27 -32.51
C LEU C 221 -12.58 9.42 -32.60
N ASN C 222 -13.33 9.36 -31.51
CA ASN C 222 -14.65 8.70 -31.50
C ASN C 222 -15.58 9.18 -32.61
N ASN C 223 -16.39 8.24 -33.10
CA ASN C 223 -17.24 8.45 -34.25
C ASN C 223 -18.64 8.67 -33.74
N PRO C 224 -19.21 9.86 -33.96
CA PRO C 224 -20.55 10.10 -33.42
C PRO C 224 -21.65 9.54 -34.34
N PHE C 225 -21.28 9.17 -35.56
CA PHE C 225 -22.23 8.59 -36.52
C PHE C 225 -22.78 7.24 -36.05
N LEU C 226 -22.01 6.53 -35.21
CA LEU C 226 -22.45 5.27 -34.64
C LEU C 226 -23.63 5.47 -33.68
N HIS C 227 -23.75 6.64 -33.06
CA HIS C 227 -24.78 6.89 -32.05
C HIS C 227 -25.73 8.04 -32.32
N ALA C 228 -25.43 8.95 -33.26
CA ALA C 228 -26.21 10.20 -33.40
C ALA C 228 -27.29 10.21 -34.49
N ASP C 229 -28.38 10.89 -34.19
CA ASP C 229 -29.45 11.12 -35.18
C ASP C 229 -29.10 12.22 -36.16
N VAL C 230 -28.55 13.31 -35.63
CA VAL C 230 -28.10 14.43 -36.46
C VAL C 230 -26.66 14.77 -36.11
N VAL C 231 -25.84 14.99 -37.14
CA VAL C 231 -24.51 15.51 -36.95
C VAL C 231 -24.35 16.76 -37.80
N THR C 232 -23.96 17.89 -37.21
CA THR C 232 -23.60 19.12 -37.98
C THR C 232 -22.11 19.43 -37.92
N THR C 233 -21.64 20.12 -38.93
CA THR C 233 -20.27 20.58 -38.95
C THR C 233 -20.07 21.77 -39.90
N THR C 234 -19.20 22.68 -39.50
CA THR C 234 -18.72 23.69 -40.40
C THR C 234 -17.67 23.07 -41.29
N THR C 235 -17.39 23.73 -42.40
CA THR C 235 -16.34 23.30 -43.32
C THR C 235 -15.05 24.17 -43.23
N HIS C 236 -15.05 25.23 -42.39
CA HIS C 236 -13.96 26.24 -42.41
C HIS C 236 -12.90 26.11 -41.32
N LYS C 237 -13.09 25.20 -40.38
CA LYS C 237 -12.12 25.06 -39.33
C LYS C 237 -11.10 23.98 -39.70
N ILE C 238 -11.03 22.92 -38.90
CA ILE C 238 -10.04 21.85 -39.08
C ILE C 238 -10.22 21.15 -40.43
N LEU C 239 -11.45 21.12 -40.93
CA LEU C 239 -11.75 20.54 -42.26
C LEU C 239 -11.04 21.33 -43.37
N ARG C 240 -10.81 22.62 -43.13
CA ARG C 240 -9.98 23.45 -44.00
C ARG C 240 -10.67 23.85 -45.30
N GLY C 241 -12.00 23.84 -45.27
CA GLY C 241 -12.78 24.22 -46.44
C GLY C 241 -13.19 25.68 -46.43
N PRO C 242 -14.21 26.02 -47.24
CA PRO C 242 -14.76 27.36 -47.26
C PRO C 242 -15.65 27.54 -46.06
N ARG C 243 -16.22 28.73 -45.89
CA ARG C 243 -17.18 29.00 -44.81
C ARG C 243 -18.55 28.49 -45.22
N SER C 244 -18.94 27.37 -44.62
CA SER C 244 -20.20 26.72 -44.93
C SER C 244 -20.46 25.73 -43.86
N ALA C 245 -21.58 25.03 -43.96
CA ALA C 245 -21.92 23.99 -43.04
C ALA C 245 -22.59 22.80 -43.72
N LEU C 246 -22.50 21.66 -43.05
CA LEU C 246 -23.12 20.40 -43.45
C LEU C 246 -24.08 19.98 -42.35
N ILE C 247 -25.22 19.41 -42.75
CA ILE C 247 -26.12 18.75 -41.81
C ILE C 247 -26.26 17.26 -42.23
N PHE C 248 -25.86 16.36 -41.35
CA PHE C 248 -26.05 14.93 -41.51
C PHE C 248 -27.28 14.49 -40.68
N PHE C 249 -28.11 13.62 -41.27
CA PHE C 249 -29.26 13.02 -40.57
C PHE C 249 -29.22 11.52 -40.81
N ASN C 250 -29.53 10.76 -39.77
CA ASN C 250 -29.56 9.30 -39.81
C ASN C 250 -30.96 8.83 -40.26
N LYS C 251 -31.06 8.40 -41.51
CA LYS C 251 -32.36 8.02 -42.09
C LYS C 251 -32.90 6.75 -41.44
N LYS C 252 -32.03 5.74 -41.35
CA LYS C 252 -32.37 4.43 -40.77
C LYS C 252 -32.92 4.50 -39.37
N ARG C 253 -32.39 5.41 -38.57
CA ARG C 253 -32.83 5.55 -37.19
C ARG C 253 -34.14 6.35 -37.08
N ASN C 254 -34.36 7.30 -37.99
CA ASN C 254 -35.57 8.15 -37.97
C ASN C 254 -36.05 8.36 -39.40
N PRO C 255 -36.86 7.42 -39.94
CA PRO C 255 -37.45 7.70 -41.25
C PRO C 255 -38.33 8.96 -41.21
N GLY C 256 -38.41 9.63 -42.35
CA GLY C 256 -39.06 10.94 -42.42
C GLY C 256 -38.22 12.14 -41.96
N ILE C 257 -37.01 11.89 -41.47
CA ILE C 257 -36.09 12.95 -41.09
C ILE C 257 -35.52 13.69 -42.31
N GLU C 258 -35.33 13.00 -43.43
CA GLU C 258 -34.76 13.66 -44.62
C GLU C 258 -35.60 14.84 -45.10
N GLN C 259 -36.92 14.64 -45.12
CA GLN C 259 -37.86 15.71 -45.48
C GLN C 259 -37.82 16.87 -44.46
N LYS C 260 -37.83 16.54 -43.18
CA LYS C 260 -37.80 17.54 -42.09
C LYS C 260 -36.57 18.47 -42.14
N ILE C 261 -35.41 17.87 -42.37
CA ILE C 261 -34.16 18.61 -42.49
C ILE C 261 -34.09 19.42 -43.78
N ASN C 262 -34.42 18.79 -44.89
CA ASN C 262 -34.37 19.48 -46.16
C ASN C 262 -35.32 20.65 -46.28
N SER C 263 -36.51 20.53 -45.70
CA SER C 263 -37.50 21.61 -45.79
C SER C 263 -37.16 22.71 -44.78
N ALA C 264 -36.52 22.35 -43.66
CA ALA C 264 -35.98 23.33 -42.72
C ALA C 264 -34.95 24.28 -43.34
N VAL C 265 -33.99 23.74 -44.08
CA VAL C 265 -33.00 24.57 -44.75
C VAL C 265 -33.67 25.42 -45.82
N PHE C 266 -34.40 24.76 -46.72
CA PHE C 266 -35.23 25.49 -47.71
C PHE C 266 -36.61 24.85 -47.87
N PRO C 267 -37.70 25.60 -47.76
CA PRO C 267 -37.73 27.07 -47.71
C PRO C 267 -38.04 27.67 -46.35
N SER C 268 -38.00 26.91 -45.27
CA SER C 268 -38.20 27.51 -43.97
C SER C 268 -37.21 28.69 -43.72
N PHE C 269 -35.91 28.46 -43.88
CA PHE C 269 -34.87 29.41 -43.45
C PHE C 269 -34.09 30.09 -44.58
N GLN C 270 -33.59 29.33 -45.52
CA GLN C 270 -32.83 29.88 -46.63
C GLN C 270 -33.65 29.99 -47.91
N GLY C 271 -33.21 30.88 -48.80
CA GLY C 271 -33.68 30.91 -50.18
C GLY C 271 -32.62 30.21 -51.03
N GLY C 272 -32.08 30.93 -52.00
CA GLY C 272 -31.15 30.32 -52.91
C GLY C 272 -29.87 29.81 -52.28
N PRO C 273 -29.39 28.62 -52.69
CA PRO C 273 -28.09 28.16 -52.25
C PRO C 273 -26.95 28.97 -52.86
N HIS C 274 -25.83 28.99 -52.18
CA HIS C 274 -24.66 29.68 -52.69
C HIS C 274 -23.79 28.62 -53.35
N ASN C 275 -23.88 28.61 -54.68
CA ASN C 275 -23.30 27.53 -55.46
C ASN C 275 -21.78 27.50 -55.45
N ASN C 276 -21.15 28.67 -55.35
CA ASN C 276 -19.70 28.75 -55.18
C ASN C 276 -19.23 28.11 -53.86
N LYS C 277 -20.06 28.24 -52.81
CA LYS C 277 -19.78 27.60 -51.54
C LYS C 277 -19.80 26.09 -51.66
N ILE C 278 -20.82 25.60 -52.32
CA ILE C 278 -21.02 24.19 -52.56
C ILE C 278 -19.89 23.61 -53.42
N ALA C 279 -19.51 24.33 -54.49
CA ALA C 279 -18.34 23.96 -55.27
C ALA C 279 -17.08 23.85 -54.40
N ALA C 280 -16.85 24.86 -53.55
CA ALA C 280 -15.65 24.88 -52.73
C ALA C 280 -15.64 23.74 -51.71
N VAL C 281 -16.79 23.44 -51.12
CA VAL C 281 -16.92 22.32 -50.18
C VAL C 281 -16.64 21.00 -50.90
N ALA C 282 -17.16 20.83 -52.11
CA ALA C 282 -16.85 19.65 -52.92
C ALA C 282 -15.35 19.54 -53.15
N CYS C 283 -14.72 20.65 -53.47
CA CYS C 283 -13.29 20.67 -53.70
C CYS C 283 -12.46 20.18 -52.51
N GLN C 284 -12.91 20.57 -51.32
CA GLN C 284 -12.18 20.24 -50.12
C GLN C 284 -12.53 18.84 -49.63
N LEU C 285 -13.77 18.44 -49.80
CA LEU C 285 -14.17 17.10 -49.44
C LEU C 285 -13.36 16.01 -50.19
N LYS C 286 -13.00 16.26 -51.45
CA LYS C 286 -12.10 15.37 -52.15
C LYS C 286 -10.80 15.23 -51.39
N GLU C 287 -10.17 16.37 -51.09
CA GLU C 287 -8.94 16.39 -50.29
C GLU C 287 -9.11 15.75 -48.89
N VAL C 288 -10.24 16.00 -48.20
CA VAL C 288 -10.46 15.36 -46.91
C VAL C 288 -10.34 13.85 -47.01
N HIS C 289 -10.83 13.26 -48.10
CA HIS C 289 -10.82 11.79 -48.23
C HIS C 289 -9.47 11.17 -48.70
N SER C 290 -8.46 11.99 -48.96
CA SER C 290 -7.13 11.49 -49.31
C SER C 290 -6.35 11.00 -48.07
N PRO C 291 -5.31 10.15 -48.28
CA PRO C 291 -4.45 9.72 -47.16
C PRO C 291 -3.52 10.85 -46.63
N ALA C 292 -3.17 11.79 -47.51
CA ALA C 292 -2.41 13.00 -47.16
C ALA C 292 -3.13 13.90 -46.14
N PHE C 293 -4.46 14.03 -46.25
CA PHE C 293 -5.20 14.83 -45.29
C PHE C 293 -5.27 14.14 -43.92
N LYS C 294 -5.31 12.80 -43.92
CA LYS C 294 -5.21 12.06 -42.65
C LYS C 294 -3.86 12.30 -42.01
N GLU C 295 -2.82 12.39 -42.85
CA GLU C 295 -1.47 12.77 -42.40
C GLU C 295 -1.45 14.17 -41.75
N TYR C 296 -2.08 15.14 -42.41
CA TYR C 296 -2.20 16.48 -41.88
C TYR C 296 -2.95 16.51 -40.54
N THR C 297 -4.12 15.86 -40.51
CA THR C 297 -4.90 15.75 -39.27
C THR C 297 -4.09 15.11 -38.14
N GLN C 298 -3.30 14.07 -38.47
CA GLN C 298 -2.40 13.39 -37.50
C GLN C 298 -1.45 14.43 -36.93
N GLN C 299 -0.82 15.17 -37.83
CA GLN C 299 0.15 16.21 -37.47
C GLN C 299 -0.43 17.32 -36.58
N VAL C 300 -1.69 17.72 -36.84
CA VAL C 300 -2.43 18.66 -35.98
C VAL C 300 -2.45 18.12 -34.56
N LEU C 301 -2.76 16.84 -34.39
CA LEU C 301 -2.86 16.29 -33.04
C LEU C 301 -1.49 16.14 -32.38
N LEU C 302 -0.48 15.75 -33.15
CA LEU C 302 0.88 15.64 -32.63
C LEU C 302 1.33 16.99 -32.11
N ASN C 303 1.08 18.04 -32.91
CA ASN C 303 1.41 19.41 -32.56
C ASN C 303 0.72 19.92 -31.31
N SER C 304 -0.53 19.53 -31.15
CA SER C 304 -1.30 19.90 -29.96
C SER C 304 -0.80 19.25 -28.68
N LYS C 305 -0.40 17.97 -28.78
CA LYS C 305 0.17 17.22 -27.66
C LYS C 305 1.56 17.78 -27.29
N ALA C 306 2.35 18.08 -28.34
CA ALA C 306 3.67 18.66 -28.13
C ALA C 306 3.60 20.06 -27.54
N LEU C 307 2.62 20.86 -28.02
CA LEU C 307 2.41 22.20 -27.46
C LEU C 307 2.00 22.11 -25.99
N ALA C 308 1.05 21.21 -25.67
CA ALA C 308 0.58 21.02 -24.28
C ALA C 308 1.67 20.58 -23.29
N LYS C 309 2.48 19.63 -23.75
CA LYS C 309 3.55 19.08 -22.96
C LYS C 309 4.58 20.18 -22.68
N ALA C 310 4.88 20.99 -23.70
CA ALA C 310 5.86 22.07 -23.55
C ALA C 310 5.35 23.19 -22.61
N LEU C 311 4.07 23.48 -22.68
CA LEU C 311 3.45 24.48 -21.79
C LEU C 311 3.50 23.99 -20.36
N ILE C 312 3.17 22.72 -20.17
CA ILE C 312 3.29 22.08 -18.86
C ILE C 312 4.74 22.08 -18.35
N SER C 313 5.69 21.78 -19.21
CA SER C 313 7.12 21.84 -18.83
C SER C 313 7.58 23.24 -18.38
N LYS C 314 6.98 24.27 -18.99
CA LYS C 314 7.14 25.68 -18.55
C LYS C 314 6.23 26.08 -17.41
N GLN C 315 5.64 25.13 -16.69
CA GLN C 315 4.82 25.37 -15.49
C GLN C 315 3.54 26.13 -15.78
N ILE C 316 2.93 25.88 -16.95
CA ILE C 316 1.66 26.50 -17.32
C ILE C 316 0.56 25.42 -17.22
N ASP C 317 -0.52 25.77 -16.52
CA ASP C 317 -1.65 24.88 -16.24
C ASP C 317 -2.67 24.86 -17.40
N LEU C 318 -3.17 23.65 -17.70
CA LEU C 318 -4.12 23.43 -18.76
C LEU C 318 -5.43 22.84 -18.21
N VAL C 319 -6.58 23.35 -18.67
CA VAL C 319 -7.89 22.82 -18.25
C VAL C 319 -7.97 21.37 -18.75
N THR C 320 -8.34 20.47 -17.82
CA THR C 320 -8.24 19.00 -17.97
C THR C 320 -6.82 18.47 -18.00
N ASN C 321 -5.83 19.33 -17.72
CA ASN C 321 -4.40 18.94 -17.74
C ASN C 321 -3.83 18.32 -19.03
N GLY C 322 -4.43 18.66 -20.16
CA GLY C 322 -4.05 18.10 -21.47
C GLY C 322 -5.11 18.26 -22.57
N THR C 323 -4.87 17.57 -23.67
CA THR C 323 -5.74 17.64 -24.81
C THR C 323 -5.83 16.26 -25.50
N ASP C 324 -7.01 15.91 -25.99
CA ASP C 324 -7.20 14.77 -26.89
C ASP C 324 -7.33 15.24 -28.32
N ASN C 325 -7.45 16.55 -28.52
CA ASN C 325 -7.66 17.06 -29.85
C ASN C 325 -6.68 18.18 -30.22
N HIS C 326 -7.14 19.03 -31.13
CA HIS C 326 -6.45 20.19 -31.68
C HIS C 326 -6.41 21.47 -30.80
N LEU C 327 -7.04 21.46 -29.64
CA LEU C 327 -7.17 22.68 -28.86
C LEU C 327 -6.84 22.53 -27.37
N ILE C 328 -6.33 23.63 -26.82
CA ILE C 328 -5.82 23.67 -25.48
C ILE C 328 -6.43 24.89 -24.88
N VAL C 329 -6.77 24.81 -23.60
CA VAL C 329 -7.18 25.99 -22.85
C VAL C 329 -6.22 26.17 -21.71
N VAL C 330 -5.58 27.33 -21.66
CA VAL C 330 -4.65 27.65 -20.60
C VAL C 330 -5.39 28.26 -19.42
N ASP C 331 -5.17 27.68 -18.23
CA ASP C 331 -5.66 28.21 -16.95
C ASP C 331 -4.65 29.22 -16.46
N LEU C 332 -5.01 30.50 -16.44
CA LEU C 332 -4.06 31.56 -16.09
C LEU C 332 -4.05 31.99 -14.62
N ARG C 333 -4.88 31.35 -13.77
CA ARG C 333 -5.06 31.82 -12.39
C ARG C 333 -3.81 31.98 -11.53
N LYS C 334 -2.82 31.11 -11.70
CA LYS C 334 -1.57 31.21 -10.94
C LYS C 334 -0.71 32.44 -11.26
N PHE C 335 -0.91 33.02 -12.44
CA PHE C 335 -0.18 34.21 -12.85
C PHE C 335 -0.98 35.47 -12.52
N SER C 336 -2.19 35.30 -11.99
CA SER C 336 -3.01 36.43 -11.52
C SER C 336 -3.33 37.46 -12.63
N ILE C 337 -3.43 36.99 -13.86
CA ILE C 337 -3.77 37.82 -15.02
C ILE C 337 -5.01 37.22 -15.67
N THR C 338 -5.79 38.03 -16.39
CA THR C 338 -6.96 37.55 -17.12
C THR C 338 -6.57 37.14 -18.53
N GLY C 339 -7.46 36.41 -19.19
CA GLY C 339 -7.35 36.15 -20.62
C GLY C 339 -7.37 37.40 -21.51
N SER C 340 -8.17 38.41 -21.15
CA SER C 340 -8.24 39.67 -21.94
C SER C 340 -6.88 40.31 -22.01
N LYS C 341 -6.26 40.43 -20.85
CA LYS C 341 -4.88 40.90 -20.71
C LYS C 341 -3.93 40.15 -21.68
N LEU C 342 -3.91 38.82 -21.58
CA LEU C 342 -3.02 38.01 -22.41
C LEU C 342 -3.36 38.10 -23.91
N GLN C 343 -4.64 38.18 -24.25
CA GLN C 343 -5.06 38.43 -25.64
C GLN C 343 -4.51 39.76 -26.13
N GLU C 344 -4.73 40.80 -25.35
CA GLU C 344 -4.20 42.13 -25.68
C GLU C 344 -2.68 42.11 -25.90
N THR C 345 -1.95 41.42 -25.03
CA THR C 345 -0.49 41.29 -25.14
C THR C 345 -0.07 40.46 -26.35
N CYS C 346 -0.83 39.41 -26.64
CA CYS C 346 -0.54 38.55 -27.80
C CYS C 346 -0.88 39.25 -29.11
N ASN C 347 -1.93 40.08 -29.11
CA ASN C 347 -2.20 41.00 -30.24
C ASN C 347 -1.01 41.89 -30.58
N ALA C 348 -0.36 42.42 -29.54
CA ALA C 348 0.81 43.28 -29.74
C ALA C 348 2.05 42.56 -30.32
N ILE C 349 2.10 41.23 -30.22
CA ILE C 349 3.27 40.47 -30.70
C ILE C 349 2.96 39.60 -31.88
N ASN C 350 1.84 39.91 -32.55
CA ASN C 350 1.36 39.19 -33.75
C ASN C 350 1.11 37.67 -33.49
N VAL C 351 0.47 37.39 -32.35
CA VAL C 351 0.05 36.04 -31.98
C VAL C 351 -1.47 36.09 -31.78
N SER C 352 -2.20 35.28 -32.55
CA SER C 352 -3.65 35.25 -32.43
C SER C 352 -4.11 34.15 -31.51
N LEU C 353 -4.74 34.55 -30.42
CA LEU C 353 -5.45 33.65 -29.55
C LEU C 353 -6.67 34.39 -29.00
N ASN C 354 -7.50 33.69 -28.23
CA ASN C 354 -8.68 34.30 -27.67
C ASN C 354 -8.84 33.87 -26.26
N LYS C 355 -9.43 34.76 -25.47
CA LYS C 355 -9.77 34.46 -24.09
C LYS C 355 -10.91 33.47 -24.02
N ASN C 356 -10.92 32.72 -22.94
CA ASN C 356 -11.82 31.62 -22.77
C ASN C 356 -12.04 31.45 -21.29
N THR C 357 -13.25 31.08 -20.94
CA THR C 357 -13.58 30.80 -19.54
C THR C 357 -12.94 29.49 -19.09
N ILE C 358 -12.73 29.39 -17.78
CA ILE C 358 -12.26 28.13 -17.14
C ILE C 358 -13.37 27.72 -16.19
N PRO C 359 -13.39 26.45 -15.76
CA PRO C 359 -14.50 25.97 -14.90
C PRO C 359 -14.82 26.84 -13.69
N SER C 360 -13.80 27.40 -13.04
CA SER C 360 -14.01 28.25 -11.86
C SER C 360 -14.71 29.58 -12.18
N ASP C 361 -14.60 30.06 -13.42
CA ASP C 361 -15.30 31.30 -13.83
C ASP C 361 -16.80 31.07 -13.82
N VAL C 362 -17.46 31.70 -12.86
CA VAL C 362 -18.91 31.60 -12.72
C VAL C 362 -19.59 32.32 -13.90
N ASP C 363 -19.02 33.46 -14.33
CA ASP C 363 -19.54 34.27 -15.43
C ASP C 363 -18.58 34.31 -16.63
N CYS C 364 -19.11 34.67 -17.79
CA CYS C 364 -18.30 35.02 -18.98
C CYS C 364 -17.75 36.49 -18.97
N VAL C 365 -17.76 37.16 -17.81
CA VAL C 365 -17.41 38.60 -17.74
C VAL C 365 -15.89 38.81 -17.66
N SER C 366 -15.23 38.00 -16.83
CA SER C 366 -13.78 38.04 -16.67
C SER C 366 -13.15 36.64 -16.86
N PRO C 367 -13.04 36.18 -18.13
CA PRO C 367 -12.52 34.82 -18.34
C PRO C 367 -11.04 34.70 -17.94
N SER C 368 -10.72 33.62 -17.21
CA SER C 368 -9.43 33.43 -16.61
C SER C 368 -8.53 32.52 -17.42
N GLY C 369 -8.85 32.31 -18.70
CA GLY C 369 -7.98 31.53 -19.58
C GLY C 369 -7.92 32.06 -20.99
N VAL C 370 -7.18 31.33 -21.82
CA VAL C 370 -7.10 31.59 -23.25
C VAL C 370 -7.19 30.26 -23.99
N ARG C 371 -7.65 30.30 -25.23
CA ARG C 371 -7.76 29.13 -26.02
C ARG C 371 -6.84 29.23 -27.22
N ILE C 372 -6.14 28.12 -27.49
CA ILE C 372 -5.22 28.00 -28.60
C ILE C 372 -5.48 26.67 -29.35
N GLY C 373 -5.12 26.63 -30.62
CA GLY C 373 -5.30 25.44 -31.41
C GLY C 373 -4.22 25.37 -32.43
N THR C 374 -3.98 24.18 -32.94
CA THR C 374 -2.90 23.96 -33.91
C THR C 374 -3.21 23.85 -35.39
N PRO C 375 -4.50 23.83 -35.80
CA PRO C 375 -4.72 23.59 -37.23
C PRO C 375 -4.06 24.55 -38.17
N ALA C 376 -4.13 25.84 -37.87
CA ALA C 376 -3.63 26.84 -38.80
C ALA C 376 -2.09 26.76 -38.97
N MET C 377 -1.37 26.64 -37.86
CA MET C 377 0.10 26.48 -37.88
C MET C 377 0.57 25.14 -38.47
N THR C 378 -0.20 24.08 -38.25
CA THR C 378 0.05 22.81 -38.90
C THR C 378 -0.11 22.95 -40.41
N THR C 379 -1.08 23.77 -40.84
CA THR C 379 -1.23 24.03 -42.26
C THR C 379 -0.01 24.79 -42.81
N ARG C 380 0.54 25.68 -42.00
CA ARG C 380 1.74 26.41 -42.40
C ARG C 380 3.07 25.64 -42.18
N GLY C 381 2.99 24.34 -41.93
CA GLY C 381 4.17 23.47 -41.94
C GLY C 381 4.90 23.23 -40.62
N ALA C 382 4.41 23.80 -39.51
CA ALA C 382 5.03 23.62 -38.20
C ALA C 382 4.91 22.17 -37.75
N LYS C 383 5.95 21.69 -37.11
CA LYS C 383 6.00 20.33 -36.63
C LYS C 383 6.16 20.36 -35.11
N GLU C 384 6.34 19.19 -34.50
CA GLU C 384 6.41 19.09 -33.05
C GLU C 384 7.54 19.92 -32.46
N LYS C 385 8.70 19.85 -33.11
CA LYS C 385 9.90 20.65 -32.71
C LYS C 385 9.64 22.18 -32.69
N ASP C 386 8.73 22.63 -33.56
CA ASP C 386 8.34 24.05 -33.64
C ASP C 386 7.37 24.50 -32.53
N MET C 387 6.80 23.55 -31.81
CA MET C 387 5.87 23.83 -30.73
C MET C 387 6.54 24.35 -29.48
N GLU C 388 7.83 24.07 -29.30
CA GLU C 388 8.55 24.61 -28.13
C GLU C 388 8.68 26.12 -28.21
N PHE C 389 8.96 26.59 -29.42
CA PHE C 389 9.12 28.01 -29.68
C PHE C 389 7.82 28.76 -29.44
N ILE C 390 6.70 28.17 -29.84
CA ILE C 390 5.40 28.78 -29.59
C ILE C 390 5.10 28.83 -28.09
N ALA C 391 5.43 27.76 -27.38
CA ALA C 391 5.22 27.70 -25.93
C ALA C 391 6.08 28.74 -25.24
N ASP C 392 7.34 28.80 -25.67
CA ASP C 392 8.28 29.81 -25.22
C ASP C 392 7.77 31.24 -25.47
N VAL C 393 7.33 31.51 -26.69
CA VAL C 393 6.72 32.81 -27.03
C VAL C 393 5.53 33.15 -26.13
N LEU C 394 4.68 32.16 -25.87
CA LEU C 394 3.52 32.35 -24.96
C LEU C 394 3.93 32.55 -23.51
N ALA C 395 4.95 31.83 -23.04
CA ALA C 395 5.49 32.04 -21.66
C ALA C 395 6.10 33.45 -21.50
N ARG C 396 6.89 33.87 -22.49
CA ARG C 396 7.38 35.25 -22.54
C ARG C 396 6.24 36.26 -22.57
N ALA C 397 5.14 35.96 -23.26
CA ALA C 397 4.00 36.87 -23.29
C ALA C 397 3.33 36.96 -21.94
N ILE C 398 3.14 35.81 -21.31
CA ILE C 398 2.54 35.74 -19.96
C ILE C 398 3.38 36.52 -18.97
N LYS C 399 4.70 36.35 -19.03
CA LYS C 399 5.57 37.08 -18.13
C LYS C 399 5.45 38.61 -18.31
N ILE C 400 5.51 39.05 -19.58
CA ILE C 400 5.39 40.48 -19.91
C ILE C 400 4.06 41.03 -19.41
N THR C 401 3.01 40.23 -19.58
CA THR C 401 1.69 40.60 -19.16
C THR C 401 1.66 40.83 -17.66
N VAL C 402 2.34 39.96 -16.90
CA VAL C 402 2.39 40.09 -15.45
C VAL C 402 3.17 41.36 -15.09
N ASP C 403 4.31 41.57 -15.78
CA ASP C 403 5.16 42.77 -15.58
C ASP C 403 4.42 44.07 -15.85
N LEU C 404 3.72 44.13 -16.98
CA LEU C 404 2.90 45.30 -17.32
C LEU C 404 1.76 45.51 -16.34
N GLN C 405 1.18 44.44 -15.84
CA GLN C 405 0.15 44.55 -14.84
C GLN C 405 0.69 45.12 -13.52
N GLU C 406 1.88 44.68 -13.13
CA GLU C 406 2.57 45.24 -11.95
C GLU C 406 2.78 46.74 -12.10
N GLN C 407 3.29 47.15 -13.27
CA GLN C 407 3.66 48.55 -13.53
C GLN C 407 2.47 49.48 -13.76
N TYR C 408 1.42 49.00 -14.43
CA TYR C 408 0.27 49.85 -14.75
C TYR C 408 -1.05 49.50 -14.04
N GLY C 409 -1.12 48.38 -13.33
CA GLY C 409 -2.33 48.01 -12.57
C GLY C 409 -3.30 47.03 -13.25
N LYS C 410 -4.27 46.55 -12.46
CA LYS C 410 -5.23 45.50 -12.84
C LYS C 410 -6.35 45.94 -13.80
N LYS C 411 -6.77 47.20 -13.71
CA LYS C 411 -7.78 47.76 -14.63
C LYS C 411 -7.31 47.66 -16.09
N LEU C 412 -8.16 47.11 -16.96
CA LEU C 412 -7.79 46.86 -18.36
C LEU C 412 -7.39 48.13 -19.14
N VAL C 413 -8.11 49.23 -18.90
CA VAL C 413 -7.80 50.55 -19.51
C VAL C 413 -6.35 50.99 -19.19
N ASP C 414 -5.99 50.92 -17.91
CA ASP C 414 -4.65 51.26 -17.46
C ASP C 414 -3.61 50.31 -18.13
N PHE C 415 -3.86 48.99 -18.04
CA PHE C 415 -2.99 47.97 -18.59
C PHE C 415 -2.63 48.21 -20.05
N LYS C 416 -3.61 48.56 -20.88
CA LYS C 416 -3.38 48.80 -22.32
C LYS C 416 -2.37 49.92 -22.54
N LYS C 417 -2.44 50.95 -21.70
CA LYS C 417 -1.55 52.11 -21.79
C LYS C 417 -0.08 51.71 -21.81
N GLY C 418 0.23 50.63 -21.08
CA GLY C 418 1.58 50.06 -21.07
C GLY C 418 2.07 49.35 -22.32
N LEU C 419 1.18 49.02 -23.25
CA LEU C 419 1.52 48.17 -24.41
C LEU C 419 2.29 48.82 -25.57
N PRO C 420 1.87 50.02 -26.02
CA PRO C 420 2.56 50.54 -27.21
C PRO C 420 3.98 51.05 -26.90
N GLY C 421 4.89 50.84 -27.84
CA GLY C 421 6.29 51.21 -27.67
C GLY C 421 7.13 50.34 -26.75
N ASN C 422 6.50 49.40 -26.02
CA ASN C 422 7.21 48.56 -25.05
C ASN C 422 8.31 47.80 -25.76
N ALA C 423 9.55 48.04 -25.32
CA ALA C 423 10.75 47.49 -25.97
C ALA C 423 10.68 45.99 -26.14
N GLN C 424 10.24 45.28 -25.10
CA GLN C 424 10.18 43.80 -25.15
C GLN C 424 9.21 43.26 -26.19
N LEU C 425 8.02 43.86 -26.25
CA LEU C 425 7.01 43.45 -27.20
C LEU C 425 7.48 43.66 -28.61
N GLN C 426 8.03 44.84 -28.90
CA GLN C 426 8.56 45.13 -30.24
C GLN C 426 9.58 44.07 -30.62
N GLN C 427 10.44 43.73 -29.67
CA GLN C 427 11.43 42.64 -29.80
C GLN C 427 10.76 41.29 -30.11
N LEU C 428 9.76 40.92 -29.31
CA LEU C 428 9.09 39.62 -29.43
C LEU C 428 8.31 39.52 -30.74
N LYS C 429 7.57 40.57 -31.07
CA LYS C 429 6.94 40.71 -32.38
C LYS C 429 7.89 40.45 -33.58
N GLN C 430 9.10 40.99 -33.48
CA GLN C 430 10.07 40.88 -34.57
C GLN C 430 10.42 39.43 -34.85
N GLU C 431 10.60 38.64 -33.80
CA GLU C 431 10.95 37.20 -33.95
C GLU C 431 9.72 36.43 -34.44
N VAL C 432 8.53 36.78 -33.92
CA VAL C 432 7.28 36.20 -34.38
C VAL C 432 7.11 36.44 -35.88
N VAL C 433 7.27 37.70 -36.31
CA VAL C 433 7.16 38.08 -37.72
C VAL C 433 8.24 37.39 -38.56
N THR C 434 9.47 37.28 -38.04
CA THR C 434 10.58 36.64 -38.79
C THR C 434 10.31 35.17 -38.95
N TRP C 435 9.87 34.51 -37.88
CA TRP C 435 9.61 33.06 -37.93
C TRP C 435 8.37 32.72 -38.74
N ALA C 436 7.27 33.45 -38.46
CA ALA C 436 5.95 33.29 -39.14
C ALA C 436 5.98 33.57 -40.63
N GLY C 437 6.55 34.73 -40.97
CA GLY C 437 6.68 35.19 -42.37
C GLY C 437 7.37 34.22 -43.29
N ALA C 438 8.26 33.38 -42.73
CA ALA C 438 9.05 32.40 -43.47
C ALA C 438 8.28 31.15 -43.89
N LEU C 439 7.27 30.78 -43.10
CA LEU C 439 6.58 29.50 -43.25
C LEU C 439 5.73 29.43 -44.52
N PRO C 440 5.53 28.21 -45.08
CA PRO C 440 4.66 28.10 -46.24
C PRO C 440 3.24 28.65 -46.00
N PHE C 441 2.70 29.27 -47.04
CA PHE C 441 1.46 30.04 -46.95
C PHE C 441 0.64 29.75 -48.20
N PRO C 442 -0.47 29.01 -48.08
CA PRO C 442 -1.28 28.80 -49.27
C PRO C 442 -1.93 30.10 -49.69
#